data_8J68
# 
_entry.id   8J68 
# 
_audit_conform.dict_name       mmcif_pdbx.dic 
_audit_conform.dict_version    5.399 
_audit_conform.dict_location   http://mmcif.pdb.org/dictionaries/ascii/mmcif_pdbx.dic 
# 
loop_
_database_2.database_id 
_database_2.database_code 
_database_2.pdbx_database_accession 
_database_2.pdbx_DOI 
PDB   8J68         pdb_00008j68 10.2210/pdb8j68/pdb 
WWPDB D_1300036114 ?            ?                   
# 
loop_
_pdbx_audit_revision_history.ordinal 
_pdbx_audit_revision_history.data_content_type 
_pdbx_audit_revision_history.major_revision 
_pdbx_audit_revision_history.minor_revision 
_pdbx_audit_revision_history.revision_date 
1 'Structure model' 1 0 2024-05-01 
2 'Structure model' 1 1 2024-10-23 
3 'Structure model' 1 2 2024-12-18 
# 
_pdbx_audit_revision_details.ordinal             1 
_pdbx_audit_revision_details.revision_ordinal    1 
_pdbx_audit_revision_details.data_content_type   'Structure model' 
_pdbx_audit_revision_details.provider            repository 
_pdbx_audit_revision_details.type                'Initial release' 
_pdbx_audit_revision_details.description         ? 
_pdbx_audit_revision_details.details             ? 
# 
loop_
_pdbx_audit_revision_group.ordinal 
_pdbx_audit_revision_group.revision_ordinal 
_pdbx_audit_revision_group.data_content_type 
_pdbx_audit_revision_group.group 
1 2 'Structure model' 'Database references' 
2 2 'Structure model' 'Structure summary'   
3 3 'Structure model' 'Database references' 
# 
loop_
_pdbx_audit_revision_category.ordinal 
_pdbx_audit_revision_category.revision_ordinal 
_pdbx_audit_revision_category.data_content_type 
_pdbx_audit_revision_category.category 
1 2 'Structure model' citation                  
2 2 'Structure model' citation_author           
3 2 'Structure model' pdbx_entry_details        
4 2 'Structure model' pdbx_modification_feature 
5 3 'Structure model' citation                  
6 3 'Structure model' citation_author           
# 
loop_
_pdbx_audit_revision_item.ordinal 
_pdbx_audit_revision_item.revision_ordinal 
_pdbx_audit_revision_item.data_content_type 
_pdbx_audit_revision_item.item 
1  2 'Structure model' '_citation.country'                            
2  2 'Structure model' '_citation.journal_abbrev'                     
3  2 'Structure model' '_citation.journal_id_CSD'                     
4  2 'Structure model' '_citation.journal_id_ISSN'                    
5  2 'Structure model' '_citation.pdbx_database_id_DOI'               
6  2 'Structure model' '_citation.pdbx_database_id_PubMed'            
7  2 'Structure model' '_citation.title'                              
8  2 'Structure model' '_citation.year'                               
9  2 'Structure model' '_pdbx_entry_details.has_protein_modification' 
10 3 'Structure model' '_citation.journal_volume'                     
11 3 'Structure model' '_citation.page_first'                         
12 3 'Structure model' '_citation.page_last'                          
13 3 'Structure model' '_citation_author.identifier_ORCID'            
# 
_pdbx_database_status.status_code                     REL 
_pdbx_database_status.status_code_sf                  REL 
_pdbx_database_status.status_code_mr                  ? 
_pdbx_database_status.entry_id                        8J68 
_pdbx_database_status.recvd_initial_deposition_date   2023-04-25 
_pdbx_database_status.SG_entry                        N 
_pdbx_database_status.deposit_site                    PDBJ 
_pdbx_database_status.process_site                    PDBJ 
_pdbx_database_status.status_code_cs                  ? 
_pdbx_database_status.status_code_nmr_data            ? 
_pdbx_database_status.methods_development_category    ? 
_pdbx_database_status.pdb_format_compatible           Y 
# 
_pdbx_contact_author.id                 2 
_pdbx_contact_author.email              sgourinath@mail.jnu.ac.in 
_pdbx_contact_author.name_first         Samudrala 
_pdbx_contact_author.name_last          Gourinath 
_pdbx_contact_author.name_mi            ? 
_pdbx_contact_author.role               'principal investigator/group leader' 
_pdbx_contact_author.identifier_ORCID   0000-0003-4090-3063 
# 
loop_
_audit_author.name 
_audit_author.pdbx_ordinal 
_audit_author.identifier_ORCID 
'Gautam, A.K.'  1 0000-0002-3784-3808 
'Sharma, S.'    2 ?                   
'Gourinath, S.' 3 0000-0003-4090-3063 
'Kateriya, S.'  4 ?                   
# 
_citation.abstract                  ? 
_citation.abstract_id_CAS           ? 
_citation.book_id_ISBN              ? 
_citation.book_publisher            ? 
_citation.book_publisher_city       ? 
_citation.book_title                ? 
_citation.coordinate_linkage        ? 
_citation.country                   UK 
_citation.database_id_Medline       ? 
_citation.details                   ? 
_citation.id                        primary 
_citation.journal_abbrev            'Febs J.' 
_citation.journal_id_ASTM           ? 
_citation.journal_id_CSD            ? 
_citation.journal_id_ISSN           1742-464X 
_citation.journal_full              ? 
_citation.journal_issue             ? 
_citation.journal_volume            291 
_citation.language                  ? 
_citation.page_first                5156 
_citation.page_last                 5176 
_citation.title                     
;Unusual photodynamic characteristics of the light-oxygen-voltage domain of phototropin linked to terrestrial adaptation of Klebsormidium nitens.
;
_citation.year                      2024 
_citation.database_id_CSD           ? 
_citation.pdbx_database_id_DOI      10.1111/febs.17284 
_citation.pdbx_database_id_PubMed   39344087 
_citation.pdbx_database_id_patent   ? 
_citation.unpublished_flag          ? 
# 
loop_
_citation_author.citation_id 
_citation_author.name 
_citation_author.ordinal 
_citation_author.identifier_ORCID 
primary 'Sharma, S.'    1 ? 
primary 'Gautam, A.K.'  2 ? 
primary 'Singh, R.'     3 ? 
primary 'Gourinath, S.' 4 ? 
primary 'Kateriya, S.'  5 ? 
# 
loop_
_entity.id 
_entity.type 
_entity.src_method 
_entity.pdbx_description 
_entity.formula_weight 
_entity.pdbx_number_of_molecules 
_entity.pdbx_ec 
_entity.pdbx_mutation 
_entity.pdbx_fragment 
_entity.details 
1 polymer     man Phototropin             16982.305 1   ? R60K ? ? 
2 non-polymer syn 'FLAVIN MONONUCLEOTIDE' 456.344   1   ? ?    ? ? 
3 water       nat water                   18.015    103 ? ?    ? ? 
# 
_entity_poly.entity_id                      1 
_entity_poly.type                           'polypeptide(L)' 
_entity_poly.nstd_linkage                   no 
_entity_poly.nstd_monomer                   no 
_entity_poly.pdbx_seq_one_letter_code       
;MASMTGGQQMGRGSKDALSTFKHTFVVADATKDMAIMYASAGFYEMTQYGPEDVIGKNCKFLQGPGTDTEEVARIRRAIK
NGESHCGRLLNYKKDGTPFWNLLTLAPIKNEQGAVVKFIGMQVEVTQFTEGELEKAMRPNGLSTSLEHHHHHH
;
_entity_poly.pdbx_seq_one_letter_code_can   
;MASMTGGQQMGRGSKDALSTFKHTFVVADATKDMAIMYASAGFYEMTQYGPEDVIGKNCKFLQGPGTDTEEVARIRRAIK
NGESHCGRLLNYKKDGTPFWNLLTLAPIKNEQGAVVKFIGMQVEVTQFTEGELEKAMRPNGLSTSLEHHHHHH
;
_entity_poly.pdbx_strand_id                 A 
_entity_poly.pdbx_target_identifier         ? 
# 
loop_
_pdbx_entity_nonpoly.entity_id 
_pdbx_entity_nonpoly.name 
_pdbx_entity_nonpoly.comp_id 
2 'FLAVIN MONONUCLEOTIDE' FMN 
3 water                   HOH 
# 
loop_
_entity_poly_seq.entity_id 
_entity_poly_seq.num 
_entity_poly_seq.mon_id 
_entity_poly_seq.hetero 
1 1   MET n 
1 2   ALA n 
1 3   SER n 
1 4   MET n 
1 5   THR n 
1 6   GLY n 
1 7   GLY n 
1 8   GLN n 
1 9   GLN n 
1 10  MET n 
1 11  GLY n 
1 12  ARG n 
1 13  GLY n 
1 14  SER n 
1 15  LYS n 
1 16  ASP n 
1 17  ALA n 
1 18  LEU n 
1 19  SER n 
1 20  THR n 
1 21  PHE n 
1 22  LYS n 
1 23  HIS n 
1 24  THR n 
1 25  PHE n 
1 26  VAL n 
1 27  VAL n 
1 28  ALA n 
1 29  ASP n 
1 30  ALA n 
1 31  THR n 
1 32  LYS n 
1 33  ASP n 
1 34  MET n 
1 35  ALA n 
1 36  ILE n 
1 37  MET n 
1 38  TYR n 
1 39  ALA n 
1 40  SER n 
1 41  ALA n 
1 42  GLY n 
1 43  PHE n 
1 44  TYR n 
1 45  GLU n 
1 46  MET n 
1 47  THR n 
1 48  GLN n 
1 49  TYR n 
1 50  GLY n 
1 51  PRO n 
1 52  GLU n 
1 53  ASP n 
1 54  VAL n 
1 55  ILE n 
1 56  GLY n 
1 57  LYS n 
1 58  ASN n 
1 59  CYS n 
1 60  LYS n 
1 61  PHE n 
1 62  LEU n 
1 63  GLN n 
1 64  GLY n 
1 65  PRO n 
1 66  GLY n 
1 67  THR n 
1 68  ASP n 
1 69  THR n 
1 70  GLU n 
1 71  GLU n 
1 72  VAL n 
1 73  ALA n 
1 74  ARG n 
1 75  ILE n 
1 76  ARG n 
1 77  ARG n 
1 78  ALA n 
1 79  ILE n 
1 80  LYS n 
1 81  ASN n 
1 82  GLY n 
1 83  GLU n 
1 84  SER n 
1 85  HIS n 
1 86  CYS n 
1 87  GLY n 
1 88  ARG n 
1 89  LEU n 
1 90  LEU n 
1 91  ASN n 
1 92  TYR n 
1 93  LYS n 
1 94  LYS n 
1 95  ASP n 
1 96  GLY n 
1 97  THR n 
1 98  PRO n 
1 99  PHE n 
1 100 TRP n 
1 101 ASN n 
1 102 LEU n 
1 103 LEU n 
1 104 THR n 
1 105 LEU n 
1 106 ALA n 
1 107 PRO n 
1 108 ILE n 
1 109 LYS n 
1 110 ASN n 
1 111 GLU n 
1 112 GLN n 
1 113 GLY n 
1 114 ALA n 
1 115 VAL n 
1 116 VAL n 
1 117 LYS n 
1 118 PHE n 
1 119 ILE n 
1 120 GLY n 
1 121 MET n 
1 122 GLN n 
1 123 VAL n 
1 124 GLU n 
1 125 VAL n 
1 126 THR n 
1 127 GLN n 
1 128 PHE n 
1 129 THR n 
1 130 GLU n 
1 131 GLY n 
1 132 GLU n 
1 133 LEU n 
1 134 GLU n 
1 135 LYS n 
1 136 ALA n 
1 137 MET n 
1 138 ARG n 
1 139 PRO n 
1 140 ASN n 
1 141 GLY n 
1 142 LEU n 
1 143 SER n 
1 144 THR n 
1 145 SER n 
1 146 LEU n 
1 147 GLU n 
1 148 HIS n 
1 149 HIS n 
1 150 HIS n 
1 151 HIS n 
1 152 HIS n 
1 153 HIS n 
# 
_entity_src_gen.entity_id                          1 
_entity_src_gen.pdbx_src_id                        1 
_entity_src_gen.pdbx_alt_source_flag               sample 
_entity_src_gen.pdbx_seq_type                      'Biological sequence' 
_entity_src_gen.pdbx_beg_seq_num                   1 
_entity_src_gen.pdbx_end_seq_num                   153 
_entity_src_gen.gene_src_common_name               ? 
_entity_src_gen.gene_src_genus                     ? 
_entity_src_gen.pdbx_gene_src_gene                 KFL_000480260 
_entity_src_gen.gene_src_species                   ? 
_entity_src_gen.gene_src_strain                    ? 
_entity_src_gen.gene_src_tissue                    ? 
_entity_src_gen.gene_src_tissue_fraction           ? 
_entity_src_gen.gene_src_details                   ? 
_entity_src_gen.pdbx_gene_src_fragment             ? 
_entity_src_gen.pdbx_gene_src_scientific_name      'Klebsormidium nitens' 
_entity_src_gen.pdbx_gene_src_ncbi_taxonomy_id     105231 
_entity_src_gen.pdbx_gene_src_variant              ? 
_entity_src_gen.pdbx_gene_src_cell_line            ? 
_entity_src_gen.pdbx_gene_src_atcc                 ? 
_entity_src_gen.pdbx_gene_src_organ                ? 
_entity_src_gen.pdbx_gene_src_organelle            ? 
_entity_src_gen.pdbx_gene_src_cell                 ? 
_entity_src_gen.pdbx_gene_src_cellular_location    ? 
_entity_src_gen.host_org_common_name               ? 
_entity_src_gen.pdbx_host_org_scientific_name      'Escherichia coli BL21(DE3)' 
_entity_src_gen.pdbx_host_org_ncbi_taxonomy_id     469008 
_entity_src_gen.host_org_genus                     ? 
_entity_src_gen.pdbx_host_org_gene                 ? 
_entity_src_gen.pdbx_host_org_organ                ? 
_entity_src_gen.host_org_species                   ? 
_entity_src_gen.pdbx_host_org_tissue               ? 
_entity_src_gen.pdbx_host_org_tissue_fraction      ? 
_entity_src_gen.pdbx_host_org_strain               ? 
_entity_src_gen.pdbx_host_org_variant              ? 
_entity_src_gen.pdbx_host_org_cell_line            ? 
_entity_src_gen.pdbx_host_org_atcc                 ? 
_entity_src_gen.pdbx_host_org_culture_collection   ? 
_entity_src_gen.pdbx_host_org_cell                 ? 
_entity_src_gen.pdbx_host_org_organelle            ? 
_entity_src_gen.pdbx_host_org_cellular_location    ? 
_entity_src_gen.pdbx_host_org_vector_type          ? 
_entity_src_gen.pdbx_host_org_vector               ? 
_entity_src_gen.host_org_details                   ? 
_entity_src_gen.expression_system_id               ? 
_entity_src_gen.plasmid_name                       ? 
_entity_src_gen.plasmid_details                    ? 
_entity_src_gen.pdbx_description                   ? 
# 
loop_
_chem_comp.id 
_chem_comp.type 
_chem_comp.mon_nstd_flag 
_chem_comp.name 
_chem_comp.pdbx_synonyms 
_chem_comp.formula 
_chem_comp.formula_weight 
ALA 'L-peptide linking' y ALANINE                 ?                          'C3 H7 N O2'      89.093  
ARG 'L-peptide linking' y ARGININE                ?                          'C6 H15 N4 O2 1'  175.209 
ASN 'L-peptide linking' y ASPARAGINE              ?                          'C4 H8 N2 O3'     132.118 
ASP 'L-peptide linking' y 'ASPARTIC ACID'         ?                          'C4 H7 N O4'      133.103 
CYS 'L-peptide linking' y CYSTEINE                ?                          'C3 H7 N O2 S'    121.158 
FMN non-polymer         . 'FLAVIN MONONUCLEOTIDE' 'RIBOFLAVIN MONOPHOSPHATE' 'C17 H21 N4 O9 P' 456.344 
GLN 'L-peptide linking' y GLUTAMINE               ?                          'C5 H10 N2 O3'    146.144 
GLU 'L-peptide linking' y 'GLUTAMIC ACID'         ?                          'C5 H9 N O4'      147.129 
GLY 'peptide linking'   y GLYCINE                 ?                          'C2 H5 N O2'      75.067  
HIS 'L-peptide linking' y HISTIDINE               ?                          'C6 H10 N3 O2 1'  156.162 
HOH non-polymer         . WATER                   ?                          'H2 O'            18.015  
ILE 'L-peptide linking' y ISOLEUCINE              ?                          'C6 H13 N O2'     131.173 
LEU 'L-peptide linking' y LEUCINE                 ?                          'C6 H13 N O2'     131.173 
LYS 'L-peptide linking' y LYSINE                  ?                          'C6 H15 N2 O2 1'  147.195 
MET 'L-peptide linking' y METHIONINE              ?                          'C5 H11 N O2 S'   149.211 
PHE 'L-peptide linking' y PHENYLALANINE           ?                          'C9 H11 N O2'     165.189 
PRO 'L-peptide linking' y PROLINE                 ?                          'C5 H9 N O2'      115.130 
SER 'L-peptide linking' y SERINE                  ?                          'C3 H7 N O3'      105.093 
THR 'L-peptide linking' y THREONINE               ?                          'C4 H9 N O3'      119.119 
TRP 'L-peptide linking' y TRYPTOPHAN              ?                          'C11 H12 N2 O2'   204.225 
TYR 'L-peptide linking' y TYROSINE                ?                          'C9 H11 N O3'     181.189 
VAL 'L-peptide linking' y VALINE                  ?                          'C5 H11 N O2'     117.146 
# 
loop_
_pdbx_poly_seq_scheme.asym_id 
_pdbx_poly_seq_scheme.entity_id 
_pdbx_poly_seq_scheme.seq_id 
_pdbx_poly_seq_scheme.mon_id 
_pdbx_poly_seq_scheme.ndb_seq_num 
_pdbx_poly_seq_scheme.pdb_seq_num 
_pdbx_poly_seq_scheme.auth_seq_num 
_pdbx_poly_seq_scheme.pdb_mon_id 
_pdbx_poly_seq_scheme.auth_mon_id 
_pdbx_poly_seq_scheme.pdb_strand_id 
_pdbx_poly_seq_scheme.pdb_ins_code 
_pdbx_poly_seq_scheme.hetero 
A 1 1   MET 1   1   ?   ?   ?   A . n 
A 1 2   ALA 2   2   ?   ?   ?   A . n 
A 1 3   SER 3   3   ?   ?   ?   A . n 
A 1 4   MET 4   4   ?   ?   ?   A . n 
A 1 5   THR 5   5   ?   ?   ?   A . n 
A 1 6   GLY 6   6   ?   ?   ?   A . n 
A 1 7   GLY 7   7   ?   ?   ?   A . n 
A 1 8   GLN 8   8   ?   ?   ?   A . n 
A 1 9   GLN 9   9   ?   ?   ?   A . n 
A 1 10  MET 10  10  ?   ?   ?   A . n 
A 1 11  GLY 11  11  ?   ?   ?   A . n 
A 1 12  ARG 12  12  12  ARG ARG A . n 
A 1 13  GLY 13  13  13  GLY GLY A . n 
A 1 14  SER 14  14  14  SER SER A . n 
A 1 15  LYS 15  15  ?   ?   ?   A . n 
A 1 16  ASP 16  16  ?   ?   ?   A . n 
A 1 17  ALA 17  17  17  ALA ALA A . n 
A 1 18  LEU 18  18  18  LEU LEU A . n 
A 1 19  SER 19  19  19  SER SER A . n 
A 1 20  THR 20  20  20  THR THR A . n 
A 1 21  PHE 21  21  21  PHE PHE A . n 
A 1 22  LYS 22  22  22  LYS LYS A . n 
A 1 23  HIS 23  23  23  HIS HIS A . n 
A 1 24  THR 24  24  24  THR THR A . n 
A 1 25  PHE 25  25  25  PHE PHE A . n 
A 1 26  VAL 26  26  26  VAL VAL A . n 
A 1 27  VAL 27  27  27  VAL VAL A . n 
A 1 28  ALA 28  28  28  ALA ALA A . n 
A 1 29  ASP 29  29  29  ASP ASP A . n 
A 1 30  ALA 30  30  30  ALA ALA A . n 
A 1 31  THR 31  31  31  THR THR A . n 
A 1 32  LYS 32  32  32  LYS LYS A . n 
A 1 33  ASP 33  33  33  ASP ASP A . n 
A 1 34  MET 34  34  34  MET MET A . n 
A 1 35  ALA 35  35  35  ALA ALA A . n 
A 1 36  ILE 36  36  36  ILE ILE A . n 
A 1 37  MET 37  37  37  MET MET A . n 
A 1 38  TYR 38  38  38  TYR TYR A . n 
A 1 39  ALA 39  39  39  ALA ALA A . n 
A 1 40  SER 40  40  40  SER SER A . n 
A 1 41  ALA 41  41  41  ALA ALA A . n 
A 1 42  GLY 42  42  42  GLY GLY A . n 
A 1 43  PHE 43  43  43  PHE PHE A . n 
A 1 44  TYR 44  44  44  TYR TYR A . n 
A 1 45  GLU 45  45  45  GLU GLU A . n 
A 1 46  MET 46  46  46  MET MET A . n 
A 1 47  THR 47  47  47  THR THR A . n 
A 1 48  GLN 48  48  48  GLN GLN A . n 
A 1 49  TYR 49  49  49  TYR TYR A . n 
A 1 50  GLY 50  50  50  GLY GLY A . n 
A 1 51  PRO 51  51  51  PRO PRO A . n 
A 1 52  GLU 52  52  52  GLU GLU A . n 
A 1 53  ASP 53  53  53  ASP ASP A . n 
A 1 54  VAL 54  54  54  VAL VAL A . n 
A 1 55  ILE 55  55  55  ILE ILE A . n 
A 1 56  GLY 56  56  56  GLY GLY A . n 
A 1 57  LYS 57  57  57  LYS LYS A . n 
A 1 58  ASN 58  58  58  ASN ASN A . n 
A 1 59  CYS 59  59  59  CYS CYS A . n 
A 1 60  LYS 60  60  60  LYS LYS A . n 
A 1 61  PHE 61  61  61  PHE PHE A . n 
A 1 62  LEU 62  62  62  LEU LEU A . n 
A 1 63  GLN 63  63  63  GLN GLN A . n 
A 1 64  GLY 64  64  64  GLY GLY A . n 
A 1 65  PRO 65  65  65  PRO PRO A . n 
A 1 66  GLY 66  66  66  GLY GLY A . n 
A 1 67  THR 67  67  67  THR THR A . n 
A 1 68  ASP 68  68  68  ASP ASP A . n 
A 1 69  THR 69  69  69  THR THR A . n 
A 1 70  GLU 70  70  70  GLU GLU A . n 
A 1 71  GLU 71  71  71  GLU GLU A . n 
A 1 72  VAL 72  72  72  VAL VAL A . n 
A 1 73  ALA 73  73  73  ALA ALA A . n 
A 1 74  ARG 74  74  74  ARG ARG A . n 
A 1 75  ILE 75  75  75  ILE ILE A . n 
A 1 76  ARG 76  76  76  ARG ARG A . n 
A 1 77  ARG 77  77  77  ARG ARG A . n 
A 1 78  ALA 78  78  78  ALA ALA A . n 
A 1 79  ILE 79  79  79  ILE ILE A . n 
A 1 80  LYS 80  80  80  LYS LYS A . n 
A 1 81  ASN 81  81  81  ASN ASN A . n 
A 1 82  GLY 82  82  82  GLY GLY A . n 
A 1 83  GLU 83  83  83  GLU GLU A . n 
A 1 84  SER 84  84  84  SER SER A . n 
A 1 85  HIS 85  85  85  HIS HIS A . n 
A 1 86  CYS 86  86  86  CYS CYS A . n 
A 1 87  GLY 87  87  87  GLY GLY A . n 
A 1 88  ARG 88  88  88  ARG ARG A . n 
A 1 89  LEU 89  89  89  LEU LEU A . n 
A 1 90  LEU 90  90  90  LEU LEU A . n 
A 1 91  ASN 91  91  91  ASN ASN A . n 
A 1 92  TYR 92  92  92  TYR TYR A . n 
A 1 93  LYS 93  93  93  LYS LYS A . n 
A 1 94  LYS 94  94  94  LYS LYS A . n 
A 1 95  ASP 95  95  95  ASP ASP A . n 
A 1 96  GLY 96  96  96  GLY GLY A . n 
A 1 97  THR 97  97  97  THR THR A . n 
A 1 98  PRO 98  98  98  PRO PRO A . n 
A 1 99  PHE 99  99  99  PHE PHE A . n 
A 1 100 TRP 100 100 100 TRP TRP A . n 
A 1 101 ASN 101 101 101 ASN ASN A . n 
A 1 102 LEU 102 102 102 LEU LEU A . n 
A 1 103 LEU 103 103 103 LEU LEU A . n 
A 1 104 THR 104 104 104 THR THR A . n 
A 1 105 LEU 105 105 105 LEU LEU A . n 
A 1 106 ALA 106 106 106 ALA ALA A . n 
A 1 107 PRO 107 107 107 PRO PRO A . n 
A 1 108 ILE 108 108 108 ILE ILE A . n 
A 1 109 LYS 109 109 109 LYS LYS A . n 
A 1 110 ASN 110 110 110 ASN ASN A . n 
A 1 111 GLU 111 111 111 GLU GLU A . n 
A 1 112 GLN 112 112 112 GLN GLN A . n 
A 1 113 GLY 113 113 113 GLY GLY A . n 
A 1 114 ALA 114 114 114 ALA ALA A . n 
A 1 115 VAL 115 115 115 VAL VAL A . n 
A 1 116 VAL 116 116 116 VAL VAL A . n 
A 1 117 LYS 117 117 117 LYS LYS A . n 
A 1 118 PHE 118 118 118 PHE PHE A . n 
A 1 119 ILE 119 119 119 ILE ILE A . n 
A 1 120 GLY 120 120 120 GLY GLY A . n 
A 1 121 MET 121 121 121 MET MET A . n 
A 1 122 GLN 122 122 122 GLN GLN A . n 
A 1 123 VAL 123 123 123 VAL VAL A . n 
A 1 124 GLU 124 124 124 GLU GLU A . n 
A 1 125 VAL 125 125 125 VAL VAL A . n 
A 1 126 THR 126 126 126 THR THR A . n 
A 1 127 GLN 127 127 127 GLN GLN A . n 
A 1 128 PHE 128 128 128 PHE PHE A . n 
A 1 129 THR 129 129 129 THR THR A . n 
A 1 130 GLU 130 130 130 GLU GLU A . n 
A 1 131 GLY 131 131 131 GLY GLY A . n 
A 1 132 GLU 132 132 132 GLU GLU A . n 
A 1 133 LEU 133 133 133 LEU LEU A . n 
A 1 134 GLU 134 134 134 GLU GLU A . n 
A 1 135 LYS 135 135 135 LYS LYS A . n 
A 1 136 ALA 136 136 136 ALA ALA A . n 
A 1 137 MET 137 137 137 MET MET A . n 
A 1 138 ARG 138 138 138 ARG ARG A . n 
A 1 139 PRO 139 139 139 PRO PRO A . n 
A 1 140 ASN 140 140 140 ASN ASN A . n 
A 1 141 GLY 141 141 141 GLY GLY A . n 
A 1 142 LEU 142 142 142 LEU LEU A . n 
A 1 143 SER 143 143 ?   ?   ?   A . n 
A 1 144 THR 144 144 ?   ?   ?   A . n 
A 1 145 SER 145 145 ?   ?   ?   A . n 
A 1 146 LEU 146 146 ?   ?   ?   A . n 
A 1 147 GLU 147 147 ?   ?   ?   A . n 
A 1 148 HIS 148 148 ?   ?   ?   A . n 
A 1 149 HIS 149 149 ?   ?   ?   A . n 
A 1 150 HIS 150 150 ?   ?   ?   A . n 
A 1 151 HIS 151 151 ?   ?   ?   A . n 
A 1 152 HIS 152 152 ?   ?   ?   A . n 
A 1 153 HIS 153 153 ?   ?   ?   A . n 
# 
_pdbx_entity_instance_feature.ordinal        1 
_pdbx_entity_instance_feature.comp_id        FMN 
_pdbx_entity_instance_feature.asym_id        ? 
_pdbx_entity_instance_feature.seq_num        ? 
_pdbx_entity_instance_feature.auth_comp_id   FMN 
_pdbx_entity_instance_feature.auth_asym_id   ? 
_pdbx_entity_instance_feature.auth_seq_num   ? 
_pdbx_entity_instance_feature.feature_type   'SUBJECT OF INVESTIGATION' 
_pdbx_entity_instance_feature.details        ? 
# 
loop_
_pdbx_nonpoly_scheme.asym_id 
_pdbx_nonpoly_scheme.entity_id 
_pdbx_nonpoly_scheme.mon_id 
_pdbx_nonpoly_scheme.ndb_seq_num 
_pdbx_nonpoly_scheme.pdb_seq_num 
_pdbx_nonpoly_scheme.auth_seq_num 
_pdbx_nonpoly_scheme.pdb_mon_id 
_pdbx_nonpoly_scheme.auth_mon_id 
_pdbx_nonpoly_scheme.pdb_strand_id 
_pdbx_nonpoly_scheme.pdb_ins_code 
B 2 FMN 1   201 143 FMN FMN A . 
C 3 HOH 1   301 466 HOH HOH A . 
C 3 HOH 2   302 422 HOH HOH A . 
C 3 HOH 3   303 177 HOH HOH A . 
C 3 HOH 4   304 465 HOH HOH A . 
C 3 HOH 5   305 258 HOH HOH A . 
C 3 HOH 6   306 64  HOH HOH A . 
C 3 HOH 7   307 183 HOH HOH A . 
C 3 HOH 8   308 22  HOH HOH A . 
C 3 HOH 9   309 417 HOH HOH A . 
C 3 HOH 10  310 370 HOH HOH A . 
C 3 HOH 11  311 23  HOH HOH A . 
C 3 HOH 12  312 57  HOH HOH A . 
C 3 HOH 13  313 330 HOH HOH A . 
C 3 HOH 14  314 63  HOH HOH A . 
C 3 HOH 15  315 429 HOH HOH A . 
C 3 HOH 16  316 282 HOH HOH A . 
C 3 HOH 17  317 469 HOH HOH A . 
C 3 HOH 18  318 83  HOH HOH A . 
C 3 HOH 19  319 290 HOH HOH A . 
C 3 HOH 20  320 218 HOH HOH A . 
C 3 HOH 21  321 395 HOH HOH A . 
C 3 HOH 22  322 48  HOH HOH A . 
C 3 HOH 23  323 468 HOH HOH A . 
C 3 HOH 24  324 99  HOH HOH A . 
C 3 HOH 25  325 433 HOH HOH A . 
C 3 HOH 26  326 215 HOH HOH A . 
C 3 HOH 27  327 86  HOH HOH A . 
C 3 HOH 28  328 459 HOH HOH A . 
C 3 HOH 29  329 52  HOH HOH A . 
C 3 HOH 30  330 342 HOH HOH A . 
C 3 HOH 31  331 39  HOH HOH A . 
C 3 HOH 32  332 98  HOH HOH A . 
C 3 HOH 33  333 453 HOH HOH A . 
C 3 HOH 34  334 341 HOH HOH A . 
C 3 HOH 35  335 193 HOH HOH A . 
C 3 HOH 36  336 87  HOH HOH A . 
C 3 HOH 37  337 20  HOH HOH A . 
C 3 HOH 38  338 309 HOH HOH A . 
C 3 HOH 39  339 1   HOH HOH A . 
C 3 HOH 40  340 73  HOH HOH A . 
C 3 HOH 41  341 276 HOH HOH A . 
C 3 HOH 42  342 198 HOH HOH A . 
C 3 HOH 43  343 58  HOH HOH A . 
C 3 HOH 44  344 263 HOH HOH A . 
C 3 HOH 45  345 9   HOH HOH A . 
C 3 HOH 46  346 167 HOH HOH A . 
C 3 HOH 47  347 10  HOH HOH A . 
C 3 HOH 48  348 149 HOH HOH A . 
C 3 HOH 49  349 19  HOH HOH A . 
C 3 HOH 50  350 15  HOH HOH A . 
C 3 HOH 51  351 93  HOH HOH A . 
C 3 HOH 52  352 103 HOH HOH A . 
C 3 HOH 53  353 445 HOH HOH A . 
C 3 HOH 54  354 170 HOH HOH A . 
C 3 HOH 55  355 61  HOH HOH A . 
C 3 HOH 56  356 104 HOH HOH A . 
C 3 HOH 57  357 69  HOH HOH A . 
C 3 HOH 58  358 155 HOH HOH A . 
C 3 HOH 59  359 55  HOH HOH A . 
C 3 HOH 60  360 355 HOH HOH A . 
C 3 HOH 61  361 91  HOH HOH A . 
C 3 HOH 62  362 443 HOH HOH A . 
C 3 HOH 63  363 89  HOH HOH A . 
C 3 HOH 64  364 378 HOH HOH A . 
C 3 HOH 65  365 387 HOH HOH A . 
C 3 HOH 66  366 315 HOH HOH A . 
C 3 HOH 67  367 68  HOH HOH A . 
C 3 HOH 68  368 90  HOH HOH A . 
C 3 HOH 69  369 426 HOH HOH A . 
C 3 HOH 70  370 380 HOH HOH A . 
C 3 HOH 71  371 231 HOH HOH A . 
C 3 HOH 72  372 454 HOH HOH A . 
C 3 HOH 73  373 462 HOH HOH A . 
C 3 HOH 74  374 324 HOH HOH A . 
C 3 HOH 75  375 351 HOH HOH A . 
C 3 HOH 76  376 142 HOH HOH A . 
C 3 HOH 77  377 244 HOH HOH A . 
C 3 HOH 78  378 457 HOH HOH A . 
C 3 HOH 79  379 49  HOH HOH A . 
C 3 HOH 80  380 318 HOH HOH A . 
C 3 HOH 81  381 470 HOH HOH A . 
C 3 HOH 82  382 156 HOH HOH A . 
C 3 HOH 83  383 458 HOH HOH A . 
C 3 HOH 84  384 410 HOH HOH A . 
C 3 HOH 85  385 375 HOH HOH A . 
C 3 HOH 86  386 101 HOH HOH A . 
C 3 HOH 87  387 259 HOH HOH A . 
C 3 HOH 88  388 329 HOH HOH A . 
C 3 HOH 89  389 139 HOH HOH A . 
C 3 HOH 90  390 154 HOH HOH A . 
C 3 HOH 91  391 114 HOH HOH A . 
C 3 HOH 92  392 472 HOH HOH A . 
C 3 HOH 93  393 261 HOH HOH A . 
C 3 HOH 94  394 418 HOH HOH A . 
C 3 HOH 95  395 153 HOH HOH A . 
C 3 HOH 96  396 436 HOH HOH A . 
C 3 HOH 97  397 452 HOH HOH A . 
C 3 HOH 98  398 264 HOH HOH A . 
C 3 HOH 99  399 279 HOH HOH A . 
C 3 HOH 100 400 382 HOH HOH A . 
C 3 HOH 101 401 448 HOH HOH A . 
C 3 HOH 102 402 284 HOH HOH A . 
C 3 HOH 103 403 289 HOH HOH A . 
# 
loop_
_pdbx_unobs_or_zero_occ_atoms.id 
_pdbx_unobs_or_zero_occ_atoms.PDB_model_num 
_pdbx_unobs_or_zero_occ_atoms.polymer_flag 
_pdbx_unobs_or_zero_occ_atoms.occupancy_flag 
_pdbx_unobs_or_zero_occ_atoms.auth_asym_id 
_pdbx_unobs_or_zero_occ_atoms.auth_comp_id 
_pdbx_unobs_or_zero_occ_atoms.auth_seq_id 
_pdbx_unobs_or_zero_occ_atoms.PDB_ins_code 
_pdbx_unobs_or_zero_occ_atoms.auth_atom_id 
_pdbx_unobs_or_zero_occ_atoms.label_alt_id 
_pdbx_unobs_or_zero_occ_atoms.label_asym_id 
_pdbx_unobs_or_zero_occ_atoms.label_comp_id 
_pdbx_unobs_or_zero_occ_atoms.label_seq_id 
_pdbx_unobs_or_zero_occ_atoms.label_atom_id 
1  1 Y 1 A ARG 12  ? CG  ? A ARG 12  CG  
2  1 Y 1 A ARG 12  ? CD  ? A ARG 12  CD  
3  1 Y 1 A ARG 12  ? NE  ? A ARG 12  NE  
4  1 Y 1 A ARG 12  ? CZ  ? A ARG 12  CZ  
5  1 Y 1 A ARG 12  ? NH1 ? A ARG 12  NH1 
6  1 Y 1 A ARG 12  ? NH2 ? A ARG 12  NH2 
7  1 Y 1 A SER 14  ? OG  ? A SER 14  OG  
8  1 Y 1 A THR 31  ? CG2 ? A THR 31  CG2 
9  1 Y 1 A LYS 32  ? CG  ? A LYS 32  CG  
10 1 Y 1 A LYS 32  ? CD  ? A LYS 32  CD  
11 1 Y 1 A LYS 32  ? CE  ? A LYS 32  CE  
12 1 Y 1 A LYS 32  ? NZ  ? A LYS 32  NZ  
13 1 Y 1 A ASP 33  ? CG  ? A ASP 33  CG  
14 1 Y 1 A ASP 33  ? OD1 ? A ASP 33  OD1 
15 1 Y 1 A ASP 33  ? OD2 ? A ASP 33  OD2 
16 1 Y 1 A GLU 70  ? CG  ? A GLU 70  CG  
17 1 Y 1 A GLU 70  ? CD  ? A GLU 70  CD  
18 1 Y 1 A GLU 70  ? OE1 ? A GLU 70  OE1 
19 1 Y 1 A GLU 70  ? OE2 ? A GLU 70  OE2 
20 1 Y 1 A LYS 80  ? CG  ? A LYS 80  CG  
21 1 Y 1 A LYS 80  ? CD  ? A LYS 80  CD  
22 1 Y 1 A LYS 80  ? CE  ? A LYS 80  CE  
23 1 Y 1 A LYS 80  ? NZ  ? A LYS 80  NZ  
24 1 Y 1 A ASN 110 ? O   ? A ASN 110 O   
25 1 Y 1 A GLU 111 ? CG  ? A GLU 111 CG  
26 1 Y 1 A GLU 111 ? CD  ? A GLU 111 CD  
27 1 Y 1 A GLU 111 ? OE1 ? A GLU 111 OE1 
28 1 Y 1 A GLU 111 ? OE2 ? A GLU 111 OE2 
29 1 Y 1 A GLN 112 ? O   ? A GLN 112 O   
30 1 Y 1 A GLN 112 ? CG  ? A GLN 112 CG  
31 1 Y 1 A GLN 112 ? CD  ? A GLN 112 CD  
32 1 Y 1 A GLN 112 ? OE1 ? A GLN 112 OE1 
33 1 Y 1 A GLN 112 ? NE2 ? A GLN 112 NE2 
34 1 Y 1 A GLN 127 ? CG  ? A GLN 127 CG  
35 1 Y 1 A GLN 127 ? CD  ? A GLN 127 CD  
36 1 Y 1 A GLN 127 ? OE1 ? A GLN 127 OE1 
37 1 Y 1 A GLN 127 ? NE2 ? A GLN 127 NE2 
38 1 Y 1 A LYS 135 ? CD  ? A LYS 135 CD  
39 1 Y 1 A LYS 135 ? CE  ? A LYS 135 CE  
40 1 Y 1 A LYS 135 ? NZ  ? A LYS 135 NZ  
# 
loop_
_software.citation_id 
_software.classification 
_software.compiler_name 
_software.compiler_version 
_software.contact_author 
_software.contact_author_email 
_software.date 
_software.description 
_software.dependencies 
_software.hardware 
_software.language 
_software.location 
_software.mods 
_software.name 
_software.os 
_software.os_version 
_software.type 
_software.version 
_software.pdbx_ordinal 
? refinement       ? ? ? ? ? ? ? ? ? ? ? REFMAC  ? ? ? 5.8.0403 1 
? 'data reduction' ? ? ? ? ? ? ? ? ? ? ? XDS     ? ? ? .        2 
? 'data scaling'   ? ? ? ? ? ? ? ? ? ? ? Aimless ? ? ? .        3 
? phasing          ? ? ? ? ? ? ? ? ? ? ? PHASER  ? ? ? .        4 
# 
_cell.angle_alpha                  90.000 
_cell.angle_alpha_esd              ? 
_cell.angle_beta                   90.000 
_cell.angle_beta_esd               ? 
_cell.angle_gamma                  90.000 
_cell.angle_gamma_esd              ? 
_cell.entry_id                     8J68 
_cell.details                      ? 
_cell.formula_units_Z              ? 
_cell.length_a                     53.905 
_cell.length_a_esd                 ? 
_cell.length_b                     53.905 
_cell.length_b_esd                 ? 
_cell.length_c                     137.408 
_cell.length_c_esd                 ? 
_cell.volume                       ? 
_cell.volume_esd                   ? 
_cell.Z_PDB                        8 
_cell.reciprocal_angle_alpha       ? 
_cell.reciprocal_angle_beta        ? 
_cell.reciprocal_angle_gamma       ? 
_cell.reciprocal_angle_alpha_esd   ? 
_cell.reciprocal_angle_beta_esd    ? 
_cell.reciprocal_angle_gamma_esd   ? 
_cell.reciprocal_length_a          ? 
_cell.reciprocal_length_b          ? 
_cell.reciprocal_length_c          ? 
_cell.reciprocal_length_a_esd      ? 
_cell.reciprocal_length_b_esd      ? 
_cell.reciprocal_length_c_esd      ? 
_cell.pdbx_unique_axis             ? 
_cell.pdbx_esd_method              ? 
# 
_symmetry.entry_id                         8J68 
_symmetry.cell_setting                     ? 
_symmetry.Int_Tables_number                96 
_symmetry.space_group_name_Hall            ? 
_symmetry.space_group_name_H-M             'P 43 21 2' 
_symmetry.pdbx_full_space_group_name_H-M   ? 
# 
_exptl.absorpt_coefficient_mu     ? 
_exptl.absorpt_correction_T_max   ? 
_exptl.absorpt_correction_T_min   ? 
_exptl.absorpt_correction_type    ? 
_exptl.absorpt_process_details    ? 
_exptl.entry_id                   8J68 
_exptl.crystals_number            1 
_exptl.details                    ? 
_exptl.method                     'X-RAY DIFFRACTION' 
_exptl.method_details             ? 
# 
_exptl_crystal.colour                       ? 
_exptl_crystal.density_diffrn               ? 
_exptl_crystal.density_Matthews             2.94 
_exptl_crystal.density_method               ? 
_exptl_crystal.density_percent_sol          58.15 
_exptl_crystal.description                  ? 
_exptl_crystal.F_000                        ? 
_exptl_crystal.id                           1 
_exptl_crystal.preparation                  ? 
_exptl_crystal.size_max                     ? 
_exptl_crystal.size_mid                     ? 
_exptl_crystal.size_min                     ? 
_exptl_crystal.size_rad                     ? 
_exptl_crystal.colour_lustre                ? 
_exptl_crystal.colour_modifier              ? 
_exptl_crystal.colour_primary               ? 
_exptl_crystal.density_meas                 ? 
_exptl_crystal.density_meas_esd             ? 
_exptl_crystal.density_meas_gt              ? 
_exptl_crystal.density_meas_lt              ? 
_exptl_crystal.density_meas_temp            ? 
_exptl_crystal.density_meas_temp_esd        ? 
_exptl_crystal.density_meas_temp_gt         ? 
_exptl_crystal.density_meas_temp_lt         ? 
_exptl_crystal.pdbx_crystal_image_url       ? 
_exptl_crystal.pdbx_crystal_image_format    ? 
_exptl_crystal.pdbx_mosaicity               ? 
_exptl_crystal.pdbx_mosaicity_esd           ? 
_exptl_crystal.pdbx_mosaic_method           ? 
_exptl_crystal.pdbx_mosaic_block_size       ? 
_exptl_crystal.pdbx_mosaic_block_size_esd   ? 
# 
_exptl_crystal_grow.apparatus       ? 
_exptl_crystal_grow.atmosphere      ? 
_exptl_crystal_grow.crystal_id      1 
_exptl_crystal_grow.details         ? 
_exptl_crystal_grow.method          'VAPOR DIFFUSION, HANGING DROP' 
_exptl_crystal_grow.method_ref      ? 
_exptl_crystal_grow.pH              ? 
_exptl_crystal_grow.pressure        ? 
_exptl_crystal_grow.pressure_esd    ? 
_exptl_crystal_grow.seeding         ? 
_exptl_crystal_grow.seeding_ref     ? 
_exptl_crystal_grow.temp_details    ? 
_exptl_crystal_grow.temp_esd        ? 
_exptl_crystal_grow.time            ? 
_exptl_crystal_grow.pdbx_details    'sodium phosphate monobasic monohydrate,  potassium phosphate dibasic at pH 6.9' 
_exptl_crystal_grow.pdbx_pH_range   ? 
_exptl_crystal_grow.temp            289.15 
# 
_diffrn.ambient_environment              ? 
_diffrn.ambient_temp                     100 
_diffrn.ambient_temp_details             ? 
_diffrn.ambient_temp_esd                 ? 
_diffrn.crystal_id                       1 
_diffrn.crystal_support                  ? 
_diffrn.crystal_treatment                ? 
_diffrn.details                          ? 
_diffrn.id                               1 
_diffrn.ambient_pressure                 ? 
_diffrn.ambient_pressure_esd             ? 
_diffrn.ambient_pressure_gt              ? 
_diffrn.ambient_pressure_lt              ? 
_diffrn.ambient_temp_gt                  ? 
_diffrn.ambient_temp_lt                  ? 
_diffrn.pdbx_serial_crystal_experiment   N 
# 
_diffrn_detector.details                      ? 
_diffrn_detector.detector                     PIXEL 
_diffrn_detector.diffrn_id                    1 
_diffrn_detector.type                         'DECTRIS PILATUS3 2M' 
_diffrn_detector.area_resol_mean              ? 
_diffrn_detector.dtime                        ? 
_diffrn_detector.pdbx_frames_total            ? 
_diffrn_detector.pdbx_collection_time_total   ? 
_diffrn_detector.pdbx_collection_date         2022-09-30 
_diffrn_detector.pdbx_frequency               ? 
_diffrn_detector.id                           ? 
_diffrn_detector.number_of_axes               ? 
# 
_diffrn_radiation.collimation                      ? 
_diffrn_radiation.diffrn_id                        1 
_diffrn_radiation.filter_edge                      ? 
_diffrn_radiation.inhomogeneity                    ? 
_diffrn_radiation.monochromator                    ? 
_diffrn_radiation.polarisn_norm                    ? 
_diffrn_radiation.polarisn_ratio                   ? 
_diffrn_radiation.probe                            ? 
_diffrn_radiation.type                             ? 
_diffrn_radiation.xray_symbol                      ? 
_diffrn_radiation.wavelength_id                    1 
_diffrn_radiation.pdbx_monochromatic_or_laue_m_l   M 
_diffrn_radiation.pdbx_wavelength_list             ? 
_diffrn_radiation.pdbx_wavelength                  ? 
_diffrn_radiation.pdbx_diffrn_protocol             'SINGLE WAVELENGTH' 
_diffrn_radiation.pdbx_analyzer                    ? 
_diffrn_radiation.pdbx_scattering_type             x-ray 
# 
_diffrn_radiation_wavelength.id           1 
_diffrn_radiation_wavelength.wavelength   0.965459 
_diffrn_radiation_wavelength.wt           1.0 
# 
_diffrn_source.current                     ? 
_diffrn_source.details                     ? 
_diffrn_source.diffrn_id                   1 
_diffrn_source.power                       ? 
_diffrn_source.size                        ? 
_diffrn_source.source                      SYNCHROTRON 
_diffrn_source.target                      ? 
_diffrn_source.type                        'ESRF BEAMLINE MASSIF-1' 
_diffrn_source.voltage                     ? 
_diffrn_source.take-off_angle              ? 
_diffrn_source.pdbx_wavelength_list        0.965459 
_diffrn_source.pdbx_wavelength             ? 
_diffrn_source.pdbx_synchrotron_beamline   MASSIF-1 
_diffrn_source.pdbx_synchrotron_site       ESRF 
# 
_reflns.B_iso_Wilson_estimate                          ? 
_reflns.entry_id                                       8J68 
_reflns.data_reduction_details                         ? 
_reflns.data_reduction_method                          ? 
_reflns.d_resolution_high                              1.845 
_reflns.d_resolution_low                               53.905 
_reflns.details                                        ? 
_reflns.limit_h_max                                    ? 
_reflns.limit_h_min                                    ? 
_reflns.limit_k_max                                    ? 
_reflns.limit_k_min                                    ? 
_reflns.limit_l_max                                    ? 
_reflns.limit_l_min                                    ? 
_reflns.number_all                                     ? 
_reflns.number_obs                                     15532 
_reflns.observed_criterion                             ? 
_reflns.observed_criterion_F_max                       ? 
_reflns.observed_criterion_F_min                       ? 
_reflns.observed_criterion_I_max                       ? 
_reflns.observed_criterion_I_min                       ? 
_reflns.observed_criterion_sigma_F                     ? 
_reflns.observed_criterion_sigma_I                     ? 
_reflns.percent_possible_obs                           84.8 
_reflns.R_free_details                                 ? 
_reflns.Rmerge_F_all                                   ? 
_reflns.Rmerge_F_obs                                   ? 
_reflns.Friedel_coverage                               ? 
_reflns.number_gt                                      ? 
_reflns.threshold_expression                           ? 
_reflns.pdbx_redundancy                                6.5 
_reflns.pdbx_netI_over_av_sigmaI                       ? 
_reflns.pdbx_netI_over_sigmaI                          12.7 
_reflns.pdbx_res_netI_over_av_sigmaI_2                 ? 
_reflns.pdbx_res_netI_over_sigmaI_2                    ? 
_reflns.pdbx_chi_squared                               ? 
_reflns.pdbx_scaling_rejects                           ? 
_reflns.pdbx_d_res_high_opt                            ? 
_reflns.pdbx_d_res_low_opt                             ? 
_reflns.pdbx_d_res_opt_method                          ? 
_reflns.phase_calculation_details                      ? 
_reflns.pdbx_Rrim_I_all                                ? 
_reflns.pdbx_Rpim_I_all                                ? 
_reflns.pdbx_d_opt                                     ? 
_reflns.pdbx_number_measured_all                       ? 
_reflns.pdbx_diffrn_id                                 1 
_reflns.pdbx_ordinal                                   1 
_reflns.pdbx_CC_half                                   0.999 
_reflns.pdbx_CC_star                                   ? 
_reflns.pdbx_R_split                                   ? 
_reflns.pdbx_Rmerge_I_obs                              ? 
_reflns.pdbx_Rmerge_I_all                              ? 
_reflns.pdbx_Rsym_value                                ? 
_reflns.pdbx_CC_split_method                           ? 
_reflns.pdbx_aniso_diffraction_limit_axis_1_ortho[1]   ? 
_reflns.pdbx_aniso_diffraction_limit_axis_1_ortho[2]   ? 
_reflns.pdbx_aniso_diffraction_limit_axis_1_ortho[3]   ? 
_reflns.pdbx_aniso_diffraction_limit_axis_2_ortho[1]   ? 
_reflns.pdbx_aniso_diffraction_limit_axis_2_ortho[2]   ? 
_reflns.pdbx_aniso_diffraction_limit_axis_2_ortho[3]   ? 
_reflns.pdbx_aniso_diffraction_limit_axis_3_ortho[1]   ? 
_reflns.pdbx_aniso_diffraction_limit_axis_3_ortho[2]   ? 
_reflns.pdbx_aniso_diffraction_limit_axis_3_ortho[3]   ? 
_reflns.pdbx_aniso_diffraction_limit_1                 ? 
_reflns.pdbx_aniso_diffraction_limit_2                 ? 
_reflns.pdbx_aniso_diffraction_limit_3                 ? 
_reflns.pdbx_aniso_B_tensor_eigenvector_1_ortho[1]     ? 
_reflns.pdbx_aniso_B_tensor_eigenvector_1_ortho[2]     ? 
_reflns.pdbx_aniso_B_tensor_eigenvector_1_ortho[3]     ? 
_reflns.pdbx_aniso_B_tensor_eigenvector_2_ortho[1]     ? 
_reflns.pdbx_aniso_B_tensor_eigenvector_2_ortho[2]     ? 
_reflns.pdbx_aniso_B_tensor_eigenvector_2_ortho[3]     ? 
_reflns.pdbx_aniso_B_tensor_eigenvector_3_ortho[1]     ? 
_reflns.pdbx_aniso_B_tensor_eigenvector_3_ortho[2]     ? 
_reflns.pdbx_aniso_B_tensor_eigenvector_3_ortho[3]     ? 
_reflns.pdbx_aniso_B_tensor_eigenvalue_1               ? 
_reflns.pdbx_aniso_B_tensor_eigenvalue_2               ? 
_reflns.pdbx_aniso_B_tensor_eigenvalue_3               ? 
_reflns.pdbx_orthogonalization_convention              ? 
_reflns.pdbx_percent_possible_ellipsoidal              ? 
_reflns.pdbx_percent_possible_spherical                ? 
_reflns.pdbx_percent_possible_ellipsoidal_anomalous    ? 
_reflns.pdbx_percent_possible_spherical_anomalous      ? 
_reflns.pdbx_redundancy_anomalous                      ? 
_reflns.pdbx_CC_half_anomalous                         ? 
_reflns.pdbx_absDiff_over_sigma_anomalous              ? 
_reflns.pdbx_percent_possible_anomalous                ? 
_reflns.pdbx_observed_signal_threshold                 ? 
_reflns.pdbx_signal_type                               ? 
_reflns.pdbx_signal_details                            ? 
_reflns.pdbx_signal_software_id                        ? 
# 
_reflns_shell.d_res_high                                    1.845 
_reflns_shell.d_res_low                                     5.005 
_reflns_shell.meanI_over_sigI_all                           ? 
_reflns_shell.meanI_over_sigI_obs                           ? 
_reflns_shell.number_measured_all                           ? 
_reflns_shell.number_measured_obs                           ? 
_reflns_shell.number_possible                               ? 
_reflns_shell.number_unique_all                             ? 
_reflns_shell.number_unique_obs                             965 
_reflns_shell.percent_possible_obs                          ? 
_reflns_shell.Rmerge_F_all                                  ? 
_reflns_shell.Rmerge_F_obs                                  ? 
_reflns_shell.meanI_over_sigI_gt                            ? 
_reflns_shell.meanI_over_uI_all                             ? 
_reflns_shell.meanI_over_uI_gt                              ? 
_reflns_shell.number_measured_gt                            ? 
_reflns_shell.number_unique_gt                              ? 
_reflns_shell.percent_possible_gt                           ? 
_reflns_shell.Rmerge_F_gt                                   ? 
_reflns_shell.Rmerge_I_gt                                   ? 
_reflns_shell.pdbx_redundancy                               ? 
_reflns_shell.pdbx_chi_squared                              ? 
_reflns_shell.pdbx_netI_over_sigmaI_all                     ? 
_reflns_shell.pdbx_netI_over_sigmaI_obs                     ? 
_reflns_shell.pdbx_Rrim_I_all                               ? 
_reflns_shell.pdbx_Rpim_I_all                               ? 
_reflns_shell.pdbx_rejects                                  ? 
_reflns_shell.pdbx_ordinal                                  1 
_reflns_shell.pdbx_diffrn_id                                1 
_reflns_shell.pdbx_CC_half                                  0.999 
_reflns_shell.pdbx_CC_star                                  ? 
_reflns_shell.pdbx_R_split                                  ? 
_reflns_shell.percent_possible_all                          ? 
_reflns_shell.Rmerge_I_all                                  ? 
_reflns_shell.Rmerge_I_obs                                  ? 
_reflns_shell.pdbx_Rsym_value                               ? 
_reflns_shell.pdbx_percent_possible_ellipsoidal             ? 
_reflns_shell.pdbx_percent_possible_spherical               ? 
_reflns_shell.pdbx_percent_possible_ellipsoidal_anomalous   ? 
_reflns_shell.pdbx_percent_possible_spherical_anomalous     ? 
_reflns_shell.pdbx_redundancy_anomalous                     ? 
_reflns_shell.pdbx_CC_half_anomalous                        ? 
_reflns_shell.pdbx_absDiff_over_sigma_anomalous             ? 
_reflns_shell.pdbx_percent_possible_anomalous               ? 
# 
_refine.aniso_B[1][1]                            -0.016 
_refine.aniso_B[1][2]                            0.000 
_refine.aniso_B[1][3]                            0.000 
_refine.aniso_B[2][2]                            -0.016 
_refine.aniso_B[2][3]                            0.000 
_refine.aniso_B[3][3]                            0.031 
_refine.B_iso_max                                ? 
_refine.B_iso_mean                               34.307 
_refine.B_iso_min                                ? 
_refine.correlation_coeff_Fo_to_Fc               0.971 
_refine.correlation_coeff_Fo_to_Fc_free          0.951 
_refine.details                                  'Hydrogens have been added in their riding positions' 
_refine.diff_density_max                         ? 
_refine.diff_density_max_esd                     ? 
_refine.diff_density_min                         ? 
_refine.diff_density_min_esd                     ? 
_refine.diff_density_rms                         ? 
_refine.diff_density_rms_esd                     ? 
_refine.entry_id                                 8J68 
_refine.pdbx_refine_id                           'X-RAY DIFFRACTION' 
_refine.ls_abs_structure_details                 ? 
_refine.ls_abs_structure_Flack                   ? 
_refine.ls_abs_structure_Flack_esd               ? 
_refine.ls_abs_structure_Rogers                  ? 
_refine.ls_abs_structure_Rogers_esd              ? 
_refine.ls_d_res_high                            1.845 
_refine.ls_d_res_low                             38.146 
_refine.ls_extinction_coef                       ? 
_refine.ls_extinction_coef_esd                   ? 
_refine.ls_extinction_expression                 ? 
_refine.ls_extinction_method                     ? 
_refine.ls_goodness_of_fit_all                   ? 
_refine.ls_goodness_of_fit_all_esd               ? 
_refine.ls_goodness_of_fit_obs                   ? 
_refine.ls_goodness_of_fit_obs_esd               ? 
_refine.ls_hydrogen_treatment                    ? 
_refine.ls_matrix_type                           ? 
_refine.ls_number_constraints                    ? 
_refine.ls_number_parameters                     ? 
_refine.ls_number_reflns_all                     ? 
_refine.ls_number_reflns_obs                     12770 
_refine.ls_number_reflns_R_free                  668 
_refine.ls_number_reflns_R_work                  12102 
_refine.ls_number_restraints                     ? 
_refine.ls_percent_reflns_obs                    70.007 
_refine.ls_percent_reflns_R_free                 5.231 
_refine.ls_R_factor_all                          0.173 
_refine.ls_R_factor_obs                          ? 
_refine.ls_R_factor_R_free                       0.2241 
_refine.ls_R_factor_R_free_error                 ? 
_refine.ls_R_factor_R_free_error_details         ? 
_refine.ls_R_factor_R_work                       0.1708 
_refine.ls_R_Fsqd_factor_obs                     ? 
_refine.ls_R_I_factor_obs                        ? 
_refine.ls_redundancy_reflns_all                 ? 
_refine.ls_redundancy_reflns_obs                 ? 
_refine.ls_restrained_S_all                      ? 
_refine.ls_restrained_S_obs                      ? 
_refine.ls_shift_over_esd_max                    ? 
_refine.ls_shift_over_esd_mean                   ? 
_refine.ls_structure_factor_coef                 ? 
_refine.ls_weighting_details                     ? 
_refine.ls_weighting_scheme                      ? 
_refine.ls_wR_factor_all                         ? 
_refine.ls_wR_factor_obs                         ? 
_refine.ls_wR_factor_R_free                      0.231 
_refine.ls_wR_factor_R_work                      0.177 
_refine.occupancy_max                            ? 
_refine.occupancy_min                            ? 
_refine.solvent_model_details                    'MASK BULK SOLVENT' 
_refine.solvent_model_param_bsol                 ? 
_refine.solvent_model_param_ksol                 ? 
_refine.pdbx_R_complete                          ? 
_refine.ls_R_factor_gt                           ? 
_refine.ls_goodness_of_fit_gt                    ? 
_refine.ls_goodness_of_fit_ref                   ? 
_refine.ls_shift_over_su_max                     ? 
_refine.ls_shift_over_su_max_lt                  ? 
_refine.ls_shift_over_su_mean                    ? 
_refine.ls_shift_over_su_mean_lt                 ? 
_refine.pdbx_ls_sigma_I                          ? 
_refine.pdbx_ls_sigma_F                          ? 
_refine.pdbx_ls_sigma_Fsqd                       ? 
_refine.pdbx_data_cutoff_high_absF               ? 
_refine.pdbx_data_cutoff_high_rms_absF           ? 
_refine.pdbx_data_cutoff_low_absF                ? 
_refine.pdbx_isotropic_thermal_model             ? 
_refine.pdbx_ls_cross_valid_method               'FREE R-VALUE' 
_refine.pdbx_method_to_determine_struct          'MOLECULAR REPLACEMENT' 
_refine.pdbx_starting_model                      ? 
_refine.pdbx_stereochemistry_target_values       ? 
_refine.pdbx_R_Free_selection_details            ? 
_refine.pdbx_stereochem_target_val_spec_case     ? 
_refine.pdbx_overall_ESU_R                       0.136 
_refine.pdbx_overall_ESU_R_Free                  0.143 
_refine.pdbx_solvent_vdw_probe_radii             1.200 
_refine.pdbx_solvent_ion_probe_radii             0.800 
_refine.pdbx_solvent_shrinkage_radii             0.800 
_refine.pdbx_real_space_R                        ? 
_refine.pdbx_density_correlation                 ? 
_refine.pdbx_pd_number_of_powder_patterns        ? 
_refine.pdbx_pd_number_of_points                 ? 
_refine.pdbx_pd_meas_number_of_points            ? 
_refine.pdbx_pd_proc_ls_prof_R_factor            ? 
_refine.pdbx_pd_proc_ls_prof_wR_factor           ? 
_refine.pdbx_pd_Marquardt_correlation_coeff      ? 
_refine.pdbx_pd_Fsqrd_R_factor                   ? 
_refine.pdbx_pd_ls_matrix_band_width             ? 
_refine.pdbx_overall_phase_error                 ? 
_refine.pdbx_overall_SU_R_free_Cruickshank_DPI   ? 
_refine.pdbx_overall_SU_R_free_Blow_DPI          ? 
_refine.pdbx_overall_SU_R_Blow_DPI               ? 
_refine.pdbx_TLS_residual_ADP_flag               ? 
_refine.pdbx_diffrn_id                           1 
_refine.overall_SU_B                             3.142 
_refine.overall_SU_ML                            0.089 
_refine.overall_SU_R_Cruickshank_DPI             ? 
_refine.overall_SU_R_free                        ? 
_refine.overall_FOM_free_R_set                   ? 
_refine.overall_FOM_work_R_set                   ? 
_refine.pdbx_average_fsc_overall                 ? 
_refine.pdbx_average_fsc_work                    0.9736 
_refine.pdbx_average_fsc_free                    0.9585 
# 
_refine_hist.pdbx_refine_id                   'X-RAY DIFFRACTION' 
_refine_hist.cycle_id                         LAST 
_refine_hist.details                          ? 
_refine_hist.d_res_high                       1.845 
_refine_hist.d_res_low                        38.146 
_refine_hist.number_atoms_solvent             103 
_refine_hist.number_atoms_total               1096 
_refine_hist.number_reflns_all                ? 
_refine_hist.number_reflns_obs                ? 
_refine_hist.number_reflns_R_free             ? 
_refine_hist.number_reflns_R_work             ? 
_refine_hist.R_factor_all                     ? 
_refine_hist.R_factor_obs                     ? 
_refine_hist.R_factor_R_free                  ? 
_refine_hist.R_factor_R_work                  ? 
_refine_hist.pdbx_number_residues_total       ? 
_refine_hist.pdbx_B_iso_mean_ligand           ? 
_refine_hist.pdbx_B_iso_mean_solvent          ? 
_refine_hist.pdbx_number_atoms_protein        962 
_refine_hist.pdbx_number_atoms_nucleic_acid   0 
_refine_hist.pdbx_number_atoms_ligand         31 
_refine_hist.pdbx_number_atoms_lipid          ? 
_refine_hist.pdbx_number_atoms_carb           ? 
_refine_hist.pdbx_pseudo_atom_details         ? 
# 
loop_
_refine_ls_restr.pdbx_refine_id 
_refine_ls_restr.criterion 
_refine_ls_restr.dev_ideal 
_refine_ls_restr.dev_ideal_target 
_refine_ls_restr.number 
_refine_ls_restr.rejects 
_refine_ls_restr.type 
_refine_ls_restr.weight 
_refine_ls_restr.pdbx_restraint_function 
'X-RAY DIFFRACTION' ? 0.008  0.012  1017 ? r_bond_refined_d               ? ? 
'X-RAY DIFFRACTION' ? 0.001  0.016  940  ? r_bond_other_d                 ? ? 
'X-RAY DIFFRACTION' ? 1.592  1.652  1379 ? r_angle_refined_deg            ? ? 
'X-RAY DIFFRACTION' ? 0.528  1.567  2155 ? r_angle_other_deg              ? ? 
'X-RAY DIFFRACTION' ? 6.854  5.000  129  ? r_dihedral_angle_1_deg         ? ? 
'X-RAY DIFFRACTION' ? 8.571  5.000  5    ? r_dihedral_angle_2_deg         ? ? 
'X-RAY DIFFRACTION' ? 15.348 10.000 157  ? r_dihedral_angle_3_deg         ? ? 
'X-RAY DIFFRACTION' ? 15.046 10.000 40   ? r_dihedral_angle_6_deg         ? ? 
'X-RAY DIFFRACTION' ? 0.077  0.200  153  ? r_chiral_restr                 ? ? 
'X-RAY DIFFRACTION' ? 0.009  0.020  1178 ? r_gen_planes_refined           ? ? 
'X-RAY DIFFRACTION' ? 0.001  0.020  230  ? r_gen_planes_other             ? ? 
'X-RAY DIFFRACTION' ? 0.236  0.200  181  ? r_nbd_refined                  ? ? 
'X-RAY DIFFRACTION' ? 0.206  0.200  860  ? r_symmetry_nbd_other           ? ? 
'X-RAY DIFFRACTION' ? 0.186  0.200  521  ? r_nbtor_refined                ? ? 
'X-RAY DIFFRACTION' ? 0.087  0.200  576  ? r_symmetry_nbtor_other         ? ? 
'X-RAY DIFFRACTION' ? 0.174  0.200  53   ? r_xyhbond_nbd_refined          ? ? 
'X-RAY DIFFRACTION' ? 0.126  0.200  25   ? r_symmetry_nbd_refined         ? ? 
'X-RAY DIFFRACTION' ? 0.151  0.200  73   ? r_nbd_other                    ? ? 
'X-RAY DIFFRACTION' ? 0.238  0.200  32   ? r_symmetry_xyhbond_nbd_refined ? ? 
'X-RAY DIFFRACTION' ? 3.532  3.625  514  ? r_mcbond_it                    ? ? 
'X-RAY DIFFRACTION' ? 3.530  3.626  514  ? r_mcbond_other                 ? ? 
'X-RAY DIFFRACTION' ? 4.825  6.471  638  ? r_mcangle_it                   ? ? 
'X-RAY DIFFRACTION' ? 4.824  6.475  639  ? r_mcangle_other                ? ? 
'X-RAY DIFFRACTION' ? 4.867  3.966  503  ? r_scbond_it                    ? ? 
'X-RAY DIFFRACTION' ? 4.825  3.953  500  ? r_scbond_other                 ? ? 
'X-RAY DIFFRACTION' ? 7.239  7.044  740  ? r_scangle_it                   ? ? 
'X-RAY DIFFRACTION' ? 7.234  7.042  741  ? r_scangle_other                ? ? 
'X-RAY DIFFRACTION' ? 8.973  44.879 1215 ? r_lrange_it                    ? ? 
'X-RAY DIFFRACTION' ? 8.942  42.120 1196 ? r_lrange_other                 ? ? 
# 
loop_
_refine_ls_shell.pdbx_refine_id 
_refine_ls_shell.d_res_high 
_refine_ls_shell.d_res_low 
_refine_ls_shell.number_reflns_all 
_refine_ls_shell.number_reflns_obs 
_refine_ls_shell.number_reflns_R_free 
_refine_ls_shell.number_reflns_R_work 
_refine_ls_shell.percent_reflns_obs 
_refine_ls_shell.percent_reflns_R_free 
_refine_ls_shell.R_factor_all 
_refine_ls_shell.R_factor_obs 
_refine_ls_shell.R_factor_R_free_error 
_refine_ls_shell.R_factor_R_work 
_refine_ls_shell.redundancy_reflns_all 
_refine_ls_shell.redundancy_reflns_obs 
_refine_ls_shell.wR_factor_all 
_refine_ls_shell.wR_factor_obs 
_refine_ls_shell.wR_factor_R_free 
_refine_ls_shell.wR_factor_R_work 
_refine_ls_shell.pdbx_R_complete 
_refine_ls_shell.pdbx_total_number_of_bins_used 
_refine_ls_shell.pdbx_phase_error 
_refine_ls_shell.pdbx_fsc_work 
_refine_ls_shell.pdbx_fsc_free 
_refine_ls_shell.R_factor_R_free 
'X-RAY DIFFRACTION' 1.845 1.893  1301 . 7  97   7.9939  . 0.303 . . 0.298 . . . . . 0.290 . 20 . 0.934 0.884 0.392 
'X-RAY DIFFRACTION' 1.893 1.945  1299 . 22 451  36.4126 . 0.281 . . 0.277 . . . . . 0.262 . 20 . 0.947 0.904 0.370 
'X-RAY DIFFRACTION' 1.945 2.001  1232 . 51 687  59.9026 . 0.270 . . 0.266 . . . . . 0.246 . 20 . 0.947 0.934 0.319 
'X-RAY DIFFRACTION' 2.001 2.062  1212 . 18 305  26.6502 . 0.277 . . 0.271 . . . . . 0.250 . 20 . 0.947 0.943 0.374 
'X-RAY DIFFRACTION' 2.062 2.130  1178 . 19 431  38.2003 . 0.221 . . 0.219 . . . . . 0.186 . 20 . 0.964 0.945 0.267 
'X-RAY DIFFRACTION' 2.130 2.204  1133 . 53 1034 95.9400 . 0.203 . . 0.199 . . . . . 0.165 . 20 . 0.972 0.950 0.290 
'X-RAY DIFFRACTION' 2.204 2.287  1100 . 19 551  51.8182 . 0.216 . . 0.218 . . . . . 0.179 . 20 . 0.966 0.983 0.178 
'X-RAY DIFFRACTION' 2.287 2.380  1080 . 58 1005 98.4259 . 0.191 . . 0.189 . . . . . 0.156 . 20 . 0.975 0.965 0.228 
'X-RAY DIFFRACTION' 2.380 2.486  1018 . 62 939  98.3301 . 0.189 . . 0.184 . . . . . 0.158 . 20 . 0.977 0.961 0.263 
'X-RAY DIFFRACTION' 2.486 2.606  980  . 48 915  98.2653 . 0.197 . . 0.194 . . . . . 0.168 . 20 . 0.974 0.961 0.236 
'X-RAY DIFFRACTION' 2.606 2.747  952  . 38 687  76.1555 . 0.197 . . 0.196 . . . . . 0.178 . 20 . 0.974 0.970 0.220 
'X-RAY DIFFRACTION' 2.747 2.912  884  . 46 813  97.1719 . 0.187 . . 0.182 . . . . . 0.170 . 20 . 0.977 0.932 0.307 
'X-RAY DIFFRACTION' 2.912 3.112  835  . 54 746  95.8084 . 0.187 . . 0.184 . . . . . 0.178 . 20 . 0.977 0.966 0.223 
'X-RAY DIFFRACTION' 3.112 3.360  811  . 37 753  97.4106 . 0.175 . . 0.172 . . . . . 0.178 . 20 . 0.983 0.974 0.232 
'X-RAY DIFFRACTION' 3.360 3.677  721  . 29 502  73.6477 . 0.155 . . 0.150 . . . . . 0.167 . 20 . 0.987 0.968 0.237 
'X-RAY DIFFRACTION' 3.677 4.107  678  . 28 557  86.2832 . 0.133 . . 0.132 . . . . . 0.151 . 20 . 0.990 0.984 0.165 
'X-RAY DIFFRACTION' 4.107 4.733  602  . 29 547  95.6811 . 0.126 . . 0.123 . . . . . 0.148 . 20 . 0.991 0.973 0.213 
'X-RAY DIFFRACTION' 4.733 5.774  523  . 18 471  93.4990 . 0.148 . . 0.147 . . . . . 0.183 . 20 . 0.988 0.988 0.164 
'X-RAY DIFFRACTION' 5.774 8.074  421  . 24 365  92.3990 . 0.185 . . 0.182 . . . . . 0.235 . 20 . 0.980 0.975 0.229 
'X-RAY DIFFRACTION' 8.074 38.146 276  . 8  246  92.0290 . 0.185 . . 0.188 . . . . . 0.256 . 20 . 0.977 0.992 0.084 
# 
_struct.entry_id                     8J68 
_struct.title                        'Crystal structure of the LOV1 R60K mutant of Klebsormidium nitens phototropin' 
_struct.pdbx_model_details           ? 
_struct.pdbx_formula_weight          ? 
_struct.pdbx_formula_weight_method   ? 
_struct.pdbx_model_type_details      ? 
_struct.pdbx_CASP_flag               N 
# 
_struct_keywords.entry_id        8J68 
_struct_keywords.text            'flavin binding protein, FLAVOPROTEIN' 
_struct_keywords.pdbx_keywords   FLAVOPROTEIN 
# 
loop_
_struct_asym.id 
_struct_asym.pdbx_blank_PDB_chainid_flag 
_struct_asym.pdbx_modified 
_struct_asym.entity_id 
_struct_asym.details 
A N N 1 ? 
B N N 2 ? 
C N N 3 ? 
# 
_struct_ref.id                         1 
_struct_ref.db_name                    UNP 
_struct_ref.db_code                    A0A1Y1HNG4_KLENI 
_struct_ref.pdbx_db_accession          A0A1Y1HNG4 
_struct_ref.pdbx_db_isoform            ? 
_struct_ref.entity_id                  1 
_struct_ref.pdbx_seq_one_letter_code   
;KDALSTFKHTFVVADATKDMAIMYASAGFYEMTQYGPEDVIGKNCRFLQGPGTDTEEVARIRRAIKNGESHCGRLLNYKK
DGTPFWNLLTLAPIKNEQGAVVKFIGMQVEVTQFTEGELEKAMRPNGLSTSL
;
_struct_ref.pdbx_align_begin           48 
# 
_struct_ref_seq.align_id                      1 
_struct_ref_seq.ref_id                        1 
_struct_ref_seq.pdbx_PDB_id_code              8J68 
_struct_ref_seq.pdbx_strand_id                A 
_struct_ref_seq.seq_align_beg                 15 
_struct_ref_seq.pdbx_seq_align_beg_ins_code   ? 
_struct_ref_seq.seq_align_end                 146 
_struct_ref_seq.pdbx_seq_align_end_ins_code   ? 
_struct_ref_seq.pdbx_db_accession             A0A1Y1HNG4 
_struct_ref_seq.db_align_beg                  48 
_struct_ref_seq.pdbx_db_align_beg_ins_code    ? 
_struct_ref_seq.db_align_end                  179 
_struct_ref_seq.pdbx_db_align_end_ins_code    ? 
_struct_ref_seq.pdbx_auth_seq_align_beg       15 
_struct_ref_seq.pdbx_auth_seq_align_end       146 
# 
loop_
_struct_ref_seq_dif.align_id 
_struct_ref_seq_dif.pdbx_pdb_id_code 
_struct_ref_seq_dif.mon_id 
_struct_ref_seq_dif.pdbx_pdb_strand_id 
_struct_ref_seq_dif.seq_num 
_struct_ref_seq_dif.pdbx_pdb_ins_code 
_struct_ref_seq_dif.pdbx_seq_db_name 
_struct_ref_seq_dif.pdbx_seq_db_accession_code 
_struct_ref_seq_dif.db_mon_id 
_struct_ref_seq_dif.pdbx_seq_db_seq_num 
_struct_ref_seq_dif.details 
_struct_ref_seq_dif.pdbx_auth_seq_num 
_struct_ref_seq_dif.pdbx_ordinal 
1 8J68 MET A 1   ? UNP A0A1Y1HNG4 ?   ?  'initiating methionine' 1   1  
1 8J68 ALA A 2   ? UNP A0A1Y1HNG4 ?   ?  'expression tag'        2   2  
1 8J68 SER A 3   ? UNP A0A1Y1HNG4 ?   ?  'expression tag'        3   3  
1 8J68 MET A 4   ? UNP A0A1Y1HNG4 ?   ?  'expression tag'        4   4  
1 8J68 THR A 5   ? UNP A0A1Y1HNG4 ?   ?  'expression tag'        5   5  
1 8J68 GLY A 6   ? UNP A0A1Y1HNG4 ?   ?  'expression tag'        6   6  
1 8J68 GLY A 7   ? UNP A0A1Y1HNG4 ?   ?  'expression tag'        7   7  
1 8J68 GLN A 8   ? UNP A0A1Y1HNG4 ?   ?  'expression tag'        8   8  
1 8J68 GLN A 9   ? UNP A0A1Y1HNG4 ?   ?  'expression tag'        9   9  
1 8J68 MET A 10  ? UNP A0A1Y1HNG4 ?   ?  'expression tag'        10  10 
1 8J68 GLY A 11  ? UNP A0A1Y1HNG4 ?   ?  'expression tag'        11  11 
1 8J68 ARG A 12  ? UNP A0A1Y1HNG4 ?   ?  'expression tag'        12  12 
1 8J68 GLY A 13  ? UNP A0A1Y1HNG4 ?   ?  'expression tag'        13  13 
1 8J68 SER A 14  ? UNP A0A1Y1HNG4 ?   ?  'expression tag'        14  14 
1 8J68 LYS A 60  ? UNP A0A1Y1HNG4 ARG 93 'engineered mutation'   60  15 
1 8J68 GLU A 147 ? UNP A0A1Y1HNG4 ?   ?  'expression tag'        147 16 
1 8J68 HIS A 148 ? UNP A0A1Y1HNG4 ?   ?  'expression tag'        148 17 
1 8J68 HIS A 149 ? UNP A0A1Y1HNG4 ?   ?  'expression tag'        149 18 
1 8J68 HIS A 150 ? UNP A0A1Y1HNG4 ?   ?  'expression tag'        150 19 
1 8J68 HIS A 151 ? UNP A0A1Y1HNG4 ?   ?  'expression tag'        151 20 
1 8J68 HIS A 152 ? UNP A0A1Y1HNG4 ?   ?  'expression tag'        152 21 
1 8J68 HIS A 153 ? UNP A0A1Y1HNG4 ?   ?  'expression tag'        153 22 
# 
_pdbx_struct_assembly.id                   1 
_pdbx_struct_assembly.details              author_and_software_defined_assembly 
_pdbx_struct_assembly.method_details       PISA 
_pdbx_struct_assembly.oligomeric_details   dimeric 
_pdbx_struct_assembly.oligomeric_count     2 
# 
loop_
_pdbx_struct_assembly_prop.biol_id 
_pdbx_struct_assembly_prop.type 
_pdbx_struct_assembly_prop.value 
_pdbx_struct_assembly_prop.details 
1 'ABSA (A^2)' 3310  ? 
1 MORE         -24   ? 
1 'SSA (A^2)'  12650 ? 
# 
_pdbx_struct_assembly_gen.assembly_id       1 
_pdbx_struct_assembly_gen.oper_expression   1,2 
_pdbx_struct_assembly_gen.asym_id_list      A,B,C 
# 
_pdbx_struct_assembly_auth_evidence.id                     1 
_pdbx_struct_assembly_auth_evidence.assembly_id            1 
_pdbx_struct_assembly_auth_evidence.experimental_support   'gel filtration' 
_pdbx_struct_assembly_auth_evidence.details                ? 
# 
loop_
_pdbx_struct_oper_list.id 
_pdbx_struct_oper_list.type 
_pdbx_struct_oper_list.name 
_pdbx_struct_oper_list.symmetry_operation 
_pdbx_struct_oper_list.matrix[1][1] 
_pdbx_struct_oper_list.matrix[1][2] 
_pdbx_struct_oper_list.matrix[1][3] 
_pdbx_struct_oper_list.vector[1] 
_pdbx_struct_oper_list.matrix[2][1] 
_pdbx_struct_oper_list.matrix[2][2] 
_pdbx_struct_oper_list.matrix[2][3] 
_pdbx_struct_oper_list.vector[2] 
_pdbx_struct_oper_list.matrix[3][1] 
_pdbx_struct_oper_list.matrix[3][2] 
_pdbx_struct_oper_list.matrix[3][3] 
_pdbx_struct_oper_list.vector[3] 
1 'identity operation'         1_555 x,y,z  1.0000000000  0.0000000000 0.0000000000  0.0000000000  0.0000000000 1.0000000000  0.0000000000  0.0000000000   0.0000000000  0.0000000000  1.0000000000 0.0000000000  
2 'crystal symmetry operation' 7_555 y,x,-z -0.6901328956 0.3928488052 -0.6077716699 10.9652405349 0.3928488052 -0.5019471846 -0.7705315309 -13.2645596903 -0.6077716699 -0.7705315309 0.1920800802 -2.9833557269 
# 
loop_
_struct_conf.conf_type_id 
_struct_conf.id 
_struct_conf.pdbx_PDB_helix_id 
_struct_conf.beg_label_comp_id 
_struct_conf.beg_label_asym_id 
_struct_conf.beg_label_seq_id 
_struct_conf.pdbx_beg_PDB_ins_code 
_struct_conf.end_label_comp_id 
_struct_conf.end_label_asym_id 
_struct_conf.end_label_seq_id 
_struct_conf.pdbx_end_PDB_ins_code 
_struct_conf.beg_auth_comp_id 
_struct_conf.beg_auth_asym_id 
_struct_conf.beg_auth_seq_id 
_struct_conf.end_auth_comp_id 
_struct_conf.end_auth_asym_id 
_struct_conf.end_auth_seq_id 
_struct_conf.pdbx_PDB_helix_class 
_struct_conf.details 
_struct_conf.pdbx_PDB_helix_length 
HELX_P HELX_P1 AA1 THR A 31  ? ASP A 33  ? THR A 31  ASP A 33  5 ? 3  
HELX_P HELX_P2 AA2 SER A 40  ? GLN A 48  ? SER A 40  GLN A 48  1 ? 9  
HELX_P HELX_P3 AA3 GLY A 50  ? ILE A 55  ? GLY A 50  ILE A 55  1 ? 6  
HELX_P HELX_P4 AA4 ASN A 58  ? GLN A 63  ? ASN A 58  GLN A 63  5 ? 6  
HELX_P HELX_P5 AA5 ASP A 68  ? GLY A 82  ? ASP A 68  GLY A 82  1 ? 15 
HELX_P HELX_P6 AA6 THR A 129 ? ARG A 138 ? THR A 129 ARG A 138 1 ? 10 
# 
_struct_conf_type.id          HELX_P 
_struct_conf_type.criteria    ? 
_struct_conf_type.reference   ? 
# 
_struct_conn.id                            disulf1 
_struct_conn.conn_type_id                  disulf 
_struct_conn.pdbx_leaving_atom_flag        ? 
_struct_conn.pdbx_PDB_id                   ? 
_struct_conn.ptnr1_label_asym_id           A 
_struct_conn.ptnr1_label_comp_id           CYS 
_struct_conn.ptnr1_label_seq_id            86 
_struct_conn.ptnr1_label_atom_id           SG 
_struct_conn.pdbx_ptnr1_label_alt_id       A 
_struct_conn.pdbx_ptnr1_PDB_ins_code       ? 
_struct_conn.pdbx_ptnr1_standard_comp_id   ? 
_struct_conn.ptnr1_symmetry                1_555 
_struct_conn.ptnr2_label_asym_id           A 
_struct_conn.ptnr2_label_comp_id           CYS 
_struct_conn.ptnr2_label_seq_id            86 
_struct_conn.ptnr2_label_atom_id           SG 
_struct_conn.pdbx_ptnr2_label_alt_id       A 
_struct_conn.pdbx_ptnr2_PDB_ins_code       ? 
_struct_conn.ptnr1_auth_asym_id            A 
_struct_conn.ptnr1_auth_comp_id            CYS 
_struct_conn.ptnr1_auth_seq_id             86 
_struct_conn.ptnr2_auth_asym_id            A 
_struct_conn.ptnr2_auth_comp_id            CYS 
_struct_conn.ptnr2_auth_seq_id             86 
_struct_conn.ptnr2_symmetry                7_555 
_struct_conn.pdbx_ptnr3_label_atom_id      ? 
_struct_conn.pdbx_ptnr3_label_seq_id       ? 
_struct_conn.pdbx_ptnr3_label_comp_id      ? 
_struct_conn.pdbx_ptnr3_label_asym_id      ? 
_struct_conn.pdbx_ptnr3_label_alt_id       ? 
_struct_conn.pdbx_ptnr3_PDB_ins_code       ? 
_struct_conn.details                       ? 
_struct_conn.pdbx_dist_value               2.235 
_struct_conn.pdbx_value_order              ? 
_struct_conn.pdbx_role                     ? 
# 
_struct_conn_type.id          disulf 
_struct_conn_type.criteria    ? 
_struct_conn_type.reference   ? 
# 
_pdbx_modification_feature.ordinal                            1 
_pdbx_modification_feature.label_comp_id                      CYS 
_pdbx_modification_feature.label_asym_id                      A 
_pdbx_modification_feature.label_seq_id                       86 
_pdbx_modification_feature.label_alt_id                       A 
_pdbx_modification_feature.modified_residue_label_comp_id     CYS 
_pdbx_modification_feature.modified_residue_label_asym_id     A 
_pdbx_modification_feature.modified_residue_label_seq_id      86 
_pdbx_modification_feature.modified_residue_label_alt_id      A 
_pdbx_modification_feature.auth_comp_id                       CYS 
_pdbx_modification_feature.auth_asym_id                       A 
_pdbx_modification_feature.auth_seq_id                        86 
_pdbx_modification_feature.PDB_ins_code                       ? 
_pdbx_modification_feature.symmetry                           1_555 
_pdbx_modification_feature.modified_residue_auth_comp_id      CYS 
_pdbx_modification_feature.modified_residue_auth_asym_id      A 
_pdbx_modification_feature.modified_residue_auth_seq_id       86 
_pdbx_modification_feature.modified_residue_PDB_ins_code      ? 
_pdbx_modification_feature.modified_residue_symmetry          7_555 
_pdbx_modification_feature.comp_id_linking_atom               SG 
_pdbx_modification_feature.modified_residue_id_linking_atom   SG 
_pdbx_modification_feature.modified_residue_id                . 
_pdbx_modification_feature.ref_pcm_id                         . 
_pdbx_modification_feature.ref_comp_id                        . 
_pdbx_modification_feature.type                               None 
_pdbx_modification_feature.category                           'Disulfide bridge' 
# 
_struct_sheet.id               AA1 
_struct_sheet.type             ? 
_struct_sheet.number_strands   5 
_struct_sheet.details          ? 
# 
loop_
_struct_sheet_order.sheet_id 
_struct_sheet_order.range_id_1 
_struct_sheet_order.range_id_2 
_struct_sheet_order.offset 
_struct_sheet_order.sense 
AA1 1 2 ? anti-parallel 
AA1 2 3 ? anti-parallel 
AA1 3 4 ? anti-parallel 
AA1 4 5 ? anti-parallel 
# 
loop_
_struct_sheet_range.sheet_id 
_struct_sheet_range.id 
_struct_sheet_range.beg_label_comp_id 
_struct_sheet_range.beg_label_asym_id 
_struct_sheet_range.beg_label_seq_id 
_struct_sheet_range.pdbx_beg_PDB_ins_code 
_struct_sheet_range.end_label_comp_id 
_struct_sheet_range.end_label_asym_id 
_struct_sheet_range.end_label_seq_id 
_struct_sheet_range.pdbx_end_PDB_ins_code 
_struct_sheet_range.beg_auth_comp_id 
_struct_sheet_range.beg_auth_asym_id 
_struct_sheet_range.beg_auth_seq_id 
_struct_sheet_range.end_auth_comp_id 
_struct_sheet_range.end_auth_asym_id 
_struct_sheet_range.end_auth_seq_id 
AA1 1 ILE A 36  ? ALA A 39  ? ILE A 36  ALA A 39  
AA1 2 PHE A 25  ? ASP A 29  ? PHE A 25  ASP A 29  
AA1 3 VAL A 115 ? GLU A 124 ? VAL A 115 GLU A 124 
AA1 4 PRO A 98  ? LYS A 109 ? PRO A 98  LYS A 109 
AA1 5 HIS A 85  ? TYR A 92  ? HIS A 85  TYR A 92  
# 
loop_
_pdbx_struct_sheet_hbond.sheet_id 
_pdbx_struct_sheet_hbond.range_id_1 
_pdbx_struct_sheet_hbond.range_id_2 
_pdbx_struct_sheet_hbond.range_1_label_atom_id 
_pdbx_struct_sheet_hbond.range_1_label_comp_id 
_pdbx_struct_sheet_hbond.range_1_label_asym_id 
_pdbx_struct_sheet_hbond.range_1_label_seq_id 
_pdbx_struct_sheet_hbond.range_1_PDB_ins_code 
_pdbx_struct_sheet_hbond.range_1_auth_atom_id 
_pdbx_struct_sheet_hbond.range_1_auth_comp_id 
_pdbx_struct_sheet_hbond.range_1_auth_asym_id 
_pdbx_struct_sheet_hbond.range_1_auth_seq_id 
_pdbx_struct_sheet_hbond.range_2_label_atom_id 
_pdbx_struct_sheet_hbond.range_2_label_comp_id 
_pdbx_struct_sheet_hbond.range_2_label_asym_id 
_pdbx_struct_sheet_hbond.range_2_label_seq_id 
_pdbx_struct_sheet_hbond.range_2_PDB_ins_code 
_pdbx_struct_sheet_hbond.range_2_auth_atom_id 
_pdbx_struct_sheet_hbond.range_2_auth_comp_id 
_pdbx_struct_sheet_hbond.range_2_auth_asym_id 
_pdbx_struct_sheet_hbond.range_2_auth_seq_id 
AA1 1 2 O MET A 37  ? O MET A 37  N VAL A 27  ? N VAL A 27  
AA1 2 3 N ALA A 28  ? N ALA A 28  O PHE A 118 ? O PHE A 118 
AA1 3 4 O LYS A 117 ? O LYS A 117 N ILE A 108 ? N ILE A 108 
AA1 4 5 O LEU A 105 ? O LEU A 105 N HIS A 85  ? N HIS A 85  
# 
_pdbx_entry_details.entry_id                   8J68 
_pdbx_entry_details.has_ligand_of_interest     Y 
_pdbx_entry_details.compound_details           ? 
_pdbx_entry_details.source_details             ? 
_pdbx_entry_details.nonpolymer_details         ? 
_pdbx_entry_details.sequence_details           ? 
_pdbx_entry_details.has_protein_modification   Y 
# 
loop_
_pdbx_validate_torsion.id 
_pdbx_validate_torsion.PDB_model_num 
_pdbx_validate_torsion.auth_comp_id 
_pdbx_validate_torsion.auth_asym_id 
_pdbx_validate_torsion.auth_seq_id 
_pdbx_validate_torsion.PDB_ins_code 
_pdbx_validate_torsion.label_alt_id 
_pdbx_validate_torsion.phi 
_pdbx_validate_torsion.psi 
1 1 LYS A 32  ? ? -144.05 43.70 
2 1 GLN A 48  ? ? 72.09   -1.71 
3 1 PRO A 139 ? ? -83.65  45.31 
# 
loop_
_pdbx_distant_solvent_atoms.id 
_pdbx_distant_solvent_atoms.PDB_model_num 
_pdbx_distant_solvent_atoms.auth_atom_id 
_pdbx_distant_solvent_atoms.label_alt_id 
_pdbx_distant_solvent_atoms.auth_asym_id 
_pdbx_distant_solvent_atoms.auth_comp_id 
_pdbx_distant_solvent_atoms.auth_seq_id 
_pdbx_distant_solvent_atoms.PDB_ins_code 
_pdbx_distant_solvent_atoms.neighbor_macromolecule_distance 
_pdbx_distant_solvent_atoms.neighbor_ligand_distance 
1 1 O ? A HOH 400 ? 6.08  . 
2 1 O ? A HOH 401 ? 6.50  . 
3 1 O ? A HOH 402 ? 9.30  . 
4 1 O ? A HOH 403 ? 16.10 . 
# 
loop_
_pdbx_unobs_or_zero_occ_residues.id 
_pdbx_unobs_or_zero_occ_residues.PDB_model_num 
_pdbx_unobs_or_zero_occ_residues.polymer_flag 
_pdbx_unobs_or_zero_occ_residues.occupancy_flag 
_pdbx_unobs_or_zero_occ_residues.auth_asym_id 
_pdbx_unobs_or_zero_occ_residues.auth_comp_id 
_pdbx_unobs_or_zero_occ_residues.auth_seq_id 
_pdbx_unobs_or_zero_occ_residues.PDB_ins_code 
_pdbx_unobs_or_zero_occ_residues.label_asym_id 
_pdbx_unobs_or_zero_occ_residues.label_comp_id 
_pdbx_unobs_or_zero_occ_residues.label_seq_id 
1  1 Y 1 A MET 1   ? A MET 1   
2  1 Y 1 A ALA 2   ? A ALA 2   
3  1 Y 1 A SER 3   ? A SER 3   
4  1 Y 1 A MET 4   ? A MET 4   
5  1 Y 1 A THR 5   ? A THR 5   
6  1 Y 1 A GLY 6   ? A GLY 6   
7  1 Y 1 A GLY 7   ? A GLY 7   
8  1 Y 1 A GLN 8   ? A GLN 8   
9  1 Y 1 A GLN 9   ? A GLN 9   
10 1 Y 1 A MET 10  ? A MET 10  
11 1 Y 1 A GLY 11  ? A GLY 11  
12 1 Y 1 A LYS 15  ? A LYS 15  
13 1 Y 1 A ASP 16  ? A ASP 16  
14 1 Y 1 A SER 143 ? A SER 143 
15 1 Y 1 A THR 144 ? A THR 144 
16 1 Y 1 A SER 145 ? A SER 145 
17 1 Y 1 A LEU 146 ? A LEU 146 
18 1 Y 1 A GLU 147 ? A GLU 147 
19 1 Y 1 A HIS 148 ? A HIS 148 
20 1 Y 1 A HIS 149 ? A HIS 149 
21 1 Y 1 A HIS 150 ? A HIS 150 
22 1 Y 1 A HIS 151 ? A HIS 151 
23 1 Y 1 A HIS 152 ? A HIS 152 
24 1 Y 1 A HIS 153 ? A HIS 153 
# 
loop_
_chem_comp_atom.comp_id 
_chem_comp_atom.atom_id 
_chem_comp_atom.type_symbol 
_chem_comp_atom.pdbx_aromatic_flag 
_chem_comp_atom.pdbx_stereo_config 
_chem_comp_atom.pdbx_ordinal 
ALA N      N N N 1   
ALA CA     C N S 2   
ALA C      C N N 3   
ALA O      O N N 4   
ALA CB     C N N 5   
ALA OXT    O N N 6   
ALA H      H N N 7   
ALA H2     H N N 8   
ALA HA     H N N 9   
ALA HB1    H N N 10  
ALA HB2    H N N 11  
ALA HB3    H N N 12  
ALA HXT    H N N 13  
ARG N      N N N 14  
ARG CA     C N S 15  
ARG C      C N N 16  
ARG O      O N N 17  
ARG CB     C N N 18  
ARG CG     C N N 19  
ARG CD     C N N 20  
ARG NE     N N N 21  
ARG CZ     C N N 22  
ARG NH1    N N N 23  
ARG NH2    N N N 24  
ARG OXT    O N N 25  
ARG H      H N N 26  
ARG H2     H N N 27  
ARG HA     H N N 28  
ARG HB2    H N N 29  
ARG HB3    H N N 30  
ARG HG2    H N N 31  
ARG HG3    H N N 32  
ARG HD2    H N N 33  
ARG HD3    H N N 34  
ARG HE     H N N 35  
ARG HH11   H N N 36  
ARG HH12   H N N 37  
ARG HH21   H N N 38  
ARG HH22   H N N 39  
ARG HXT    H N N 40  
ASN N      N N N 41  
ASN CA     C N S 42  
ASN C      C N N 43  
ASN O      O N N 44  
ASN CB     C N N 45  
ASN CG     C N N 46  
ASN OD1    O N N 47  
ASN ND2    N N N 48  
ASN OXT    O N N 49  
ASN H      H N N 50  
ASN H2     H N N 51  
ASN HA     H N N 52  
ASN HB2    H N N 53  
ASN HB3    H N N 54  
ASN HD21   H N N 55  
ASN HD22   H N N 56  
ASN HXT    H N N 57  
ASP N      N N N 58  
ASP CA     C N S 59  
ASP C      C N N 60  
ASP O      O N N 61  
ASP CB     C N N 62  
ASP CG     C N N 63  
ASP OD1    O N N 64  
ASP OD2    O N N 65  
ASP OXT    O N N 66  
ASP H      H N N 67  
ASP H2     H N N 68  
ASP HA     H N N 69  
ASP HB2    H N N 70  
ASP HB3    H N N 71  
ASP HD2    H N N 72  
ASP HXT    H N N 73  
CYS N      N N N 74  
CYS CA     C N R 75  
CYS C      C N N 76  
CYS O      O N N 77  
CYS CB     C N N 78  
CYS SG     S N N 79  
CYS OXT    O N N 80  
CYS H      H N N 81  
CYS H2     H N N 82  
CYS HA     H N N 83  
CYS HB2    H N N 84  
CYS HB3    H N N 85  
CYS HG     H N N 86  
CYS HXT    H N N 87  
FMN N1     N N N 88  
FMN C2     C N N 89  
FMN O2     O N N 90  
FMN N3     N N N 91  
FMN C4     C N N 92  
FMN O4     O N N 93  
FMN C4A    C N N 94  
FMN N5     N N N 95  
FMN C5A    C Y N 96  
FMN C6     C Y N 97  
FMN C7     C Y N 98  
FMN C7M    C N N 99  
FMN C8     C Y N 100 
FMN C8M    C N N 101 
FMN C9     C Y N 102 
FMN C9A    C Y N 103 
FMN N10    N N N 104 
FMN C10    C N N 105 
FMN "C1'"  C N N 106 
FMN "C2'"  C N S 107 
FMN "O2'"  O N N 108 
FMN "C3'"  C N S 109 
FMN "O3'"  O N N 110 
FMN "C4'"  C N R 111 
FMN "O4'"  O N N 112 
FMN "C5'"  C N N 113 
FMN "O5'"  O N N 114 
FMN P      P N N 115 
FMN O1P    O N N 116 
FMN O2P    O N N 117 
FMN O3P    O N N 118 
FMN HN3    H N N 119 
FMN H6     H N N 120 
FMN HM71   H N N 121 
FMN HM72   H N N 122 
FMN HM73   H N N 123 
FMN HM81   H N N 124 
FMN HM82   H N N 125 
FMN HM83   H N N 126 
FMN H9     H N N 127 
FMN "H1'1" H N N 128 
FMN "H1'2" H N N 129 
FMN "H2'"  H N N 130 
FMN "HO2'" H N N 131 
FMN "H3'"  H N N 132 
FMN "HO3'" H N N 133 
FMN "H4'"  H N N 134 
FMN "HO4'" H N N 135 
FMN "H5'1" H N N 136 
FMN "H5'2" H N N 137 
FMN HOP2   H N N 138 
FMN HOP3   H N N 139 
GLN N      N N N 140 
GLN CA     C N S 141 
GLN C      C N N 142 
GLN O      O N N 143 
GLN CB     C N N 144 
GLN CG     C N N 145 
GLN CD     C N N 146 
GLN OE1    O N N 147 
GLN NE2    N N N 148 
GLN OXT    O N N 149 
GLN H      H N N 150 
GLN H2     H N N 151 
GLN HA     H N N 152 
GLN HB2    H N N 153 
GLN HB3    H N N 154 
GLN HG2    H N N 155 
GLN HG3    H N N 156 
GLN HE21   H N N 157 
GLN HE22   H N N 158 
GLN HXT    H N N 159 
GLU N      N N N 160 
GLU CA     C N S 161 
GLU C      C N N 162 
GLU O      O N N 163 
GLU CB     C N N 164 
GLU CG     C N N 165 
GLU CD     C N N 166 
GLU OE1    O N N 167 
GLU OE2    O N N 168 
GLU OXT    O N N 169 
GLU H      H N N 170 
GLU H2     H N N 171 
GLU HA     H N N 172 
GLU HB2    H N N 173 
GLU HB3    H N N 174 
GLU HG2    H N N 175 
GLU HG3    H N N 176 
GLU HE2    H N N 177 
GLU HXT    H N N 178 
GLY N      N N N 179 
GLY CA     C N N 180 
GLY C      C N N 181 
GLY O      O N N 182 
GLY OXT    O N N 183 
GLY H      H N N 184 
GLY H2     H N N 185 
GLY HA2    H N N 186 
GLY HA3    H N N 187 
GLY HXT    H N N 188 
HIS N      N N N 189 
HIS CA     C N S 190 
HIS C      C N N 191 
HIS O      O N N 192 
HIS CB     C N N 193 
HIS CG     C Y N 194 
HIS ND1    N Y N 195 
HIS CD2    C Y N 196 
HIS CE1    C Y N 197 
HIS NE2    N Y N 198 
HIS OXT    O N N 199 
HIS H      H N N 200 
HIS H2     H N N 201 
HIS HA     H N N 202 
HIS HB2    H N N 203 
HIS HB3    H N N 204 
HIS HD1    H N N 205 
HIS HD2    H N N 206 
HIS HE1    H N N 207 
HIS HE2    H N N 208 
HIS HXT    H N N 209 
HOH O      O N N 210 
HOH H1     H N N 211 
HOH H2     H N N 212 
ILE N      N N N 213 
ILE CA     C N S 214 
ILE C      C N N 215 
ILE O      O N N 216 
ILE CB     C N S 217 
ILE CG1    C N N 218 
ILE CG2    C N N 219 
ILE CD1    C N N 220 
ILE OXT    O N N 221 
ILE H      H N N 222 
ILE H2     H N N 223 
ILE HA     H N N 224 
ILE HB     H N N 225 
ILE HG12   H N N 226 
ILE HG13   H N N 227 
ILE HG21   H N N 228 
ILE HG22   H N N 229 
ILE HG23   H N N 230 
ILE HD11   H N N 231 
ILE HD12   H N N 232 
ILE HD13   H N N 233 
ILE HXT    H N N 234 
LEU N      N N N 235 
LEU CA     C N S 236 
LEU C      C N N 237 
LEU O      O N N 238 
LEU CB     C N N 239 
LEU CG     C N N 240 
LEU CD1    C N N 241 
LEU CD2    C N N 242 
LEU OXT    O N N 243 
LEU H      H N N 244 
LEU H2     H N N 245 
LEU HA     H N N 246 
LEU HB2    H N N 247 
LEU HB3    H N N 248 
LEU HG     H N N 249 
LEU HD11   H N N 250 
LEU HD12   H N N 251 
LEU HD13   H N N 252 
LEU HD21   H N N 253 
LEU HD22   H N N 254 
LEU HD23   H N N 255 
LEU HXT    H N N 256 
LYS N      N N N 257 
LYS CA     C N S 258 
LYS C      C N N 259 
LYS O      O N N 260 
LYS CB     C N N 261 
LYS CG     C N N 262 
LYS CD     C N N 263 
LYS CE     C N N 264 
LYS NZ     N N N 265 
LYS OXT    O N N 266 
LYS H      H N N 267 
LYS H2     H N N 268 
LYS HA     H N N 269 
LYS HB2    H N N 270 
LYS HB3    H N N 271 
LYS HG2    H N N 272 
LYS HG3    H N N 273 
LYS HD2    H N N 274 
LYS HD3    H N N 275 
LYS HE2    H N N 276 
LYS HE3    H N N 277 
LYS HZ1    H N N 278 
LYS HZ2    H N N 279 
LYS HZ3    H N N 280 
LYS HXT    H N N 281 
MET N      N N N 282 
MET CA     C N S 283 
MET C      C N N 284 
MET O      O N N 285 
MET CB     C N N 286 
MET CG     C N N 287 
MET SD     S N N 288 
MET CE     C N N 289 
MET OXT    O N N 290 
MET H      H N N 291 
MET H2     H N N 292 
MET HA     H N N 293 
MET HB2    H N N 294 
MET HB3    H N N 295 
MET HG2    H N N 296 
MET HG3    H N N 297 
MET HE1    H N N 298 
MET HE2    H N N 299 
MET HE3    H N N 300 
MET HXT    H N N 301 
PHE N      N N N 302 
PHE CA     C N S 303 
PHE C      C N N 304 
PHE O      O N N 305 
PHE CB     C N N 306 
PHE CG     C Y N 307 
PHE CD1    C Y N 308 
PHE CD2    C Y N 309 
PHE CE1    C Y N 310 
PHE CE2    C Y N 311 
PHE CZ     C Y N 312 
PHE OXT    O N N 313 
PHE H      H N N 314 
PHE H2     H N N 315 
PHE HA     H N N 316 
PHE HB2    H N N 317 
PHE HB3    H N N 318 
PHE HD1    H N N 319 
PHE HD2    H N N 320 
PHE HE1    H N N 321 
PHE HE2    H N N 322 
PHE HZ     H N N 323 
PHE HXT    H N N 324 
PRO N      N N N 325 
PRO CA     C N S 326 
PRO C      C N N 327 
PRO O      O N N 328 
PRO CB     C N N 329 
PRO CG     C N N 330 
PRO CD     C N N 331 
PRO OXT    O N N 332 
PRO H      H N N 333 
PRO HA     H N N 334 
PRO HB2    H N N 335 
PRO HB3    H N N 336 
PRO HG2    H N N 337 
PRO HG3    H N N 338 
PRO HD2    H N N 339 
PRO HD3    H N N 340 
PRO HXT    H N N 341 
SER N      N N N 342 
SER CA     C N S 343 
SER C      C N N 344 
SER O      O N N 345 
SER CB     C N N 346 
SER OG     O N N 347 
SER OXT    O N N 348 
SER H      H N N 349 
SER H2     H N N 350 
SER HA     H N N 351 
SER HB2    H N N 352 
SER HB3    H N N 353 
SER HG     H N N 354 
SER HXT    H N N 355 
THR N      N N N 356 
THR CA     C N S 357 
THR C      C N N 358 
THR O      O N N 359 
THR CB     C N R 360 
THR OG1    O N N 361 
THR CG2    C N N 362 
THR OXT    O N N 363 
THR H      H N N 364 
THR H2     H N N 365 
THR HA     H N N 366 
THR HB     H N N 367 
THR HG1    H N N 368 
THR HG21   H N N 369 
THR HG22   H N N 370 
THR HG23   H N N 371 
THR HXT    H N N 372 
TRP N      N N N 373 
TRP CA     C N S 374 
TRP C      C N N 375 
TRP O      O N N 376 
TRP CB     C N N 377 
TRP CG     C Y N 378 
TRP CD1    C Y N 379 
TRP CD2    C Y N 380 
TRP NE1    N Y N 381 
TRP CE2    C Y N 382 
TRP CE3    C Y N 383 
TRP CZ2    C Y N 384 
TRP CZ3    C Y N 385 
TRP CH2    C Y N 386 
TRP OXT    O N N 387 
TRP H      H N N 388 
TRP H2     H N N 389 
TRP HA     H N N 390 
TRP HB2    H N N 391 
TRP HB3    H N N 392 
TRP HD1    H N N 393 
TRP HE1    H N N 394 
TRP HE3    H N N 395 
TRP HZ2    H N N 396 
TRP HZ3    H N N 397 
TRP HH2    H N N 398 
TRP HXT    H N N 399 
TYR N      N N N 400 
TYR CA     C N S 401 
TYR C      C N N 402 
TYR O      O N N 403 
TYR CB     C N N 404 
TYR CG     C Y N 405 
TYR CD1    C Y N 406 
TYR CD2    C Y N 407 
TYR CE1    C Y N 408 
TYR CE2    C Y N 409 
TYR CZ     C Y N 410 
TYR OH     O N N 411 
TYR OXT    O N N 412 
TYR H      H N N 413 
TYR H2     H N N 414 
TYR HA     H N N 415 
TYR HB2    H N N 416 
TYR HB3    H N N 417 
TYR HD1    H N N 418 
TYR HD2    H N N 419 
TYR HE1    H N N 420 
TYR HE2    H N N 421 
TYR HH     H N N 422 
TYR HXT    H N N 423 
VAL N      N N N 424 
VAL CA     C N S 425 
VAL C      C N N 426 
VAL O      O N N 427 
VAL CB     C N N 428 
VAL CG1    C N N 429 
VAL CG2    C N N 430 
VAL OXT    O N N 431 
VAL H      H N N 432 
VAL H2     H N N 433 
VAL HA     H N N 434 
VAL HB     H N N 435 
VAL HG11   H N N 436 
VAL HG12   H N N 437 
VAL HG13   H N N 438 
VAL HG21   H N N 439 
VAL HG22   H N N 440 
VAL HG23   H N N 441 
VAL HXT    H N N 442 
# 
loop_
_chem_comp_bond.comp_id 
_chem_comp_bond.atom_id_1 
_chem_comp_bond.atom_id_2 
_chem_comp_bond.value_order 
_chem_comp_bond.pdbx_aromatic_flag 
_chem_comp_bond.pdbx_stereo_config 
_chem_comp_bond.pdbx_ordinal 
ALA N     CA     sing N N 1   
ALA N     H      sing N N 2   
ALA N     H2     sing N N 3   
ALA CA    C      sing N N 4   
ALA CA    CB     sing N N 5   
ALA CA    HA     sing N N 6   
ALA C     O      doub N N 7   
ALA C     OXT    sing N N 8   
ALA CB    HB1    sing N N 9   
ALA CB    HB2    sing N N 10  
ALA CB    HB3    sing N N 11  
ALA OXT   HXT    sing N N 12  
ARG N     CA     sing N N 13  
ARG N     H      sing N N 14  
ARG N     H2     sing N N 15  
ARG CA    C      sing N N 16  
ARG CA    CB     sing N N 17  
ARG CA    HA     sing N N 18  
ARG C     O      doub N N 19  
ARG C     OXT    sing N N 20  
ARG CB    CG     sing N N 21  
ARG CB    HB2    sing N N 22  
ARG CB    HB3    sing N N 23  
ARG CG    CD     sing N N 24  
ARG CG    HG2    sing N N 25  
ARG CG    HG3    sing N N 26  
ARG CD    NE     sing N N 27  
ARG CD    HD2    sing N N 28  
ARG CD    HD3    sing N N 29  
ARG NE    CZ     sing N N 30  
ARG NE    HE     sing N N 31  
ARG CZ    NH1    sing N N 32  
ARG CZ    NH2    doub N N 33  
ARG NH1   HH11   sing N N 34  
ARG NH1   HH12   sing N N 35  
ARG NH2   HH21   sing N N 36  
ARG NH2   HH22   sing N N 37  
ARG OXT   HXT    sing N N 38  
ASN N     CA     sing N N 39  
ASN N     H      sing N N 40  
ASN N     H2     sing N N 41  
ASN CA    C      sing N N 42  
ASN CA    CB     sing N N 43  
ASN CA    HA     sing N N 44  
ASN C     O      doub N N 45  
ASN C     OXT    sing N N 46  
ASN CB    CG     sing N N 47  
ASN CB    HB2    sing N N 48  
ASN CB    HB3    sing N N 49  
ASN CG    OD1    doub N N 50  
ASN CG    ND2    sing N N 51  
ASN ND2   HD21   sing N N 52  
ASN ND2   HD22   sing N N 53  
ASN OXT   HXT    sing N N 54  
ASP N     CA     sing N N 55  
ASP N     H      sing N N 56  
ASP N     H2     sing N N 57  
ASP CA    C      sing N N 58  
ASP CA    CB     sing N N 59  
ASP CA    HA     sing N N 60  
ASP C     O      doub N N 61  
ASP C     OXT    sing N N 62  
ASP CB    CG     sing N N 63  
ASP CB    HB2    sing N N 64  
ASP CB    HB3    sing N N 65  
ASP CG    OD1    doub N N 66  
ASP CG    OD2    sing N N 67  
ASP OD2   HD2    sing N N 68  
ASP OXT   HXT    sing N N 69  
CYS N     CA     sing N N 70  
CYS N     H      sing N N 71  
CYS N     H2     sing N N 72  
CYS CA    C      sing N N 73  
CYS CA    CB     sing N N 74  
CYS CA    HA     sing N N 75  
CYS C     O      doub N N 76  
CYS C     OXT    sing N N 77  
CYS CB    SG     sing N N 78  
CYS CB    HB2    sing N N 79  
CYS CB    HB3    sing N N 80  
CYS SG    HG     sing N N 81  
CYS OXT   HXT    sing N N 82  
FMN N1    C2     sing N N 83  
FMN N1    C10    doub N N 84  
FMN C2    O2     doub N N 85  
FMN C2    N3     sing N N 86  
FMN N3    C4     sing N N 87  
FMN N3    HN3    sing N N 88  
FMN C4    O4     doub N N 89  
FMN C4    C4A    sing N N 90  
FMN C4A   N5     doub N N 91  
FMN C4A   C10    sing N N 92  
FMN N5    C5A    sing N N 93  
FMN C5A   C6     doub Y N 94  
FMN C5A   C9A    sing Y N 95  
FMN C6    C7     sing Y N 96  
FMN C6    H6     sing N N 97  
FMN C7    C7M    sing N N 98  
FMN C7    C8     doub Y N 99  
FMN C7M   HM71   sing N N 100 
FMN C7M   HM72   sing N N 101 
FMN C7M   HM73   sing N N 102 
FMN C8    C8M    sing N N 103 
FMN C8    C9     sing Y N 104 
FMN C8M   HM81   sing N N 105 
FMN C8M   HM82   sing N N 106 
FMN C8M   HM83   sing N N 107 
FMN C9    C9A    doub Y N 108 
FMN C9    H9     sing N N 109 
FMN C9A   N10    sing N N 110 
FMN N10   C10    sing N N 111 
FMN N10   "C1'"  sing N N 112 
FMN "C1'" "C2'"  sing N N 113 
FMN "C1'" "H1'1" sing N N 114 
FMN "C1'" "H1'2" sing N N 115 
FMN "C2'" "O2'"  sing N N 116 
FMN "C2'" "C3'"  sing N N 117 
FMN "C2'" "H2'"  sing N N 118 
FMN "O2'" "HO2'" sing N N 119 
FMN "C3'" "O3'"  sing N N 120 
FMN "C3'" "C4'"  sing N N 121 
FMN "C3'" "H3'"  sing N N 122 
FMN "O3'" "HO3'" sing N N 123 
FMN "C4'" "O4'"  sing N N 124 
FMN "C4'" "C5'"  sing N N 125 
FMN "C4'" "H4'"  sing N N 126 
FMN "O4'" "HO4'" sing N N 127 
FMN "C5'" "O5'"  sing N N 128 
FMN "C5'" "H5'1" sing N N 129 
FMN "C5'" "H5'2" sing N N 130 
FMN "O5'" P      sing N N 131 
FMN P     O1P    doub N N 132 
FMN P     O2P    sing N N 133 
FMN P     O3P    sing N N 134 
FMN O2P   HOP2   sing N N 135 
FMN O3P   HOP3   sing N N 136 
GLN N     CA     sing N N 137 
GLN N     H      sing N N 138 
GLN N     H2     sing N N 139 
GLN CA    C      sing N N 140 
GLN CA    CB     sing N N 141 
GLN CA    HA     sing N N 142 
GLN C     O      doub N N 143 
GLN C     OXT    sing N N 144 
GLN CB    CG     sing N N 145 
GLN CB    HB2    sing N N 146 
GLN CB    HB3    sing N N 147 
GLN CG    CD     sing N N 148 
GLN CG    HG2    sing N N 149 
GLN CG    HG3    sing N N 150 
GLN CD    OE1    doub N N 151 
GLN CD    NE2    sing N N 152 
GLN NE2   HE21   sing N N 153 
GLN NE2   HE22   sing N N 154 
GLN OXT   HXT    sing N N 155 
GLU N     CA     sing N N 156 
GLU N     H      sing N N 157 
GLU N     H2     sing N N 158 
GLU CA    C      sing N N 159 
GLU CA    CB     sing N N 160 
GLU CA    HA     sing N N 161 
GLU C     O      doub N N 162 
GLU C     OXT    sing N N 163 
GLU CB    CG     sing N N 164 
GLU CB    HB2    sing N N 165 
GLU CB    HB3    sing N N 166 
GLU CG    CD     sing N N 167 
GLU CG    HG2    sing N N 168 
GLU CG    HG3    sing N N 169 
GLU CD    OE1    doub N N 170 
GLU CD    OE2    sing N N 171 
GLU OE2   HE2    sing N N 172 
GLU OXT   HXT    sing N N 173 
GLY N     CA     sing N N 174 
GLY N     H      sing N N 175 
GLY N     H2     sing N N 176 
GLY CA    C      sing N N 177 
GLY CA    HA2    sing N N 178 
GLY CA    HA3    sing N N 179 
GLY C     O      doub N N 180 
GLY C     OXT    sing N N 181 
GLY OXT   HXT    sing N N 182 
HIS N     CA     sing N N 183 
HIS N     H      sing N N 184 
HIS N     H2     sing N N 185 
HIS CA    C      sing N N 186 
HIS CA    CB     sing N N 187 
HIS CA    HA     sing N N 188 
HIS C     O      doub N N 189 
HIS C     OXT    sing N N 190 
HIS CB    CG     sing N N 191 
HIS CB    HB2    sing N N 192 
HIS CB    HB3    sing N N 193 
HIS CG    ND1    sing Y N 194 
HIS CG    CD2    doub Y N 195 
HIS ND1   CE1    doub Y N 196 
HIS ND1   HD1    sing N N 197 
HIS CD2   NE2    sing Y N 198 
HIS CD2   HD2    sing N N 199 
HIS CE1   NE2    sing Y N 200 
HIS CE1   HE1    sing N N 201 
HIS NE2   HE2    sing N N 202 
HIS OXT   HXT    sing N N 203 
HOH O     H1     sing N N 204 
HOH O     H2     sing N N 205 
ILE N     CA     sing N N 206 
ILE N     H      sing N N 207 
ILE N     H2     sing N N 208 
ILE CA    C      sing N N 209 
ILE CA    CB     sing N N 210 
ILE CA    HA     sing N N 211 
ILE C     O      doub N N 212 
ILE C     OXT    sing N N 213 
ILE CB    CG1    sing N N 214 
ILE CB    CG2    sing N N 215 
ILE CB    HB     sing N N 216 
ILE CG1   CD1    sing N N 217 
ILE CG1   HG12   sing N N 218 
ILE CG1   HG13   sing N N 219 
ILE CG2   HG21   sing N N 220 
ILE CG2   HG22   sing N N 221 
ILE CG2   HG23   sing N N 222 
ILE CD1   HD11   sing N N 223 
ILE CD1   HD12   sing N N 224 
ILE CD1   HD13   sing N N 225 
ILE OXT   HXT    sing N N 226 
LEU N     CA     sing N N 227 
LEU N     H      sing N N 228 
LEU N     H2     sing N N 229 
LEU CA    C      sing N N 230 
LEU CA    CB     sing N N 231 
LEU CA    HA     sing N N 232 
LEU C     O      doub N N 233 
LEU C     OXT    sing N N 234 
LEU CB    CG     sing N N 235 
LEU CB    HB2    sing N N 236 
LEU CB    HB3    sing N N 237 
LEU CG    CD1    sing N N 238 
LEU CG    CD2    sing N N 239 
LEU CG    HG     sing N N 240 
LEU CD1   HD11   sing N N 241 
LEU CD1   HD12   sing N N 242 
LEU CD1   HD13   sing N N 243 
LEU CD2   HD21   sing N N 244 
LEU CD2   HD22   sing N N 245 
LEU CD2   HD23   sing N N 246 
LEU OXT   HXT    sing N N 247 
LYS N     CA     sing N N 248 
LYS N     H      sing N N 249 
LYS N     H2     sing N N 250 
LYS CA    C      sing N N 251 
LYS CA    CB     sing N N 252 
LYS CA    HA     sing N N 253 
LYS C     O      doub N N 254 
LYS C     OXT    sing N N 255 
LYS CB    CG     sing N N 256 
LYS CB    HB2    sing N N 257 
LYS CB    HB3    sing N N 258 
LYS CG    CD     sing N N 259 
LYS CG    HG2    sing N N 260 
LYS CG    HG3    sing N N 261 
LYS CD    CE     sing N N 262 
LYS CD    HD2    sing N N 263 
LYS CD    HD3    sing N N 264 
LYS CE    NZ     sing N N 265 
LYS CE    HE2    sing N N 266 
LYS CE    HE3    sing N N 267 
LYS NZ    HZ1    sing N N 268 
LYS NZ    HZ2    sing N N 269 
LYS NZ    HZ3    sing N N 270 
LYS OXT   HXT    sing N N 271 
MET N     CA     sing N N 272 
MET N     H      sing N N 273 
MET N     H2     sing N N 274 
MET CA    C      sing N N 275 
MET CA    CB     sing N N 276 
MET CA    HA     sing N N 277 
MET C     O      doub N N 278 
MET C     OXT    sing N N 279 
MET CB    CG     sing N N 280 
MET CB    HB2    sing N N 281 
MET CB    HB3    sing N N 282 
MET CG    SD     sing N N 283 
MET CG    HG2    sing N N 284 
MET CG    HG3    sing N N 285 
MET SD    CE     sing N N 286 
MET CE    HE1    sing N N 287 
MET CE    HE2    sing N N 288 
MET CE    HE3    sing N N 289 
MET OXT   HXT    sing N N 290 
PHE N     CA     sing N N 291 
PHE N     H      sing N N 292 
PHE N     H2     sing N N 293 
PHE CA    C      sing N N 294 
PHE CA    CB     sing N N 295 
PHE CA    HA     sing N N 296 
PHE C     O      doub N N 297 
PHE C     OXT    sing N N 298 
PHE CB    CG     sing N N 299 
PHE CB    HB2    sing N N 300 
PHE CB    HB3    sing N N 301 
PHE CG    CD1    doub Y N 302 
PHE CG    CD2    sing Y N 303 
PHE CD1   CE1    sing Y N 304 
PHE CD1   HD1    sing N N 305 
PHE CD2   CE2    doub Y N 306 
PHE CD2   HD2    sing N N 307 
PHE CE1   CZ     doub Y N 308 
PHE CE1   HE1    sing N N 309 
PHE CE2   CZ     sing Y N 310 
PHE CE2   HE2    sing N N 311 
PHE CZ    HZ     sing N N 312 
PHE OXT   HXT    sing N N 313 
PRO N     CA     sing N N 314 
PRO N     CD     sing N N 315 
PRO N     H      sing N N 316 
PRO CA    C      sing N N 317 
PRO CA    CB     sing N N 318 
PRO CA    HA     sing N N 319 
PRO C     O      doub N N 320 
PRO C     OXT    sing N N 321 
PRO CB    CG     sing N N 322 
PRO CB    HB2    sing N N 323 
PRO CB    HB3    sing N N 324 
PRO CG    CD     sing N N 325 
PRO CG    HG2    sing N N 326 
PRO CG    HG3    sing N N 327 
PRO CD    HD2    sing N N 328 
PRO CD    HD3    sing N N 329 
PRO OXT   HXT    sing N N 330 
SER N     CA     sing N N 331 
SER N     H      sing N N 332 
SER N     H2     sing N N 333 
SER CA    C      sing N N 334 
SER CA    CB     sing N N 335 
SER CA    HA     sing N N 336 
SER C     O      doub N N 337 
SER C     OXT    sing N N 338 
SER CB    OG     sing N N 339 
SER CB    HB2    sing N N 340 
SER CB    HB3    sing N N 341 
SER OG    HG     sing N N 342 
SER OXT   HXT    sing N N 343 
THR N     CA     sing N N 344 
THR N     H      sing N N 345 
THR N     H2     sing N N 346 
THR CA    C      sing N N 347 
THR CA    CB     sing N N 348 
THR CA    HA     sing N N 349 
THR C     O      doub N N 350 
THR C     OXT    sing N N 351 
THR CB    OG1    sing N N 352 
THR CB    CG2    sing N N 353 
THR CB    HB     sing N N 354 
THR OG1   HG1    sing N N 355 
THR CG2   HG21   sing N N 356 
THR CG2   HG22   sing N N 357 
THR CG2   HG23   sing N N 358 
THR OXT   HXT    sing N N 359 
TRP N     CA     sing N N 360 
TRP N     H      sing N N 361 
TRP N     H2     sing N N 362 
TRP CA    C      sing N N 363 
TRP CA    CB     sing N N 364 
TRP CA    HA     sing N N 365 
TRP C     O      doub N N 366 
TRP C     OXT    sing N N 367 
TRP CB    CG     sing N N 368 
TRP CB    HB2    sing N N 369 
TRP CB    HB3    sing N N 370 
TRP CG    CD1    doub Y N 371 
TRP CG    CD2    sing Y N 372 
TRP CD1   NE1    sing Y N 373 
TRP CD1   HD1    sing N N 374 
TRP CD2   CE2    doub Y N 375 
TRP CD2   CE3    sing Y N 376 
TRP NE1   CE2    sing Y N 377 
TRP NE1   HE1    sing N N 378 
TRP CE2   CZ2    sing Y N 379 
TRP CE3   CZ3    doub Y N 380 
TRP CE3   HE3    sing N N 381 
TRP CZ2   CH2    doub Y N 382 
TRP CZ2   HZ2    sing N N 383 
TRP CZ3   CH2    sing Y N 384 
TRP CZ3   HZ3    sing N N 385 
TRP CH2   HH2    sing N N 386 
TRP OXT   HXT    sing N N 387 
TYR N     CA     sing N N 388 
TYR N     H      sing N N 389 
TYR N     H2     sing N N 390 
TYR CA    C      sing N N 391 
TYR CA    CB     sing N N 392 
TYR CA    HA     sing N N 393 
TYR C     O      doub N N 394 
TYR C     OXT    sing N N 395 
TYR CB    CG     sing N N 396 
TYR CB    HB2    sing N N 397 
TYR CB    HB3    sing N N 398 
TYR CG    CD1    doub Y N 399 
TYR CG    CD2    sing Y N 400 
TYR CD1   CE1    sing Y N 401 
TYR CD1   HD1    sing N N 402 
TYR CD2   CE2    doub Y N 403 
TYR CD2   HD2    sing N N 404 
TYR CE1   CZ     doub Y N 405 
TYR CE1   HE1    sing N N 406 
TYR CE2   CZ     sing Y N 407 
TYR CE2   HE2    sing N N 408 
TYR CZ    OH     sing N N 409 
TYR OH    HH     sing N N 410 
TYR OXT   HXT    sing N N 411 
VAL N     CA     sing N N 412 
VAL N     H      sing N N 413 
VAL N     H2     sing N N 414 
VAL CA    C      sing N N 415 
VAL CA    CB     sing N N 416 
VAL CA    HA     sing N N 417 
VAL C     O      doub N N 418 
VAL C     OXT    sing N N 419 
VAL CB    CG1    sing N N 420 
VAL CB    CG2    sing N N 421 
VAL CB    HB     sing N N 422 
VAL CG1   HG11   sing N N 423 
VAL CG1   HG12   sing N N 424 
VAL CG1   HG13   sing N N 425 
VAL CG2   HG21   sing N N 426 
VAL CG2   HG22   sing N N 427 
VAL CG2   HG23   sing N N 428 
VAL OXT   HXT    sing N N 429 
# 
_pdbx_audit_support.funding_organization   'Other government' 
_pdbx_audit_support.country                India 
_pdbx_audit_support.grant_number           ? 
_pdbx_audit_support.ordinal                1 
# 
_pdbx_initial_refinement_model.id               1 
_pdbx_initial_refinement_model.entity_id_list   ? 
_pdbx_initial_refinement_model.type             'experimental model' 
_pdbx_initial_refinement_model.source_name      PDB 
_pdbx_initial_refinement_model.accession_code   8I11 
_pdbx_initial_refinement_model.details          ? 
# 
_atom_sites.entry_id                    8J68 
_atom_sites.Cartn_transf_matrix[1][1]   ? 
_atom_sites.Cartn_transf_matrix[1][2]   ? 
_atom_sites.Cartn_transf_matrix[1][3]   ? 
_atom_sites.Cartn_transf_matrix[2][1]   ? 
_atom_sites.Cartn_transf_matrix[2][2]   ? 
_atom_sites.Cartn_transf_matrix[2][3]   ? 
_atom_sites.Cartn_transf_matrix[3][1]   ? 
_atom_sites.Cartn_transf_matrix[3][2]   ? 
_atom_sites.Cartn_transf_matrix[3][3]   ? 
_atom_sites.Cartn_transf_vector[1]      ? 
_atom_sites.Cartn_transf_vector[2]      ? 
_atom_sites.Cartn_transf_vector[3]      ? 
_atom_sites.fract_transf_matrix[1][1]   0.00056196 
_atom_sites.fract_transf_matrix[1][2]   -0.00256747 
_atom_sites.fract_transf_matrix[1][3]   -0.01836387 
_atom_sites.fract_transf_matrix[2][1]   0.00976459 
_atom_sites.fract_transf_matrix[2][2]   0.01565944 
_atom_sites.fract_transf_matrix[2][3]   -0.00189056 
_atom_sites.fract_transf_matrix[3][1]   0.00618426 
_atom_sites.fract_transf_matrix[3][2]   -0.00376977 
_atom_sites.fract_transf_matrix[3][3]   0.00071630 
_atom_sites.fract_transf_vector[1]      -0.277582 
_atom_sites.fract_transf_vector[2]      -0.182578 
_atom_sites.fract_transf_vector[3]      -0.057840 
_atom_sites.solution_primary            ? 
_atom_sites.solution_secondary          ? 
_atom_sites.solution_hydrogens          ? 
_atom_sites.special_details             ? 
# 
loop_
_atom_type.symbol 
_atom_type.pdbx_scat_Z 
_atom_type.pdbx_N_electrons 
_atom_type.scat_Cromer_Mann_a1 
_atom_type.scat_Cromer_Mann_b1 
_atom_type.scat_Cromer_Mann_a2 
_atom_type.scat_Cromer_Mann_b2 
_atom_type.scat_Cromer_Mann_a3 
_atom_type.scat_Cromer_Mann_b3 
_atom_type.scat_Cromer_Mann_a4 
_atom_type.scat_Cromer_Mann_b4 
_atom_type.scat_Cromer_Mann_c 
C 6  6  2.3103  20.8439 1.0201 10.2075 1.5888 0.5687  0.8651 51.6512 0.2156   
H 1  1  0.4930  10.5109 0.3229 26.1257 0.1402 3.1424  0.0408 57.7997 0.0030   
N 7  7  12.2220 0.0057  3.1346 9.8933  2.0141 28.9975 1.1672 0.5826  -11.5379 
O 8  8  3.0487  13.2771 2.2870 5.7011  1.5464 0.3239  0.8671 32.9089 0.2508   
P 15 15 6.4348  1.9067  4.1793 27.1570 1.7801 0.5260  1.4909 68.1645 1.2643   
S 16 16 6.9054  1.4679  5.2035 22.2151 1.4379 0.2536  1.5863 56.1720 1.0455   
# 
loop_
_atom_site.group_PDB 
_atom_site.id 
_atom_site.type_symbol 
_atom_site.label_atom_id 
_atom_site.label_alt_id 
_atom_site.label_comp_id 
_atom_site.label_asym_id 
_atom_site.label_entity_id 
_atom_site.label_seq_id 
_atom_site.pdbx_PDB_ins_code 
_atom_site.Cartn_x 
_atom_site.Cartn_y 
_atom_site.Cartn_z 
_atom_site.occupancy 
_atom_site.B_iso_or_equiv 
_atom_site.pdbx_formal_charge 
_atom_site.auth_seq_id 
_atom_site.auth_comp_id 
_atom_site.auth_asym_id 
_atom_site.auth_atom_id 
_atom_site.pdbx_PDB_model_num 
_atom_site.calc_flag 
_atom_site.pdbx_tls_group_id 
ATOM   1    N N     . ARG A 1 12  ? 9.321   -5.160  -6.306  1.000 71.908 0 12  ARG A N     1 ? ? 
ATOM   2    C CA    . ARG A 1 12  ? 10.505  -4.364  -5.889  1.000 61.198 0 12  ARG A CA    1 ? ? 
ATOM   3    C C     . ARG A 1 12  ? 10.019  -3.254  -4.962  1.000 63.731 0 12  ARG A C     1 ? ? 
ATOM   4    O O     . ARG A 1 12  ? 8.924   -3.368  -4.411  1.000 79.576 0 12  ARG A O     1 ? ? 
ATOM   5    C CB    . ARG A 1 12  ? 11.220  -3.846  -7.141  1.000 66.106 0 12  ARG A CB    1 ? ? 
ATOM   6    N N     . GLY A 1 13  ? 10.854  -2.224  -4.761  1.000 63.010 0 13  GLY A N     1 ? ? 
ATOM   7    C CA    . GLY A 1 13  ? 10.417  -0.955  -4.194  1.000 57.568 0 13  GLY A CA    1 ? ? 
ATOM   8    C C     . GLY A 1 13  ? 11.110  -0.568  -2.886  1.000 58.066 0 13  GLY A C     1 ? ? 
ATOM   9    O O     . GLY A 1 13  ? 11.887  0.388   -2.873  1.000 64.474 0 13  GLY A O     1 ? ? 
ATOM   10   N N     . SER A 1 14  ? 10.773  -1.241  -1.773  1.000 51.864 0 14  SER A N     1 ? ? 
ATOM   11   C CA    . SER A 1 14  ? 11.221  -0.801  -0.450  1.000 55.282 0 14  SER A CA    1 ? ? 
ATOM   12   C C     . SER A 1 14  ? 12.568  -1.430  -0.074  1.000 57.157 0 14  SER A C     1 ? ? 
ATOM   13   O O     . SER A 1 14  ? 12.790  -1.575  1.162   1.000 57.175 0 14  SER A O     1 ? ? 
ATOM   14   C CB    . SER A 1 14  ? 10.209  -1.106  0.622   1.000 61.647 0 14  SER A CB    1 ? ? 
ATOM   15   N N     . ALA A 1 17  ? 14.476  4.352   -8.307  1.000 67.648 0 17  ALA A N     1 ? ? 
ATOM   16   C CA    . ALA A 1 17  ? 13.959  4.913   -7.037  1.000 66.270 0 17  ALA A CA    1 ? ? 
ATOM   17   C C     . ALA A 1 17  ? 12.431  4.972   -7.120  1.000 56.072 0 17  ALA A C     1 ? ? 
ATOM   18   O O     . ALA A 1 17  ? 11.807  4.822   -8.177  1.000 48.943 0 17  ALA A O     1 ? ? 
ATOM   19   C CB    . ALA A 1 17  ? 14.586  6.269   -6.741  1.000 57.902 0 17  ALA A CB    1 ? ? 
ATOM   20   N N     . LEU A 1 18  ? 11.830  5.160   -5.956  1.000 52.397 0 18  LEU A N     1 ? ? 
ATOM   21   C CA    . LEU A 1 18  ? 10.402  5.357   -5.839  1.000 46.158 0 18  LEU A CA    1 ? ? 
ATOM   22   C C     . LEU A 1 18  ? 9.976   6.598   -6.633  1.000 45.896 0 18  LEU A C     1 ? ? 
ATOM   23   O O     . LEU A 1 18  ? 10.625  7.637   -6.599  1.000 49.714 0 18  LEU A O     1 ? ? 
ATOM   24   C CB    . LEU A 1 18  ? 10.127  5.511   -4.345  1.000 46.545 0 18  LEU A CB    1 ? ? 
ATOM   25   C CG    . LEU A 1 18  ? 8.665   5.396   -3.930  1.000 49.533 0 18  LEU A CG    1 ? ? 
ATOM   26   C CD1   . LEU A 1 18  ? 8.109   4.014   -4.272  1.000 45.771 0 18  LEU A CD1   1 ? ? 
ATOM   27   C CD2   . LEU A 1 18  ? 8.531   5.699   -2.449  1.000 50.105 0 18  LEU A CD2   1 ? ? 
ATOM   28   N N     . SER A 1 19  ? 8.860   6.501   -7.337  1.000 40.857 0 19  SER A N     1 ? ? 
ATOM   29   C CA    . SER A 1 19  ? 8.371   7.590   -8.150  1.000 41.146 0 19  SER A CA    1 ? ? 
ATOM   30   C C     . SER A 1 19  ? 6.877   7.737   -7.898  1.000 42.533 0 19  SER A C     1 ? ? 
ATOM   31   O O     . SER A 1 19  ? 6.141   6.747   -7.883  1.000 36.849 0 19  SER A O     1 ? ? 
ATOM   32   C CB    . SER A 1 19  ? 8.693   7.335   -9.590  1.000 43.669 0 19  SER A CB    1 ? ? 
ATOM   33   O OG    . SER A 1 19  ? 7.750   7.935   -10.453 1.000 45.345 0 19  SER A OG    1 ? ? 
ATOM   34   N N     . THR A 1 20  ? 6.440   8.981   -7.676  1.000 39.190 0 20  THR A N     1 ? ? 
ATOM   35   C CA    . THR A 1 20  ? 5.052   9.262   -7.359  1.000 35.353 0 20  THR A CA    1 ? ? 
ATOM   36   C C     . THR A 1 20  ? 4.205   9.067   -8.613  1.000 36.388 0 20  THR A C     1 ? ? 
ATOM   37   O O     . THR A 1 20  ? 3.008   8.860   -8.513  1.000 33.058 0 20  THR A O     1 ? ? 
ATOM   38   C CB    . THR A 1 20  ? 4.906   10.646  -6.717  1.000 38.299 0 20  THR A CB    1 ? ? 
ATOM   39   O OG1   . THR A 1 20  ? 3.578   10.713  -6.181  1.000 35.812 0 20  THR A OG1   1 ? ? 
ATOM   40   C CG2   . THR A 1 20  ? 5.187   11.775  -7.693  1.000 34.686 0 20  THR A CG2   1 ? ? 
ATOM   41   N N     . PHE A 1 21  ? 4.825   9.074   -9.806  1.000 35.127 0 21  PHE A N     1 ? ? 
ATOM   42   C CA    . PHE A 1 21  ? 4.067   8.949   -11.042 1.000 38.574 0 21  PHE A CA    1 ? ? 
ATOM   43   C C     . PHE A 1 21  ? 3.955   7.488   -11.516 1.000 41.178 0 21  PHE A C     1 ? ? 
ATOM   44   O O     . PHE A 1 21  ? 2.964   7.136   -12.155 1.000 51.136 0 21  PHE A O     1 ? ? 
ATOM   45   C CB    . PHE A 1 21  ? 4.673   9.879   -12.099 1.000 42.449 0 21  PHE A CB    1 ? ? 
ATOM   46   C CG    . PHE A 1 21  ? 4.462   11.337  -11.762 1.000 44.950 0 21  PHE A CG    1 ? ? 
ATOM   47   C CD1   . PHE A 1 21  ? 3.171   11.859  -11.662 1.000 45.749 0 21  PHE A CD1   1 ? ? 
ATOM   48   C CD2   . PHE A 1 21  ? 5.541   12.168  -11.471 1.000 44.832 0 21  PHE A CD2   1 ? ? 
ATOM   49   C CE1   . PHE A 1 21  ? 2.965   13.194  -11.335 1.000 45.968 0 21  PHE A CE1   1 ? ? 
ATOM   50   C CE2   . PHE A 1 21  ? 5.328   13.502  -11.147 1.000 42.900 0 21  PHE A CE2   1 ? ? 
ATOM   51   C CZ    . PHE A 1 21  ? 4.046   14.011  -11.088 1.000 44.719 0 21  PHE A CZ    1 ? ? 
ATOM   52   N N     . LYS A 1 22  ? 4.931   6.637   -11.168 1.000 42.507 0 22  LYS A N     1 ? ? 
ATOM   53   C CA    . LYS A 1 22  ? 4.947   5.236   -11.576 1.000 46.913 0 22  LYS A CA    1 ? ? 
ATOM   54   C C     . LYS A 1 22  ? 4.391   4.301   -10.497 1.000 44.197 0 22  LYS A C     1 ? ? 
ATOM   55   O O     . LYS A 1 22  ? 3.820   3.276   -10.839 1.000 48.421 0 22  LYS A O     1 ? ? 
ATOM   56   C CB    . LYS A 1 22  ? 6.373   4.712   -11.776 1.000 52.178 0 22  LYS A CB    1 ? ? 
ATOM   57   C CG    . LYS A 1 22  ? 7.193   5.312   -12.905 1.000 65.757 0 22  LYS A CG    1 ? ? 
ATOM   58   C CD    . LYS A 1 22  ? 8.671   4.981   -12.722 1.000 73.986 0 22  LYS A CD    1 ? ? 
ATOM   59   C CE    . LYS A 1 22  ? 9.431   4.849   -14.022 1.000 81.266 0 22  LYS A CE    1 ? ? 
ATOM   60   N NZ    . LYS A 1 22  ? 9.393   6.115   -14.787 1.000 79.412 0 22  LYS A NZ    1 ? ? 
ATOM   61   N N     . HIS A 1 23  ? 4.653   4.582   -9.209  1.000 35.369 0 23  HIS A N     1 ? ? 
ATOM   62   C CA    . HIS A 1 23  ? 4.391   3.628   -8.147  1.000 33.846 0 23  HIS A CA    1 ? ? 
ATOM   63   C C     . HIS A 1 23  ? 3.106   3.976   -7.393  1.000 35.162 0 23  HIS A C     1 ? ? 
ATOM   64   O O     . HIS A 1 23  ? 2.630   5.118   -7.466  1.000 31.897 0 23  HIS A O     1 ? ? 
ATOM   65   C CB    . HIS A 1 23  ? 5.629   3.496   -7.263  1.000 39.032 0 23  HIS A CB    1 ? ? 
ATOM   66   C CG    . HIS A 1 23  ? 6.847   3.072   -8.027  1.000 48.777 0 23  HIS A CG    1 ? ? 
ATOM   67   N ND1   . HIS A 1 23  ? 6.901   1.907   -8.766  1.000 54.465 0 23  HIS A ND1   1 ? ? 
ATOM   68   C CD2   . HIS A 1 23  ? 8.051   3.635   -8.160  1.000 50.408 0 23  HIS A CD2   1 ? ? 
ATOM   69   C CE1   . HIS A 1 23  ? 8.094   1.800   -9.330  1.000 51.514 0 23  HIS A CE1   1 ? ? 
ATOM   70   N NE2   . HIS A 1 23  ? 8.802   2.844   -8.982  1.000 52.707 0 23  HIS A NE2   1 ? ? 
ATOM   71   N N     . THR A 1 24  ? 2.525   2.942   -6.736  1.000 29.432 0 24  THR A N     1 ? ? 
ATOM   72   C CA    . THR A 1 24  ? 1.328   3.072   -5.913  1.000 30.750 0 24  THR A CA    1 ? ? 
ATOM   73   C C     . THR A 1 24  ? 1.734   3.029   -4.453  1.000 28.374 0 24  THR A C     1 ? ? 
ATOM   74   O O     . THR A 1 24  ? 2.255   2.025   -3.991  1.000 27.539 0 24  THR A O     1 ? ? 
ATOM   75   C CB    . THR A 1 24  ? 0.291   1.973   -6.186  1.000 26.499 0 24  THR A CB    1 ? ? 
ATOM   76   O OG1   . THR A 1 24  ? 0.091   1.967   -7.591  1.000 29.216 0 24  THR A OG1   1 ? ? 
ATOM   77   C CG2   . THR A 1 24  ? -1.027  2.210   -5.492  1.000 28.744 0 24  THR A CG2   1 ? ? 
ATOM   78   N N     . PHE A 1 25  ? 1.585   4.171   -3.773  1.000 28.467 0 25  PHE A N     1 ? ? 
ATOM   79   C CA    . PHE A 1 25  ? 1.903   4.270   -2.359  1.000 27.856 0 25  PHE A CA    1 ? ? 
ATOM   80   C C     . PHE A 1 25  ? 1.172   5.441   -1.725  1.000 26.336 0 25  PHE A C     1 ? ? 
ATOM   81   O O     . PHE A 1 25  ? 0.622   6.320   -2.401  1.000 27.800 0 25  PHE A O     1 ? ? 
ATOM   82   C CB    . PHE A 1 25  ? 3.410   4.401   -2.088  1.000 33.048 0 25  PHE A CB    1 ? ? 
ATOM   83   C CG    . PHE A 1 25  ? 4.070   5.639   -2.627  1.000 30.074 0 25  PHE A CG    1 ? ? 
ATOM   84   C CD1   . PHE A 1 25  ? 4.531   5.680   -3.928  1.000 28.631 0 25  PHE A CD1   1 ? ? 
ATOM   85   C CD2   . PHE A 1 25  ? 4.209   6.768   -1.827  1.000 31.720 0 25  PHE A CD2   1 ? ? 
ATOM   86   C CE1   . PHE A 1 25  ? 5.152   6.822   -4.427  1.000 30.327 0 25  PHE A CE1   1 ? ? 
ATOM   87   C CE2   . PHE A 1 25  ? 4.804   7.914   -2.333  1.000 32.378 0 25  PHE A CE2   1 ? ? 
ATOM   88   C CZ    . PHE A 1 25  ? 5.272   7.944   -3.632  1.000 31.287 0 25  PHE A CZ    1 ? ? 
ATOM   89   N N     . VAL A 1 26  ? 1.114   5.358   -0.401  1.000 25.582 0 26  VAL A N     1 ? ? 
ATOM   90   C CA    . VAL A 1 26  ? 0.618   6.420   0.432   1.000 27.543 0 26  VAL A CA    1 ? ? 
ATOM   91   C C     . VAL A 1 26  ? 1.624   6.609   1.548   1.000 25.704 0 26  VAL A C     1 ? ? 
ATOM   92   O O     . VAL A 1 26  ? 2.412   5.709   1.832   1.000 26.951 0 26  VAL A O     1 ? ? 
ATOM   93   C CB    . VAL A 1 26  ? -0.789  6.192   0.996   1.000 27.143 0 26  VAL A CB    1 ? ? 
ATOM   94   C CG1   . VAL A 1 26  ? -1.811  6.004   -0.107  1.000 30.254 0 26  VAL A CG1   1 ? ? 
ATOM   95   C CG2   . VAL A 1 26  ? -0.833  5.049   1.979   1.000 29.033 0 26  VAL A CG2   1 ? ? 
ATOM   96   N N     . VAL A 1 27  ? 1.553   7.797   2.152   1.000 26.894 0 27  VAL A N     1 ? ? 
ATOM   97   C CA    . VAL A 1 27  ? 2.362   8.133   3.304   1.000 24.052 0 27  VAL A CA    1 ? ? 
ATOM   98   C C     . VAL A 1 27  ? 1.456   8.622   4.407   1.000 25.112 0 27  VAL A C     1 ? ? 
ATOM   99   O O     . VAL A 1 27  ? 0.584   9.473   4.192   1.000 31.220 0 27  VAL A O     1 ? ? 
ATOM   100  C CB    . VAL A 1 27  ? 3.442   9.169   2.976   1.000 29.009 0 27  VAL A CB    1 ? ? 
ATOM   101  C CG1   . VAL A 1 27  ? 4.323   9.424   4.204   1.000 30.744 0 27  VAL A CG1   1 ? ? 
ATOM   102  C CG2   . VAL A 1 27  ? 4.266   8.759   1.770   1.000 26.631 0 27  VAL A CG2   1 ? ? 
ATOM   103  N N     . ALA A 1 28  ? 1.662   8.011   5.577   1.000 26.253 0 28  ALA A N     1 ? ? 
ATOM   104  C CA    . ALA A 1 28  ? 0.892   8.300   6.760   1.000 30.484 0 28  ALA A CA    1 ? ? 
ATOM   105  C C     . ALA A 1 28  ? 1.746   9.083   7.753   1.000 34.012 0 28  ALA A C     1 ? ? 
ATOM   106  O O     . ALA A 1 28  ? 2.933   8.793   7.931   1.000 37.887 0 28  ALA A O     1 ? ? 
ATOM   107  C CB    . ALA A 1 28  ? 0.427   7.004   7.363   1.000 35.195 0 28  ALA A CB    1 ? ? 
ATOM   108  N N     . ASP A 1 29  ? 1.087   10.003  8.454   1.000 37.558 0 29  ASP A N     1 ? ? 
ATOM   109  C CA    . ASP A 1 29  ? 1.713   10.858  9.442   1.000 40.093 0 29  ASP A CA    1 ? ? 
ATOM   110  C C     . ASP A 1 29  ? 1.538   10.219  10.807  1.000 40.411 0 29  ASP A C     1 ? ? 
ATOM   111  O O     . ASP A 1 29  ? 0.417   10.175  11.320  1.000 49.154 0 29  ASP A O     1 ? ? 
ATOM   112  C CB    . ASP A 1 29  ? 1.077   12.243  9.400   1.000 50.460 0 29  ASP A CB    1 ? ? 
ATOM   113  C CG    . ASP A 1 29  ? 1.899   13.313  10.099  1.000 59.509 0 29  ASP A CG    1 ? ? 
ATOM   114  O OD1   . ASP A 1 29  ? 2.786   12.954  10.920  1.000 51.944 0 29  ASP A OD1   1 ? ? 
ATOM   115  O OD2   . ASP A 1 29  ? 1.675   14.486  9.773   1.000 61.754 0 29  ASP A OD2   1 ? ? 
ATOM   116  N N     . ALA A 1 30  ? 2.644   9.742   11.385  1.000 42.087 0 30  ALA A N     1 ? ? 
ATOM   117  C CA    . ALA A 1 30  ? 2.605   9.131   12.708  1.000 49.126 0 30  ALA A CA    1 ? ? 
ATOM   118  C C     . ALA A 1 30  ? 2.290   10.173  13.803  1.000 54.338 0 30  ALA A C     1 ? ? 
ATOM   119  O O     . ALA A 1 30  ? 1.881   9.796   14.898  1.000 54.470 0 30  ALA A O     1 ? ? 
ATOM   120  C CB    . ALA A 1 30  ? 3.896   8.391   12.965  1.000 48.309 0 30  ALA A CB    1 ? ? 
ATOM   121  N N     . THR A 1 31  ? 2.415   11.478  13.496  1.000 53.972 0 31  THR A N     1 ? ? 
ATOM   122  C CA    . THR A 1 31  ? 2.010   12.558  14.394  1.000 61.050 0 31  THR A CA    1 ? ? 
ATOM   123  C C     . THR A 1 31  ? 0.507   12.810  14.388  1.000 66.780 0 31  THR A C     1 ? ? 
ATOM   124  O O     . THR A 1 31  ? 0.046   13.713  15.087  1.000 75.377 0 31  THR A O     1 ? ? 
ATOM   125  C CB    . THR A 1 31  ? 2.544   13.933  13.968  1.000 60.802 0 31  THR A CB    1 ? ? 
ATOM   126  O OG1   . THR A 1 31  ? 3.948   13.848  13.736  1.000 64.243 0 31  THR A OG1   1 ? ? 
ATOM   127  N N     . LYS A 1 32  ? -0.249  12.053  13.586  1.000 64.979 0 32  LYS A N     1 ? ? 
ATOM   128  C CA    . LYS A 1 32  ? -1.612  12.442  13.258  1.000 66.046 0 32  LYS A CA    1 ? ? 
ATOM   129  C C     . LYS A 1 32  ? -2.510  11.207  13.150  1.000 68.394 0 32  LYS A C     1 ? ? 
ATOM   130  O O     . LYS A 1 32  ? -3.329  11.146  12.231  1.000 70.411 0 32  LYS A O     1 ? ? 
ATOM   131  C CB    . LYS A 1 32  ? -1.612  13.275  11.966  1.000 58.769 0 32  LYS A CB    1 ? ? 
ATOM   132  N N     . ASP A 1 33  ? -2.374  10.257  14.103  1.000 62.687 0 33  ASP A N     1 ? ? 
ATOM   133  C CA    . ASP A 1 33  ? -3.167  9.023   14.166  1.000 64.796 0 33  ASP A CA    1 ? ? 
ATOM   134  C C     . ASP A 1 33  ? -3.126  8.244   12.836  1.000 56.782 0 33  ASP A C     1 ? ? 
ATOM   135  O O     . ASP A 1 33  ? -4.123  7.624   12.445  1.000 55.606 0 33  ASP A O     1 ? ? 
ATOM   136  C CB    . ASP A 1 33  ? -4.611  9.301   14.624  1.000 60.726 0 33  ASP A CB    1 ? ? 
ATOM   137  N N     . MET A 1 34  ? -1.960  8.284   12.155  1.000 59.941 0 34  MET A N     1 ? ? 
ATOM   138  C CA    . MET A 1 34  ? -1.667  7.596   10.894  1.000 49.028 0 34  MET A CA    1 ? ? 
ATOM   139  C C     . MET A 1 34  ? -2.642  7.982   9.778   1.000 41.256 0 34  MET A C     1 ? ? 
ATOM   140  O O     . MET A 1 34  ? -2.948  7.167   8.907   1.000 41.612 0 34  MET A O     1 ? ? 
ATOM   141  C CB    . MET A 1 34  ? -1.666  6.075   11.081  1.000 51.413 0 34  MET A CB    1 ? ? 
ATOM   142  C CG    . MET A 1 34  ? -0.544  5.598   11.986  1.000 51.745 0 34  MET A CG    1 ? ? 
ATOM   143  S SD    . MET A 1 34  ? 1.041   5.929   11.224  1.000 59.790 0 34  MET A SD    1 ? ? 
ATOM   144  C CE    . MET A 1 34  ? 2.133   5.581   12.600  1.000 71.688 0 34  MET A CE    1 ? ? 
ATOM   145  N N     . ALA A 1 35  ? -3.062  9.252   9.763   1.000 37.820 0 35  ALA A N     1 ? ? 
ATOM   146  C CA    . ALA A 1 35  ? -3.835  9.778   8.652   1.000 37.774 0 35  ALA A CA    1 ? ? 
ATOM   147  C C     . ALA A 1 35  ? -2.918  9.873   7.438   1.000 35.345 0 35  ALA A C     1 ? ? 
ATOM   148  O O     . ALA A 1 35  ? -1.717  10.142  7.580   1.000 33.485 0 35  ALA A O     1 ? ? 
ATOM   149  C CB    . ALA A 1 35  ? -4.430  11.120  8.985   1.000 38.157 0 35  ALA A CB    1 ? ? 
ATOM   150  N N     . ILE A 1 36  ? -3.513  9.611   6.270   1.000 31.478 0 36  ILE A N     1 ? ? 
ATOM   151  C CA    . ILE A 1 36  ? -2.831  9.774   5.010   1.000 31.802 0 36  ILE A CA    1 ? ? 
ATOM   152  C C     . ILE A 1 36  ? -2.508  11.266  4.845   1.000 32.212 0 36  ILE A C     1 ? ? 
ATOM   153  O O     . ILE A 1 36  ? -3.392  12.120  4.923   1.000 30.753 0 36  ILE A O     1 ? ? 
ATOM   154  C CB    . ILE A 1 36  ? -3.683  9.259   3.839   1.000 33.099 0 36  ILE A CB    1 ? ? 
ATOM   155  C CG1   . ILE A 1 36  ? -3.970  7.748   3.893   1.000 38.566 0 36  ILE A CG1   1 ? ? 
ATOM   156  C CG2   . ILE A 1 36  ? -3.046  9.658   2.522   1.000 38.369 0 36  ILE A CG2   1 ? ? 
ATOM   157  C CD1   . ILE A 1 36  ? -2.794  6.899   4.319   1.000 42.568 0 36  ILE A CD1   1 ? ? 
ATOM   158  N N     . MET A 1 37  ? -1.232  11.548  4.607   1.000 32.236 0 37  MET A N     1 ? ? 
ATOM   159  C CA    . MET A 1 37  ? -0.808  12.899  4.319   1.000 34.443 0 37  MET A CA    1 ? ? 
ATOM   160  C C     . MET A 1 37  ? -0.376  13.032  2.864   1.000 32.535 0 37  MET A C     1 ? ? 
ATOM   161  O O     . MET A 1 37  ? -0.267  14.144  2.359   1.000 30.578 0 37  MET A O     1 ? ? 
ATOM   162  C CB    . MET A 1 37  ? 0.267   13.369  5.307   1.000 35.537 0 37  MET A CB    1 ? ? 
ATOM   163  C CG    . MET A 1 37  ? 1.524   12.536  5.400   1.000 44.748 0 37  MET A CG    1 ? ? 
ATOM   164  S SD    . MET A 1 37  ? 2.670   12.903  4.084   1.000 72.979 0 37  MET A SD    1 ? ? 
ATOM   165  C CE    . MET A 1 37  ? 3.343   14.471  4.632   1.000 75.103 0 37  MET A CE    1 ? ? 
ATOM   166  N N     . TYR A 1 38  ? -0.254  11.907  2.140   1.000 29.149 0 38  TYR A N     1 ? ? 
ATOM   167  C CA    . TYR A 1 38  ? 0.170   11.924  0.750   1.000 26.524 0 38  TYR A CA    1 ? ? 
ATOM   168  C C     . TYR A 1 38  ? -0.257  10.633  0.052   1.000 24.467 0 38  TYR A C     1 ? ? 
ATOM   169  O O     . TYR A 1 38  ? -0.173  9.576   0.642   1.000 26.016 0 38  TYR A O     1 ? ? 
ATOM   170  C CB    . TYR A 1 38  ? 1.693   12.017  0.729   1.000 25.715 0 38  TYR A CB    1 ? ? 
ATOM   171  C CG    . TYR A 1 38  ? 2.276   12.149  -0.635  1.000 23.465 0 38  TYR A CG    1 ? ? 
ATOM   172  C CD1   . TYR A 1 38  ? 2.491   11.047  -1.451  1.000 22.694 0 38  TYR A CD1   1 ? ? 
ATOM   173  C CD2   . TYR A 1 38  ? 2.576   13.410  -1.140  1.000 25.644 0 38  TYR A CD2   1 ? ? 
ATOM   174  C CE1   . TYR A 1 38  ? 3.023   11.179  -2.718  1.000 24.235 0 38  TYR A CE1   1 ? ? 
ATOM   175  C CE2   . TYR A 1 38  ? 3.088   13.558  -2.418  1.000 25.640 0 38  TYR A CE2   1 ? ? 
ATOM   176  C CZ    . TYR A 1 38  ? 3.323   12.450  -3.199  1.000 26.273 0 38  TYR A CZ    1 ? ? 
ATOM   177  O OH    . TYR A 1 38  ? 3.847   12.637  -4.442  1.000 27.527 0 38  TYR A OH    1 ? ? 
ATOM   178  N N     . ALA A 1 39  ? -0.624  10.713  -1.229  1.000 25.604 0 39  ALA A N     1 ? ? 
ATOM   179  C CA    . ALA A 1 39  ? -0.910  9.546   -2.038  1.000 25.531 0 39  ALA A CA    1 ? ? 
ATOM   180  C C     . ALA A 1 39  ? -0.386  9.783   -3.448  1.000 27.250 0 39  ALA A C     1 ? ? 
ATOM   181  O O     . ALA A 1 39  ? -0.523  10.885  -4.011  1.000 27.141 0 39  ALA A O     1 ? ? 
ATOM   182  C CB    . ALA A 1 39  ? -2.399  9.288   -2.044  1.000 25.342 0 39  ALA A CB    1 ? ? 
ATOM   183  N N     . SER A 1 40  ? 0.154   8.717   -4.019  1.000 25.790 0 40  SER A N     1 ? ? 
ATOM   184  C CA    . SER A 1 40  ? 0.742   8.765   -5.349  1.000 26.360 0 40  SER A CA    1 ? ? 
ATOM   185  C C     . SER A 1 40  ? -0.336  8.681   -6.413  1.000 26.052 0 40  SER A C     1 ? ? 
ATOM   186  O O     . SER A 1 40  ? -1.481  8.286   -6.133  1.000 24.811 0 40  SER A O     1 ? ? 
ATOM   187  C CB    . SER A 1 40  ? 1.767   7.655   -5.530  1.000 26.095 0 40  SER A CB    1 ? ? 
ATOM   188  O OG    . SER A 1 40  ? 1.132   6.393   -5.784  1.000 24.109 0 40  SER A OG    1 ? ? 
ATOM   189  N N     . ALA A 1 41  ? 0.089   8.969   -7.662  1.000 24.503 0 41  ALA A N     1 ? ? 
ATOM   190  C CA    . ALA A 1 41  ? -0.803  8.950   -8.804  1.000 25.307 0 41  ALA A CA    1 ? ? 
ATOM   191  C C     . ALA A 1 41  ? -1.436  7.566   -8.931  1.000 27.730 0 41  ALA A C     1 ? ? 
ATOM   192  O O     . ALA A 1 41  ? -2.617  7.423   -9.278  1.000 26.551 0 41  ALA A O     1 ? ? 
ATOM   193  C CB    . ALA A 1 41  ? -0.065  9.321   -10.064 1.000 26.025 0 41  ALA A CB    1 ? ? 
ATOM   194  N N     . GLY A 1 42  ? -0.599  6.553   -8.713  1.000 27.261 0 42  GLY A N     1 ? ? 
ATOM   195  C CA    . GLY A 1 42  ? -1.024  5.163   -8.845  1.000 27.717 0 42  GLY A CA    1 ? ? 
ATOM   196  C C     . GLY A 1 42  ? -2.114  4.804   -7.838  1.000 22.720 0 42  GLY A C     1 ? ? 
ATOM   197  O O     . GLY A 1 42  ? -2.934  3.957   -8.118  1.000 25.603 0 42  GLY A O     1 ? ? 
ATOM   198  N N     . PHE A 1 43  ? -2.054  5.381   -6.638  1.000 24.131 0 43  PHE A N     1 ? ? 
ATOM   199  C CA    . PHE A 1 43  ? -3.053  5.138   -5.624  1.000 26.300 0 43  PHE A CA    1 ? ? 
ATOM   200  C C     . PHE A 1 43  ? -4.431  5.601   -6.086  1.000 27.669 0 43  PHE A C     1 ? ? 
ATOM   201  O O     . PHE A 1 43  ? -5.401  4.850   -5.974  1.000 23.955 0 43  PHE A O     1 ? ? 
ATOM   202  C CB    . PHE A 1 43  ? -2.673  5.764   -4.287  1.000 25.115 0 43  PHE A CB    1 ? ? 
ATOM   203  C CG    . PHE A 1 43  ? -3.650  5.418   -3.193  1.000 27.868 0 43  PHE A CG    1 ? ? 
ATOM   204  C CD1   . PHE A 1 43  ? -3.542  4.215   -2.506  1.000 25.166 0 43  PHE A CD1   1 ? ? 
ATOM   205  C CD2   . PHE A 1 43  ? -4.719  6.252   -2.897  1.000 27.270 0 43  PHE A CD2   1 ? ? 
ATOM   206  C CE1   . PHE A 1 43  ? -4.398  3.930   -1.457  1.000 25.949 0 43  PHE A CE1   1 ? ? 
ATOM   207  C CE2   . PHE A 1 43  ? -5.603  5.945   -1.874  1.000 28.273 0 43  PHE A CE2   1 ? ? 
ATOM   208  C CZ    . PHE A 1 43  ? -5.454  4.770   -1.166  1.000 26.171 0 43  PHE A CZ    1 ? ? 
ATOM   209  N N     . TYR A 1 44  ? -4.516  6.844   -6.581  1.000 24.534 0 44  TYR A N     1 ? ? 
ATOM   210  C CA    . TYR A 1 44  ? -5.766  7.412   -7.046  1.000 26.671 0 44  TYR A CA    1 ? ? 
ATOM   211  C C     . TYR A 1 44  ? -6.241  6.581   -8.221  1.000 26.543 0 44  TYR A C     1 ? ? 
ATOM   212  O O     . TYR A 1 44  ? -7.433  6.356   -8.417  1.000 29.535 0 44  TYR A O     1 ? ? 
ATOM   213  C CB    . TYR A 1 44  ? -5.596  8.894   -7.449  1.000 26.012 0 44  TYR A CB    1 ? ? 
ATOM   214  C CG    . TYR A 1 44  ? -5.216  9.784   -6.293  1.000 24.398 0 44  TYR A CG    1 ? ? 
ATOM   215  C CD1   . TYR A 1 44  ? -5.946  9.800   -5.122  1.000 23.576 0 44  TYR A CD1   1 ? ? 
ATOM   216  C CD2   . TYR A 1 44  ? -4.122  10.632  -6.369  1.000 25.125 0 44  TYR A CD2   1 ? ? 
ATOM   217  C CE1   . TYR A 1 44  ? -5.613  10.622  -4.062  1.000 26.494 0 44  TYR A CE1   1 ? ? 
ATOM   218  C CE2   . TYR A 1 44  ? -3.777  11.456  -5.310  1.000 24.448 0 44  TYR A CE2   1 ? ? 
ATOM   219  C CZ    . TYR A 1 44  ? -4.517  11.460  -4.154  1.000 22.941 0 44  TYR A CZ    1 ? ? 
ATOM   220  O OH    . TYR A 1 44  ? -4.144  12.222  -3.077  1.000 23.984 0 44  TYR A OH    1 ? ? 
ATOM   221  N N     . GLU A 1 45  ? -5.309  6.097   -9.011  1.000 28.126 0 45  GLU A N     1 ? ? 
ATOM   222  C CA    . GLU A 1 45  ? -5.732  5.386   -10.208 1.000 32.774 0 45  GLU A CA    1 ? ? 
ATOM   223  C C     . GLU A 1 45  ? -6.255  3.988   -9.833  1.000 31.403 0 45  GLU A C     1 ? ? 
ATOM   224  O O     . GLU A 1 45  ? -7.280  3.552   -10.329 1.000 31.429 0 45  GLU A O     1 ? ? 
ATOM   225  C CB    . GLU A 1 45  ? -4.581  5.335   -11.206 1.000 42.090 0 45  GLU A CB    1 ? ? 
ATOM   226  C CG    . GLU A 1 45  ? -4.959  4.768   -12.561 1.000 57.906 0 45  GLU A CG    1 ? ? 
ATOM   227  C CD    . GLU A 1 45  ? -3.767  4.537   -13.485 1.000 77.216 0 45  GLU A CD    1 ? ? 
ATOM   228  O OE1   . GLU A 1 45  ? -2.635  4.951   -13.126 1.000 88.788 0 45  GLU A OE1   1 ? ? 
ATOM   229  O OE2   . GLU A 1 45  ? -3.965  3.932   -14.562 1.000 88.349 0 45  GLU A OE2   1 ? ? 
ATOM   230  N N     . MET A 1 46  ? -5.577  3.283   -8.953  1.000 27.170 0 46  MET A N     1 ? ? 
ATOM   231  C CA    . MET A 1 46  ? -6.004  1.941   -8.525  1.000 31.083 0 46  MET A CA    1 ? ? 
ATOM   232  C C     . MET A 1 46  ? -7.321  1.988   -7.738  1.000 33.999 0 46  MET A C     1 ? ? 
ATOM   233  O O     . MET A 1 46  ? -8.211  1.142   -7.911  1.000 30.558 0 46  MET A O     1 ? ? 
ATOM   234  C CB    . MET A 1 46  ? -4.935  1.320   -7.614  1.000 32.105 0 46  MET A CB    1 ? ? 
ATOM   235  C CG    . MET A 1 46  ? -5.320  0.007   -6.913  1.000 28.585 0 46  MET A CG    1 ? ? 
ATOM   236  S SD    . MET A 1 46  ? -3.956  -0.562  -5.849  1.000 34.252 0 46  MET A SD    1 ? ? 
ATOM   237  C CE    . MET A 1 46  ? -4.356  0.297   -4.329  1.000 40.576 0 46  MET A CE    1 ? ? 
ATOM   238  N N     . THR A 1 47  ? -7.473  2.963   -6.841  1.000 26.925 0 47  THR A N     1 ? ? 
ATOM   239  C CA    . THR A 1 47  ? -8.605  2.911   -5.924  1.000 25.030 0 47  THR A CA    1 ? ? 
ATOM   240  C C     . THR A 1 47  ? -9.815  3.661   -6.469  1.000 30.212 0 47  THR A C     1 ? ? 
ATOM   241  O O     . THR A 1 47  ? -10.906 3.491   -5.925  1.000 26.823 0 47  THR A O     1 ? ? 
ATOM   242  C CB    . THR A 1 47  ? -8.249  3.448   -4.538  1.000 25.755 0 47  THR A CB    1 ? ? 
ATOM   243  O OG1   . THR A 1 47  ? -7.973  4.852   -4.643  1.000 25.583 0 47  THR A OG1   1 ? ? 
ATOM   244  C CG2   . THR A 1 47  ? -7.079  2.713   -3.903  1.000 27.989 0 47  THR A CG2   1 ? ? 
ATOM   245  N N     . GLN A 1 48  ? -9.591  4.535   -7.470  1.000 30.530 0 48  GLN A N     1 ? ? 
ATOM   246  C CA    . GLN A 1 48  ? -10.584 5.430   -8.054  1.000 31.372 0 48  GLN A CA    1 ? ? 
ATOM   247  C C     . GLN A 1 48  ? -10.977 6.587   -7.135  1.000 29.932 0 48  GLN A C     1 ? ? 
ATOM   248  O O     . GLN A 1 48  ? -11.789 7.398   -7.548  1.000 35.722 0 48  GLN A O     1 ? ? 
ATOM   249  C CB    . GLN A 1 48  ? -11.880 4.707   -8.441  1.000 31.867 0 48  GLN A CB    1 ? ? 
ATOM   250  C CG    . GLN A 1 48  ? -11.689 3.568   -9.435  1.000 32.267 0 48  GLN A CG    1 ? ? 
ATOM   251  C CD    . GLN A 1 48  ? -12.921 2.686   -9.468  1.000 32.603 0 48  GLN A CD    1 ? ? 
ATOM   252  O OE1   . GLN A 1 48  ? -13.917 2.920   -8.778  1.000 32.329 0 48  GLN A OE1   1 ? ? 
ATOM   253  N NE2   . GLN A 1 48  ? -12.850 1.635   -10.257 1.000 35.567 0 48  GLN A NE2   1 ? ? 
ATOM   254  N N     . TYR A 1 49  ? -10.441 6.675   -5.916  1.000 29.640 0 49  TYR A N     1 ? ? 
ATOM   255  C CA    . TYR A 1 49  ? -10.703 7.810   -5.040  1.000 29.335 0 49  TYR A CA    1 ? ? 
ATOM   256  C C     . TYR A 1 49  ? -9.805  8.983   -5.440  1.000 30.995 0 49  TYR A C     1 ? ? 
ATOM   257  O O     . TYR A 1 49  ? -8.836  8.832   -6.186  1.000 32.366 0 49  TYR A O     1 ? ? 
ATOM   258  C CB    . TYR A 1 49  ? -10.449 7.471   -3.575  1.000 29.592 0 49  TYR A CB    1 ? ? 
ATOM   259  C CG    . TYR A 1 49  ? -11.451 6.536   -2.949  1.000 32.469 0 49  TYR A CG    1 ? ? 
ATOM   260  C CD1   . TYR A 1 49  ? -12.671 7.006   -2.469  1.000 36.636 0 49  TYR A CD1   1 ? ? 
ATOM   261  C CD2   . TYR A 1 49  ? -11.214 5.169   -2.864  1.000 33.202 0 49  TYR A CD2   1 ? ? 
ATOM   262  C CE1   . TYR A 1 49  ? -13.608 6.154   -1.890  1.000 35.292 0 49  TYR A CE1   1 ? ? 
ATOM   263  C CE2   . TYR A 1 49  ? -12.142 4.311   -2.280  1.000 30.869 0 49  TYR A CE2   1 ? ? 
ATOM   264  C CZ    . TYR A 1 49  ? -13.354 4.797   -1.814  1.000 33.908 0 49  TYR A CZ    1 ? ? 
ATOM   265  O OH    . TYR A 1 49  ? -14.283 3.954   -1.211  1.000 32.904 0 49  TYR A OH    1 ? ? 
ATOM   266  N N     . GLY A 1 50  ? -10.199 10.159  -4.970  1.000 31.439 0 50  GLY A N     1 ? ? 
ATOM   267  C CA    . GLY A 1 50  ? -9.520  11.402  -5.301  1.000 31.256 0 50  GLY A CA    1 ? ? 
ATOM   268  C C     . GLY A 1 50  ? -8.905  11.988  -4.054  1.000 26.131 0 50  GLY A C     1 ? ? 
ATOM   269  O O     . GLY A 1 50  ? -9.201  11.593  -2.933  1.000 25.418 0 50  GLY A O     1 ? ? 
ATOM   270  N N     . PRO A 1 51  ? -8.029  13.003  -4.199  1.000 27.077 0 51  PRO A N     1 ? ? 
ATOM   271  C CA    . PRO A 1 51  ? -7.382  13.581  -3.032  1.000 27.723 0 51  PRO A CA    1 ? ? 
ATOM   272  C C     . PRO A 1 51  ? -8.387  14.139  -2.018  1.000 28.569 0 51  PRO A C     1 ? ? 
ATOM   273  O O     . PRO A 1 51  ? -8.147  14.094  -0.821  1.000 28.831 0 51  PRO A O     1 ? ? 
ATOM   274  C CB    . PRO A 1 51  ? -6.457  14.654  -3.667  1.000 28.505 0 51  PRO A CB    1 ? ? 
ATOM   275  C CG    . PRO A 1 51  ? -7.031  14.904  -5.041  1.000 28.937 0 51  PRO A CG    1 ? ? 
ATOM   276  C CD    . PRO A 1 51  ? -7.625  13.587  -5.478  1.000 28.334 0 51  PRO A CD    1 ? ? 
ATOM   277  N N     . GLU A 1 52  ? -9.538  14.628  -2.494  1.000 29.950 0 52  GLU A N     1 ? ? 
ATOM   278  C CA    . GLU A 1 52  ? -10.540 15.204  -1.606  1.000 37.695 0 52  GLU A CA    1 ? ? 
ATOM   279  C C     . GLU A 1 52  ? -11.185 14.117  -0.744  1.000 38.623 0 52  GLU A C     1 ? ? 
ATOM   280  O O     . GLU A 1 52  ? -11.657 14.402  0.340   1.000 43.225 0 52  GLU A O     1 ? ? 
ATOM   281  C CB    . GLU A 1 52  ? -11.566 16.041  -2.382  1.000 42.235 0 52  GLU A CB    1 ? ? 
ATOM   282  C CG    . GLU A 1 52  ? -12.362 15.289  -3.441  1.000 48.761 0 52  GLU A CG    1 ? ? 
ATOM   283  C CD    . GLU A 1 52  ? -11.597 14.795  -4.666  1.000 57.566 0 52  GLU A CD    1 ? ? 
ATOM   284  O OE1   . GLU A 1 52  ? -10.435 15.223  -4.860  1.000 49.222 0 52  GLU A OE1   1 ? ? 
ATOM   285  O OE2   . GLU A 1 52  ? -12.151 13.930  -5.409  1.000 63.404 0 52  GLU A OE2   1 ? ? 
ATOM   286  N N     . ASP A 1 53  ? -11.118 12.856  -1.168  1.000 32.914 0 53  ASP A N     1 ? ? 
ATOM   287  C CA    . ASP A 1 53  ? -11.559 11.740  -0.325  1.000 36.082 0 53  ASP A CA    1 ? ? 
ATOM   288  C C     . ASP A 1 53  ? -10.465 11.192  0.598   1.000 37.707 0 53  ASP A C     1 ? ? 
ATOM   289  O O     . ASP A 1 53  ? -10.746 10.672  1.666   1.000 43.571 0 53  ASP A O     1 ? ? 
ATOM   290  C CB    . ASP A 1 53  ? -12.006 10.577  -1.203  1.000 37.269 0 53  ASP A CB    1 ? ? 
ATOM   291  C CG    . ASP A 1 53  ? -13.012 10.974  -2.261  1.000 38.856 0 53  ASP A CG    1 ? ? 
ATOM   292  O OD1   . ASP A 1 53  ? -13.962 11.663  -1.884  1.000 47.595 0 53  ASP A OD1   1 ? ? 
ATOM   293  O OD2   . ASP A 1 53  ? -12.841 10.574  -3.450  1.000 40.029 0 53  ASP A OD2   1 ? ? 
ATOM   294  N N     . VAL A 1 54  ? -9.206  11.214  0.161   1.000 36.608 0 54  VAL A N     1 ? ? 
ATOM   295  C CA    . VAL A 1 54  ? -8.188  10.356  0.750   1.000 32.098 0 54  VAL A CA    1 ? ? 
ATOM   296  C C     . VAL A 1 54  ? -7.361  11.118  1.789   1.000 32.425 0 54  VAL A C     1 ? ? 
ATOM   297  O O     . VAL A 1 54  ? -7.018  10.589  2.842   1.000 30.712 0 54  VAL A O     1 ? ? 
ATOM   298  C CB    . VAL A 1 54  ? -7.252  9.864   -0.371  1.000 32.421 0 54  VAL A CB    1 ? ? 
ATOM   299  C CG1   . VAL A 1 54  ? -6.019  9.172   0.185   1.000 32.001 0 54  VAL A CG1   1 ? ? 
ATOM   300  C CG2   . VAL A 1 54  ? -7.978  9.005   -1.387  1.000 34.216 0 54  VAL A CG2   1 ? ? 
ATOM   301  N N     . ILE A 1 55  ? -6.905  12.333  1.424   1.000 32.462 0 55  ILE A N     1 ? ? 
ATOM   302  C CA    . ILE A 1 55  ? -5.931  13.033  2.233   1.000 31.399 0 55  ILE A CA    1 ? ? 
ATOM   303  C C     . ILE A 1 55  ? -6.556  13.385  3.568   1.000 29.384 0 55  ILE A C     1 ? ? 
ATOM   304  O O     . ILE A 1 55  ? -7.631  13.951  3.600   1.000 31.165 0 55  ILE A O     1 ? ? 
ATOM   305  C CB    . ILE A 1 55  ? -5.407  14.311  1.550   1.000 33.751 0 55  ILE A CB    1 ? ? 
ATOM   306  C CG1   . ILE A 1 55  ? -4.712  14.013  0.223   1.000 37.079 0 55  ILE A CG1   1 ? ? 
ATOM   307  C CG2   . ILE A 1 55  ? -4.480  15.070  2.515   1.000 35.796 0 55  ILE A CG2   1 ? ? 
ATOM   308  C CD1   . ILE A 1 55  ? -3.428  13.251  0.402   1.000 41.097 0 55  ILE A CD1   1 ? ? 
ATOM   309  N N     . GLY A 1 56  ? -5.859  13.067  4.655   1.000 33.797 0 56  GLY A N     1 ? ? 
ATOM   310  C CA    . GLY A 1 56  ? -6.388  13.294  5.990   1.000 34.390 0 56  GLY A CA    1 ? ? 
ATOM   311  C C     . GLY A 1 56  ? -7.140  12.094  6.551   1.000 37.215 0 56  GLY A C     1 ? ? 
ATOM   312  O O     . GLY A 1 56  ? -7.499  12.095  7.724   1.000 36.429 0 56  GLY A O     1 ? ? 
ATOM   313  N N     . LYS A 1 57  ? -7.399  11.060  5.745   1.000 35.452 0 57  LYS A N     1 ? ? 
ATOM   314  C CA    . LYS A 1 57  ? -8.118  9.913   6.269   1.000 39.096 0 57  LYS A CA    1 ? ? 
ATOM   315  C C     . LYS A 1 57  ? -7.157  8.765   6.549   1.000 39.068 0 57  LYS A C     1 ? ? 
ATOM   316  O O     . LYS A 1 57  ? -6.110  8.624   5.934   1.000 37.554 0 57  LYS A O     1 ? ? 
ATOM   317  C CB    . LYS A 1 57  ? -9.200  9.463   5.291   1.000 45.256 0 57  LYS A CB    1 ? ? 
ATOM   318  C CG    . LYS A 1 57  ? -10.208 10.550  4.961   1.000 52.714 0 57  LYS A CG    1 ? ? 
ATOM   319  C CD    . LYS A 1 57  ? -11.609 10.058  4.680   1.000 63.539 0 57  LYS A CD    1 ? ? 
ATOM   320  C CE    . LYS A 1 57  ? -12.619 11.195  4.688   1.000 69.903 0 57  LYS A CE    1 ? ? 
ATOM   321  N NZ    . LYS A 1 57  ? -12.346 12.218  3.641   1.000 71.328 0 57  LYS A NZ    1 ? ? 
ATOM   322  N N     . ASN A 1 58  ? -7.571  7.907   7.467   1.000 38.538 0 58  ASN A N     1 ? ? 
ATOM   323  C CA    . ASN A 1 58  ? -6.949  6.617   7.661   1.000 37.645 0 58  ASN A CA    1 ? ? 
ATOM   324  C C     . ASN A 1 58  ? -7.369  5.694   6.513   1.000 37.446 0 58  ASN A C     1 ? ? 
ATOM   325  O O     . ASN A 1 58  ? -8.524  5.663   6.093   1.000 36.922 0 58  ASN A O     1 ? ? 
ATOM   326  C CB    . ASN A 1 58  ? -7.293  6.044   9.029   1.000 41.301 0 58  ASN A CB    1 ? ? 
ATOM   327  C CG    . ASN A 1 58  ? -6.524  4.782   9.298   1.000 49.913 0 58  ASN A CG    1 ? ? 
ATOM   328  O OD1   . ASN A 1 58  ? -6.827  3.732   8.735   1.000 51.943 0 58  ASN A OD1   1 ? ? 
ATOM   329  N ND2   . ASN A 1 58  ? -5.501  4.901   10.121  1.000 57.928 0 58  ASN A ND2   1 ? ? 
ATOM   330  N N     . CYS A 1 59  ? -6.417  4.873   6.076   1.000 36.935 0 59  CYS A N     1 ? ? 
ATOM   331  C CA    . CYS A 1 59  ? -6.503  4.096   4.850   1.000 40.153 0 59  CYS A CA    1 ? ? 
ATOM   332  C C     . CYS A 1 59  ? -7.440  2.888   4.960   1.000 40.786 0 59  CYS A C     1 ? ? 
ATOM   333  O O     . CYS A 1 59  ? -7.659  2.151   4.009   1.000 41.284 0 59  CYS A O     1 ? ? 
ATOM   334  C CB    . CYS A 1 59  ? -5.086  3.655   4.517   1.000 42.822 0 59  CYS A CB    1 ? ? 
ATOM   335  S SG    . CYS A 1 59  ? -4.759  3.693   2.752   1.000 48.694 0 59  CYS A SG    1 ? ? 
ATOM   336  N N     . LYS A 1 60  ? -8.057  2.708   6.115   1.000 37.295 0 60  LYS A N     1 ? ? 
ATOM   337  C CA    . LYS A 1 60  ? -9.000  1.629   6.318   1.000 41.935 0 60  LYS A CA    1 ? ? 
ATOM   338  C C     . LYS A 1 60  ? -10.360 1.881   5.680   1.000 37.813 0 60  LYS A C     1 ? ? 
ATOM   339  O O     . LYS A 1 60  ? -11.196 0.996   5.725   1.000 31.764 0 60  LYS A O     1 ? ? 
ATOM   340  C CB    . LYS A 1 60  ? -9.242  1.451   7.813   1.000 44.719 0 60  LYS A CB    1 ? ? 
ATOM   341  C CG    . LYS A 1 60  ? -10.015 2.591   8.446   1.000 48.911 0 60  LYS A CG    1 ? ? 
ATOM   342  C CD    . LYS A 1 60  ? -10.233 2.375   9.906   1.000 56.043 0 60  LYS A CD    1 ? ? 
ATOM   343  C CE    . LYS A 1 60  ? -8.943  2.165   10.666  1.000 59.399 0 60  LYS A CE    1 ? ? 
ATOM   344  N NZ    . LYS A 1 60  ? -9.212  1.881   12.092  1.000 64.274 0 60  LYS A NZ    1 ? ? 
ATOM   345  N N     . PHE A 1 61  ? -10.605 3.060   5.091   1.000 33.973 0 61  PHE A N     1 ? ? 
ATOM   346  C CA    . PHE A 1 61  ? -11.784 3.236   4.258   1.000 28.651 0 61  PHE A CA    1 ? ? 
ATOM   347  C C     . PHE A 1 61  ? -11.767 2.292   3.054   1.000 28.884 0 61  PHE A C     1 ? ? 
ATOM   348  O O     . PHE A 1 61  ? -12.783 2.145   2.368   1.000 30.514 0 61  PHE A O     1 ? ? 
ATOM   349  C CB    . PHE A 1 61  ? -11.922 4.687   3.787   1.000 33.820 0 61  PHE A CB    1 ? ? 
ATOM   350  C CG    . PHE A 1 61  ? -10.837 5.154   2.850   1.000 33.371 0 61  PHE A CG    1 ? ? 
ATOM   351  C CD1   . PHE A 1 61  ? -10.930 4.935   1.488   1.000 34.488 0 61  PHE A CD1   1 ? ? 
ATOM   352  C CD2   . PHE A 1 61  ? -9.700  5.773   3.334   1.000 32.535 0 61  PHE A CD2   1 ? ? 
ATOM   353  C CE1   . PHE A 1 61  ? -9.926  5.360   0.628   1.000 34.638 0 61  PHE A CE1   1 ? ? 
ATOM   354  C CE2   . PHE A 1 61  ? -8.693  6.169   2.479   1.000 30.562 0 61  PHE A CE2   1 ? ? 
ATOM   355  C CZ    . PHE A 1 61  ? -8.777  5.909   1.137   1.000 32.877 0 61  PHE A CZ    1 ? ? 
ATOM   356  N N     . LEU A 1 62  ? -10.615 1.694   2.738   1.000 24.707 0 62  LEU A N     1 ? ? 
ATOM   357  C CA    . LEU A 1 62  ? -10.553 0.682   1.691   1.000 24.768 0 62  LEU A CA    1 ? ? 
ATOM   358  C C     . LEU A 1 62  ? -11.091 -0.682  2.156   1.000 21.622 0 62  LEU A C     1 ? ? 
ATOM   359  O O     . LEU A 1 62  ? -11.321 -1.545  1.325   1.000 24.168 0 62  LEU A O     1 ? ? 
ATOM   360  C CB    . LEU A 1 62  ? -9.102  0.518   1.234   1.000 26.087 0 62  LEU A CB    1 ? ? 
ATOM   361  C CG    . LEU A 1 62  ? -8.488  1.731   0.518   1.000 26.175 0 62  LEU A CG    1 ? ? 
ATOM   362  C CD1   . LEU A 1 62  ? -7.053  1.450   0.187   1.000 30.159 0 62  LEU A CD1   1 ? ? 
ATOM   363  C CD2   . LEU A 1 62  ? -9.255  2.081   -0.730  1.000 25.244 0 62  LEU A CD2   1 ? ? 
ATOM   364  N N     . GLN A 1 63  ? -11.140 -0.918  3.457   1.000 22.630 0 63  GLN A N     1 ? ? 
ATOM   365  C CA    . GLN A 1 63  ? -11.501 -2.226  3.986   1.000 26.385 0 63  GLN A CA    1 ? ? 
ATOM   366  C C     . GLN A 1 63  ? -13.017 -2.392  3.942   1.000 28.421 0 63  GLN A C     1 ? ? 
ATOM   367  O O     . GLN A 1 63  ? -13.792 -1.432  3.859   1.000 31.074 0 63  GLN A O     1 ? ? 
ATOM   368  C CB    . GLN A 1 63  ? -10.909 -2.389  5.383   1.000 28.243 0 63  GLN A CB    1 ? ? 
ATOM   369  C CG    . GLN A 1 63  ? -9.376  -2.449  5.399   1.000 26.895 0 63  GLN A CG    1 ? ? 
ATOM   370  C CD    . GLN A 1 63  ? -8.842  -2.197  6.783   1.000 30.894 0 63  GLN A CD    1 ? ? 
ATOM   371  O OE1   . GLN A 1 63  ? -9.580  -2.270  7.756   1.000 32.733 0 63  GLN A OE1   1 ? ? 
ATOM   372  N NE2   . GLN A 1 63  ? -7.557  -1.910  6.916   1.000 30.706 0 63  GLN A NE2   1 ? ? 
ATOM   373  N N     . GLY A 1 64  ? -13.467 -3.642  3.962   1.000 29.861 0 64  GLY A N     1 ? ? 
ATOM   374  C CA    . GLY A 1 64  ? -14.881 -3.884  3.754   1.000 27.475 0 64  GLY A CA    1 ? ? 
ATOM   375  C C     . GLY A 1 64  ? -15.255 -5.318  4.084   1.000 27.243 0 64  GLY A C     1 ? ? 
ATOM   376  O O     . GLY A 1 64  ? -14.520 -6.002  4.770   1.000 28.301 0 64  GLY A O     1 ? ? 
ATOM   377  N N     . PRO A 1 65  ? -16.384 -5.830  3.557   1.000 30.164 0 65  PRO A N     1 ? ? 
ATOM   378  C CA    . PRO A 1 65  ? -16.741 -7.239  3.748   1.000 31.454 0 65  PRO A CA    1 ? ? 
ATOM   379  C C     . PRO A 1 65  ? -15.609 -8.204  3.420   1.000 29.562 0 65  PRO A C     1 ? ? 
ATOM   380  O O     . PRO A 1 65  ? -14.997 -8.124  2.342   1.000 28.377 0 65  PRO A O     1 ? ? 
ATOM   381  C CB    . PRO A 1 65  ? -17.878 -7.445  2.743   1.000 31.721 0 65  PRO A CB    1 ? ? 
ATOM   382  C CG    . PRO A 1 65  ? -18.538 -6.109  2.712   1.000 32.816 0 65  PRO A CG    1 ? ? 
ATOM   383  C CD    . PRO A 1 65  ? -17.401 -5.100  2.790   1.000 28.424 0 65  PRO A CD    1 ? ? 
ATOM   384  N N     . GLY A 1 66  ? -15.330 -9.076  4.390   1.000 30.003 0 66  GLY A N     1 ? ? 
ATOM   385  C CA    . GLY A 1 66  ? -14.414 -10.176 4.208   1.000 30.849 0 66  GLY A CA    1 ? ? 
ATOM   386  C C     . GLY A 1 66  ? -12.941 -9.807  4.344   1.000 33.392 0 66  GLY A C     1 ? ? 
ATOM   387  O O     . GLY A 1 66  ? -12.100 -10.688 4.218   1.000 32.081 0 66  GLY A O     1 ? ? 
ATOM   388  N N     . THR A 1 67  ? -12.635 -8.520  4.588   1.000 28.820 0 67  THR A N     1 ? ? 
ATOM   389  C CA    . THR A 1 67  ? -11.298 -8.115  4.950   1.000 27.223 0 67  THR A CA    1 ? ? 
ATOM   390  C C     . THR A 1 67  ? -10.905 -8.893  6.200   1.000 30.211 0 67  THR A C     1 ? ? 
ATOM   391  O O     . THR A 1 67  ? -11.599 -8.876  7.205   1.000 31.663 0 67  THR A O     1 ? ? 
ATOM   392  C CB    . THR A 1 67  ? -11.205 -6.593  5.151   1.000 27.778 0 67  THR A CB    1 ? ? 
ATOM   393  O OG1   . THR A 1 67  ? -11.583 -5.898  3.956   1.000 26.812 0 67  THR A OG1   1 ? ? 
ATOM   394  C CG2   . THR A 1 67  ? -9.807  -6.159  5.535   1.000 31.212 0 67  THR A CG2   1 ? ? 
ATOM   395  N N     . ASP A 1 68  ? -9.757  -9.562  6.156   1.000 29.952 0 68  ASP A N     1 ? ? 
ATOM   396  C CA    . ASP A 1 68  ? -9.358  -10.446 7.237   1.000 31.182 0 68  ASP A CA    1 ? ? 
ATOM   397  C C     . ASP A 1 68  ? -8.893  -9.639  8.438   1.000 33.698 0 68  ASP A C     1 ? ? 
ATOM   398  O O     . ASP A 1 68  ? -7.820  -9.003  8.433   1.000 31.336 0 68  ASP A O     1 ? ? 
ATOM   399  C CB    . ASP A 1 68  ? -8.235  -11.386 6.793   1.000 37.365 0 68  ASP A CB    1 ? ? 
ATOM   400  C CG    . ASP A 1 68  ? -7.782  -12.380 7.850   1.000 46.492 0 68  ASP A CG    1 ? ? 
ATOM   401  O OD1   . ASP A 1 68  ? -8.208  -12.261 9.012   1.000 55.365 0 68  ASP A OD1   1 ? ? 
ATOM   402  O OD2   . ASP A 1 68  ? -7.024  -13.287 7.478   1.000 57.389 0 68  ASP A OD2   1 ? ? 
ATOM   403  N N     . THR A 1 69  ? -9.655  -9.842  9.504   1.000 33.964 0 69  THR A N     1 ? ? 
ATOM   404  C CA    . THR A 1 69  ? -9.424  -9.229  10.798  1.000 39.349 0 69  THR A CA    1 ? ? 
ATOM   405  C C     . THR A 1 69  ? -8.027  -9.547  11.380  1.000 34.681 0 69  THR A C     1 ? ? 
ATOM   406  O O     . THR A 1 69  ? -7.408  -8.680  12.001  1.000 31.624 0 69  THR A O     1 ? ? 
ATOM   407  C CB    . THR A 1 69  ? -10.612 -9.634  11.690  1.000 42.528 0 69  THR A CB    1 ? ? 
ATOM   408  O OG1   . THR A 1 69  ? -10.513 -8.777  12.814  1.000 56.681 0 69  THR A OG1   1 ? ? 
ATOM   409  C CG2   . THR A 1 69  ? -10.585 -11.079 12.140  1.000 49.897 0 69  THR A CG2   1 ? ? 
ATOM   410  N N     . GLU A 1 70  ? -7.499  -10.760 11.164  1.000 31.609 0 70  GLU A N     1 ? ? 
ATOM   411  C CA    . GLU A 1 70  ? -6.218  -11.156 11.735  1.000 33.412 0 70  GLU A CA    1 ? ? 
ATOM   412  C C     . GLU A 1 70  ? -5.071  -10.539 10.947  1.000 30.456 0 70  GLU A C     1 ? ? 
ATOM   413  O O     . GLU A 1 70  ? -4.055  -10.222 11.537  1.000 33.000 0 70  GLU A O     1 ? ? 
ATOM   414  C CB    . GLU A 1 70  ? -6.034  -12.671 11.826  1.000 32.739 0 70  GLU A CB    1 ? ? 
ATOM   415  N N     . GLU A 1 71  ? -5.246  -10.313 9.650   1.000 29.338 0 71  GLU A N     1 ? ? 
ATOM   416  C CA    . GLU A 1 71  ? -4.263  -9.567  8.879   1.000 30.184 0 71  GLU A CA    1 ? ? 
ATOM   417  C C     . GLU A 1 71  ? -4.251  -8.107  9.319   1.000 29.474 0 71  GLU A C     1 ? ? 
ATOM   418  O O     . GLU A 1 71  ? -3.178  -7.554  9.524   1.000 30.203 0 71  GLU A O     1 ? ? 
ATOM   419  C CB    . GLU A 1 71  ? -4.513  -9.684  7.383   1.000 32.936 0 71  GLU A CB    1 ? ? 
ATOM   420  C CG    . GLU A 1 71  ? -3.411  -9.012  6.582   1.000 43.310 0 71  GLU A CG    1 ? ? 
ATOM   421  C CD    . GLU A 1 71  ? -2.024  -9.551  6.875   1.000 48.755 0 71  GLU A CD    1 ? ? 
ATOM   422  O OE1   . GLU A 1 71  ? -1.879  -10.812 6.873   1.000 50.100 0 71  GLU A OE1   1 ? ? 
ATOM   423  O OE2   . GLU A 1 71  ? -1.092  -8.722  7.098   1.000 48.627 0 71  GLU A OE2   1 ? ? 
ATOM   424  N N     . VAL A 1 72  ? -5.420  -7.519  9.576   1.000 27.947 0 72  VAL A N     1 ? ? 
ATOM   425  C CA    . VAL A 1 72  ? -5.467  -6.148  10.054  1.000 32.913 0 72  VAL A CA    1 ? ? 
ATOM   426  C C     . VAL A 1 72  ? -4.727  -6.032  11.392  1.000 30.707 0 72  VAL A C     1 ? ? 
ATOM   427  O O     . VAL A 1 72  ? -3.987  -5.081  11.636  1.000 28.272 0 72  VAL A O     1 ? ? 
ATOM   428  C CB    . VAL A 1 72  ? -6.922  -5.644  10.108  1.000 31.232 0 72  VAL A CB    1 ? ? 
ATOM   429  C CG1   . VAL A 1 72  ? -7.020  -4.282  10.767  1.000 31.799 0 72  VAL A CG1   1 ? ? 
ATOM   430  C CG2   . VAL A 1 72  ? -7.535  -5.608  8.726   1.000 29.010 0 72  VAL A CG2   1 ? ? 
ATOM   431  N N     . ALA A 1 73  ? -4.853  -7.054  12.237  1.000 33.399 0 73  ALA A N     1 ? ? 
ATOM   432  C CA    . ALA A 1 73  ? -4.248  -7.036  13.561  1.000 31.030 0 73  ALA A CA    1 ? ? 
ATOM   433  C C     . ALA A 1 73  ? -2.726  -7.121  13.442  1.000 31.061 0 73  ALA A C     1 ? ? 
ATOM   434  O O     . ALA A 1 73  ? -2.020  -6.450  14.190  1.000 33.917 0 73  ALA A O     1 ? ? 
ATOM   435  C CB    . ALA A 1 73  ? -4.813  -8.186  14.385  1.000 32.734 0 73  ALA A CB    1 ? ? 
ATOM   436  N N     . ARG A 1 74  ? -2.212  -7.876  12.456  1.000 30.928 0 74  ARG A N     1 ? ? 
ATOM   437  C CA    . ARG A 1 74  ? -0.767  -7.926  12.238  1.000 31.466 0 74  ARG A CA    1 ? ? 
ATOM   438  C C     . ARG A 1 74  ? -0.246  -6.582  11.731  1.000 28.560 0 74  ARG A C     1 ? ? 
ATOM   439  O O     . ARG A 1 74  ? 0.830   -6.154  12.133  1.000 30.491 0 74  ARG A O     1 ? ? 
ATOM   440  C CB    . ARG A 1 74  ? -0.363  -9.044  11.268  1.000 34.100 0 74  ARG A CB    1 ? ? 
ATOM   441  C CG    . ARG A 1 74  ? -0.588  -10.441 11.824  1.000 37.434 0 74  ARG A CG    1 ? ? 
ATOM   442  C CD    . ARG A 1 74  ? 0.056   -11.519 10.971  1.000 37.366 0 74  ARG A CD    1 ? ? 
ATOM   443  N NE    . ARG A 1 74  ? -0.773  -11.845 9.836   1.000 40.966 0 74  ARG A NE    1 ? ? 
ATOM   444  C CZ    . ARG A 1 74  ? -1.791  -12.704 9.845   1.000 44.027 0 74  ARG A CZ    1 ? ? 
ATOM   445  N NH1   . ARG A 1 74  ? -1.999  -13.473 10.896  1.000 43.602 0 74  ARG A NH1   1 ? ? 
ATOM   446  N NH2   . ARG A 1 74  ? -2.566  -12.842 8.779   1.000 38.543 0 74  ARG A NH2   1 ? ? 
ATOM   447  N N     . ILE A 1 75  ? -1.000  -5.923  10.851  1.000 29.939 0 75  ILE A N     1 ? ? 
ATOM   448  C CA    . ILE A 1 75  ? -0.644  -4.576  10.413  1.000 28.568 0 75  ILE A CA    1 ? ? 
ATOM   449  C C     . ILE A 1 75  ? -0.547  -3.611  11.606  1.000 28.332 0 75  ILE A C     1 ? ? 
ATOM   450  O O     . ILE A 1 75  ? 0.431   -2.879  11.753  1.000 29.231 0 75  ILE A O     1 ? ? 
ATOM   451  C CB    . ILE A 1 75  ? -1.646  -4.093  9.364   1.000 27.396 0 75  ILE A CB    1 ? ? 
ATOM   452  C CG1   . ILE A 1 75  ? -1.436  -4.851  8.059   1.000 29.738 0 75  ILE A CG1   1 ? ? 
ATOM   453  C CG2   . ILE A 1 75  ? -1.530  -2.580  9.174   1.000 29.318 0 75  ILE A CG2   1 ? ? 
ATOM   454  C CD1   . ILE A 1 75  ? -2.597  -4.798  7.093   1.000 31.079 0 75  ILE A CD1   1 ? ? 
ATOM   455  N N     . ARG A 1 76  ? -1.591  -3.594  12.444  1.000 30.155 0 76  ARG A N     1 ? ? 
ATOM   456  C CA    . ARG A 1 76  ? -1.650  -2.767  13.649  1.000 32.812 0 76  ARG A CA    1 ? ? 
ATOM   457  C C     . ARG A 1 76  ? -0.424  -2.982  14.546  1.000 33.702 0 76  ARG A C     1 ? ? 
ATOM   458  O O     . ARG A 1 76  ? 0.196   -2.013  14.995  1.000 32.772 0 76  ARG A O     1 ? ? 
ATOM   459  C CB    . ARG A 1 76  ? -2.974  -3.083  14.367  1.000 36.527 0 76  ARG A CB    1 ? ? 
ATOM   460  C CG    . ARG A 1 76  ? -3.224  -2.281  15.639  1.000 44.928 0 76  ARG A CG    1 ? ? 
ATOM   461  C CD    . ARG A 1 76  ? -4.538  -2.680  16.328  1.000 45.409 0 76  ARG A CD    1 ? ? 
ATOM   462  N NE    . ARG A 1 76  ? -5.682  -2.553  15.426  1.000 52.335 0 76  ARG A NE    1 ? ? 
ATOM   463  C CZ    . ARG A 1 76  ? -6.466  -3.551  15.023  1.000 54.218 0 76  ARG A CZ    1 ? ? 
ATOM   464  N NH1   . ARG A 1 76  ? -6.341  -4.768  15.523  1.000 53.521 0 76  ARG A NH1   1 ? ? 
ATOM   465  N NH2   . ARG A 1 76  ? -7.392  -3.315  14.113  1.000 55.071 0 76  ARG A NH2   1 ? ? 
ATOM   466  N N     . ARG A 1 77  ? -0.033  -4.248  14.771  1.000 32.504 0 77  ARG A N     1 ? ? 
ATOM   467  C CA    . ARG A 1 77  ? 1.121   -4.576  15.596  1.000 36.109 0 77  ARG A CA    1 ? ? 
ATOM   468  C C     . ARG A 1 77  ? 2.415   -4.098  14.943  1.000 36.191 0 77  ARG A C     1 ? ? 
ATOM   469  O O     . ARG A 1 77  ? 3.281   -3.567  15.621  1.000 31.773 0 77  ARG A O     1 ? ? 
ATOM   470  C CB    . ARG A 1 77  ? 1.215   -6.073  15.896  1.000 41.603 0 77  ARG A CB    1 ? ? 
ATOM   471  C CG    . ARG A 1 77  ? 0.631   -6.484  17.241  1.000 56.865 0 77  ARG A CG    1 ? ? 
ATOM   472  C CD    . ARG A 1 77  ? 0.979   -7.910  17.654  1.000 68.776 0 77  ARG A CD    1 ? ? 
ATOM   473  N NE    . ARG A 1 77  ? 0.468   -8.948  16.750  1.000 75.880 0 77  ARG A NE    1 ? ? 
ATOM   474  C CZ    . ARG A 1 77  ? -0.815  -9.291  16.605  1.000 69.555 0 77  ARG A CZ    1 ? ? 
ATOM   475  N NH1   . ARG A 1 77  ? -1.162  -10.181 15.693  1.000 69.561 0 77  ARG A NH1   1 ? ? 
ATOM   476  N NH2   . ARG A 1 77  ? -1.752  -8.744  17.358  1.000 72.538 0 77  ARG A NH2   1 ? ? 
ATOM   477  N N     . ALA A 1 78  ? 2.553   -4.295  13.629  1.000 31.213 0 78  ALA A N     1 ? ? 
ATOM   478  C CA    . ALA A 1 78  ? 3.695   -3.768  12.931  1.000 28.841 0 78  ALA A CA    1 ? ? 
ATOM   479  C C     . ALA A 1 78  ? 3.781   -2.274  13.162  1.000 27.595 0 78  ALA A C     1 ? ? 
ATOM   480  O O     . ALA A 1 78  ? 4.833   -1.734  13.493  1.000 30.372 0 78  ALA A O     1 ? ? 
ATOM   481  C CB    . ALA A 1 78  ? 3.603   -4.073  11.459  1.000 29.986 0 78  ALA A CB    1 ? ? 
ATOM   482  N N     . ILE A 1 79  ? 2.676   -1.572  12.936  1.000 32.517 0 79  ILE A N     1 ? ? 
ATOM   483  C CA    . ILE A 1 79  ? 2.708   -0.130  13.057  1.000 30.587 0 79  ILE A CA    1 ? ? 
ATOM   484  C C     . ILE A 1 79  ? 3.103   0.271   14.478  1.000 36.584 0 79  ILE A C     1 ? ? 
ATOM   485  O O     . ILE A 1 79  ? 3.960   1.136   14.663  1.000 39.298 0 79  ILE A O     1 ? ? 
ATOM   486  C CB    . ILE A 1 79  ? 1.370   0.493   12.636  1.000 37.235 0 79  ILE A CB    1 ? ? 
ATOM   487  C CG1   . ILE A 1 79  ? 1.123   0.255   11.146  1.000 35.155 0 79  ILE A CG1   1 ? ? 
ATOM   488  C CG2   . ILE A 1 79  ? 1.311   1.980   12.979  1.000 39.762 0 79  ILE A CG2   1 ? ? 
ATOM   489  C CD1   . ILE A 1 79  ? -0.283  0.584   10.725  1.000 35.134 0 79  ILE A CD1   1 ? ? 
ATOM   490  N N     . LYS A 1 80  ? 2.493   -0.380  15.458  1.000 35.542 0 80  LYS A N     1 ? ? 
ATOM   491  C CA    . LYS A 1 80  ? 2.743   -0.083  16.862  1.000 40.073 0 80  LYS A CA    1 ? ? 
ATOM   492  C C     . LYS A 1 80  ? 4.222   -0.307  17.180  1.000 42.331 0 80  LYS A C     1 ? ? 
ATOM   493  O O     . LYS A 1 80  ? 4.837   0.512   17.845  1.000 39.793 0 80  LYS A O     1 ? ? 
ATOM   494  C CB    . LYS A 1 80  ? 1.828   -0.926  17.754  1.000 37.267 0 80  LYS A CB    1 ? ? 
ATOM   495  N N     . ASN A 1 81  ? 4.830   -1.367  16.633  1.000 42.989 0 81  ASN A N     1 ? ? 
ATOM   496  C CA    . ASN A 1 81  ? 6.221   -1.665  16.930  1.000 40.820 0 81  ASN A CA    1 ? ? 
ATOM   497  C C     . ASN A 1 81  ? 7.211   -0.916  16.041  1.000 36.265 0 81  ASN A C     1 ? ? 
ATOM   498  O O     . ASN A 1 81  ? 8.405   -1.090  16.228  1.000 42.047 0 81  ASN A O     1 ? ? 
ATOM   499  C CB    . ASN A 1 81  ? 6.491   -3.165  16.837  1.000 45.075 0 81  ASN A CB    1 ? ? 
ATOM   500  C CG    . ASN A 1 81  ? 5.785   -3.905  17.951  1.000 52.172 0 81  ASN A CG    1 ? ? 
ATOM   501  O OD1   . ASN A 1 81  ? 4.847   -4.657  17.714  1.000 62.355 0 81  ASN A OD1   1 ? ? 
ATOM   502  N ND2   . ASN A 1 81  ? 6.214   -3.671  19.177  1.000 55.231 0 81  ASN A ND2   1 ? ? 
ATOM   503  N N     . GLY A 1 82  ? 6.753   -0.121  15.068  1.000 35.036 0 82  GLY A N     1 ? ? 
ATOM   504  C CA    . GLY A 1 82  ? 7.666   0.508   14.124  1.000 36.227 0 82  GLY A CA    1 ? ? 
ATOM   505  C C     . GLY A 1 82  ? 8.458   -0.496  13.273  1.000 40.194 0 82  GLY A C     1 ? ? 
ATOM   506  O O     . GLY A 1 82  ? 9.640   -0.300  13.003  1.000 37.968 0 82  GLY A O     1 ? ? 
ATOM   507  N N     . GLU A 1 83  ? 7.801   -1.559  12.809  1.000 32.442 0 83  GLU A N     1 ? ? 
ATOM   508  C CA    . GLU A 1 83  ? 8.435   -2.547  11.945  1.000 35.194 0 83  GLU A CA    1 ? ? 
ATOM   509  C C     . GLU A 1 83  ? 7.887   -2.461  10.526  1.000 31.922 0 83  GLU A C     1 ? ? 
ATOM   510  O O     . GLU A 1 83  ? 6.734   -2.101  10.321  1.000 26.508 0 83  GLU A O     1 ? ? 
ATOM   511  C CB    . GLU A 1 83  ? 8.132   -3.962  12.438  1.000 35.671 0 83  GLU A CB    1 ? ? 
ATOM   512  C CG    . GLU A 1 83  ? 8.724   -4.241  13.804  1.000 46.762 0 83  GLU A CG    1 ? ? 
ATOM   513  C CD    . GLU A 1 83  ? 8.338   -5.585  14.402  1.000 56.876 0 83  GLU A CD    1 ? ? 
ATOM   514  O OE1   . GLU A 1 83  ? 7.349   -6.202  13.914  1.000 63.685 0 83  GLU A OE1   1 ? ? 
ATOM   515  O OE2   . GLU A 1 83  ? 9.043   -6.024  15.338  1.000 69.623 0 83  GLU A OE2   1 ? ? 
ATOM   516  N N     . SER A 1 84  ? 8.711   -2.878  9.566   1.000 31.497 0 84  SER A N     1 ? ? 
ATOM   517  C CA    . SER A 1 84  ? 8.225   -3.163  8.235   1.000 32.064 0 84  SER A CA    1 ? ? 
ATOM   518  C C     . SER A 1 84  ? 7.354   -4.426  8.278   1.000 29.801 0 84  SER A C     1 ? ? 
ATOM   519  O O     . SER A 1 84  ? 7.438   -5.217  9.206   1.000 27.153 0 84  SER A O     1 ? ? 
ATOM   520  C CB    . SER A 1 84  ? 9.380   -3.256  7.277   1.000 33.067 0 84  SER A CB    1 ? ? 
ATOM   521  O OG    . SER A 1 84  ? 10.197  -4.361  7.638   1.000 41.647 0 84  SER A OG    1 ? ? 
ATOM   522  N N     . HIS A 1 85  ? 6.474   -4.574  7.276   1.000 27.428 0 85  HIS A N     1 ? ? 
ATOM   523  C CA    . HIS A 1 85  ? 5.442   -5.588  7.270   1.000 30.033 0 85  HIS A CA    1 ? ? 
ATOM   524  C C     . HIS A 1 85  ? 4.901   -5.703  5.854   1.000 28.790 0 85  HIS A C     1 ? ? 
ATOM   525  O O     . HIS A 1 85  ? 4.975   -4.735  5.099   1.000 29.827 0 85  HIS A O     1 ? ? 
ATOM   526  C CB    . HIS A 1 85  ? 4.274   -5.194  8.190   1.000 28.431 0 85  HIS A CB    1 ? ? 
ATOM   527  C CG    . HIS A 1 85  ? 3.205   -6.220  8.246   1.000 29.992 0 85  HIS A CG    1 ? ? 
ATOM   528  N ND1   . HIS A 1 85  ? 3.268   -7.319  9.078   1.000 37.345 0 85  HIS A ND1   1 ? ? 
ATOM   529  C CD2   . HIS A 1 85  ? 2.008   -6.301  7.595   1.000 35.153 0 85  HIS A CD2   1 ? ? 
ATOM   530  C CE1   . HIS A 1 85  ? 2.180   -8.064  8.884   1.000 34.835 0 85  HIS A CE1   1 ? ? 
ATOM   531  N NE2   . HIS A 1 85  ? 1.392   -7.458  8.007   1.000 33.275 0 85  HIS A NE2   1 ? ? 
ATOM   532  N N     . CYS A 1 86  ? 4.415   -6.894  5.490   1.000 29.683 0 86  CYS A N     1 ? ? 
ATOM   533  C CA    A CYS A 1 86  ? 3.637   -7.081  4.276   0.500 29.502 0 86  CYS A CA    1 ? ? 
ATOM   534  C CA    B CYS A 1 86  ? 3.552   -6.978  4.336   0.500 28.576 0 86  CYS A CA    1 ? ? 
ATOM   535  C C     . CYS A 1 86  ? 2.495   -8.035  4.591   1.000 29.255 0 86  CYS A C     1 ? ? 
ATOM   536  O O     . CYS A 1 86  ? 2.624   -8.862  5.467   1.000 30.096 0 86  CYS A O     1 ? ? 
ATOM   537  C CB    A CYS A 1 86  ? 4.456   -7.617  3.099   0.500 32.814 0 86  CYS A CB    1 ? ? 
ATOM   538  C CB    B CYS A 1 86  ? 4.337   -7.171  3.043   0.500 30.661 0 86  CYS A CB    1 ? ? 
ATOM   539  S SG    A CYS A 1 86  ? 3.632   -7.402  1.490   0.500 37.292 0 86  CYS A SG    1 ? ? 
ATOM   540  S SG    B CYS A 1 86  ? 5.178   -8.761  2.934   0.500 29.538 0 86  CYS A SG    1 ? ? 
ATOM   541  N N     . GLY A 1 87  ? 1.405   -7.917  3.851   1.000 30.589 0 87  GLY A N     1 ? ? 
ATOM   542  C CA    . GLY A 1 87  ? 0.263   -8.769  4.067   1.000 32.034 0 87  GLY A CA    1 ? ? 
ATOM   543  C C     . GLY A 1 87  ? -0.714  -8.579  2.927   1.000 30.338 0 87  GLY A C     1 ? ? 
ATOM   544  O O     . GLY A 1 87  ? -0.737  -7.537  2.298   1.000 28.832 0 87  GLY A O     1 ? ? 
ATOM   545  N N     . ARG A 1 88  ? -1.526  -9.596  2.689   1.000 32.313 0 88  ARG A N     1 ? ? 
ATOM   546  C CA    . ARG A 1 88  ? -2.545  -9.559  1.669   1.000 31.037 0 88  ARG A CA    1 ? ? 
ATOM   547  C C     . ARG A 1 88  ? -3.876  -9.216  2.326   1.000 33.627 0 88  ARG A C     1 ? ? 
ATOM   548  O O     . ARG A 1 88  ? -4.275  -9.853  3.277   1.000 29.695 0 88  ARG A O     1 ? ? 
ATOM   549  C CB    . ARG A 1 88  ? -2.578  -10.928 1.014   1.000 33.771 0 88  ARG A CB    1 ? ? 
ATOM   550  C CG    . ARG A 1 88  ? -3.573  -11.062 -0.112  1.000 37.410 0 88  ARG A CG    1 ? ? 
ATOM   551  C CD    . ARG A 1 88  ? -4.073  -12.500 -0.134  1.000 43.304 0 88  ARG A CD    1 ? ? 
ATOM   552  N NE    . ARG A 1 88  ? -4.391  -12.800 -1.502  1.000 49.578 0 88  ARG A NE    1 ? ? 
ATOM   553  C CZ    . ARG A 1 88  ? -5.166  -13.785 -1.893  1.000 50.094 0 88  ARG A CZ    1 ? ? 
ATOM   554  N NH1   . ARG A 1 88  ? -5.961  -14.372 -1.015  1.000 52.924 0 88  ARG A NH1   1 ? ? 
ATOM   555  N NH2   . ARG A 1 88  ? -5.179  -14.108 -3.178  1.000 49.864 0 88  ARG A NH2   1 ? ? 
ATOM   556  N N     . LEU A 1 89  ? -4.572  -8.229  1.784   1.000 31.723 0 89  LEU A N     1 ? ? 
ATOM   557  C CA    . LEU A 1 89  ? -5.776  -7.681  2.386   1.000 35.366 0 89  LEU A CA    1 ? ? 
ATOM   558  C C     . LEU A 1 89  ? -6.796  -7.532  1.264   1.000 28.041 0 89  LEU A C     1 ? ? 
ATOM   559  O O     . LEU A 1 89  ? -6.433  -7.019  0.204   1.000 27.165 0 89  LEU A O     1 ? ? 
ATOM   560  C CB    . LEU A 1 89  ? -5.347  -6.292  2.895   1.000 43.899 0 89  LEU A CB    1 ? ? 
ATOM   561  C CG    . LEU A 1 89  ? -5.888  -5.833  4.235   1.000 48.502 0 89  LEU A CG    1 ? ? 
ATOM   562  C CD1   . LEU A 1 89  ? -5.548  -6.830  5.320   1.000 57.189 0 89  LEU A CD1   1 ? ? 
ATOM   563  C CD2   . LEU A 1 89  ? -5.265  -4.501  4.575   1.000 57.495 0 89  LEU A CD2   1 ? ? 
ATOM   564  N N     . LEU A 1 90  ? -8.056  -7.939  1.469   1.000 25.878 0 90  LEU A N     1 ? ? 
ATOM   565  C CA    . LEU A 1 90  ? -9.125  -7.549  0.554   1.000 24.505 0 90  LEU A CA    1 ? ? 
ATOM   566  C C     . LEU A 1 90  ? -9.477  -6.078  0.763   1.000 23.153 0 90  LEU A C     1 ? ? 
ATOM   567  O O     . LEU A 1 90  ? -9.678  -5.627  1.875   1.000 25.053 0 90  LEU A O     1 ? ? 
ATOM   568  C CB    . LEU A 1 90  ? -10.381 -8.386  0.765   1.000 25.695 0 90  LEU A CB    1 ? ? 
ATOM   569  C CG    . LEU A 1 90  ? -11.496 -8.213  -0.275  1.000 26.387 0 90  LEU A CG    1 ? ? 
ATOM   570  C CD1   . LEU A 1 90  ? -11.064 -8.724  -1.638  1.000 29.027 0 90  LEU A CD1   1 ? ? 
ATOM   571  C CD2   . LEU A 1 90  ? -12.769 -8.954  0.155   1.000 29.355 0 90  LEU A CD2   1 ? ? 
ATOM   572  N N     . ASN A 1 91  ? -9.560  -5.353  -0.339  1.000 26.401 0 91  ASN A N     1 ? ? 
ATOM   573  C CA    . ASN A 1 91  ? -9.875  -3.940  -0.303  1.000 24.291 0 91  ASN A CA    1 ? ? 
ATOM   574  C C     . ASN A 1 91  ? -10.908 -3.663  -1.391  1.000 22.477 0 91  ASN A C     1 ? ? 
ATOM   575  O O     . ASN A 1 91  ? -11.214 -4.530  -2.219  1.000 24.508 0 91  ASN A O     1 ? ? 
ATOM   576  C CB    . ASN A 1 91  ? -8.620  -3.078  -0.501  1.000 24.059 0 91  ASN A CB    1 ? ? 
ATOM   577  C CG    . ASN A 1 91  ? -7.786  -2.838  0.731   1.000 24.035 0 91  ASN A CG    1 ? ? 
ATOM   578  O OD1   . ASN A 1 91  ? -8.057  -3.265  1.871   1.000 25.979 0 91  ASN A OD1   1 ? ? 
ATOM   579  N ND2   . ASN A 1 91  ? -6.749  -2.068  0.485   1.000 23.442 0 91  ASN A ND2   1 ? ? 
ATOM   580  N N     . TYR A 1 92  ? -11.442 -2.440  -1.355  1.000 25.094 0 92  TYR A N     1 ? ? 
ATOM   581  C CA    . TYR A 1 92  ? -12.524 -2.032  -2.233  1.000 21.939 0 92  TYR A CA    1 ? ? 
ATOM   582  C C     . TYR A 1 92  ? -12.239 -0.695  -2.884  1.000 25.121 0 92  TYR A C     1 ? ? 
ATOM   583  O O     . TYR A 1 92  ? -11.855 0.262   -2.205  1.000 24.787 0 92  TYR A O     1 ? ? 
ATOM   584  C CB    . TYR A 1 92  ? -13.767 -1.936  -1.357  1.000 24.645 0 92  TYR A CB    1 ? ? 
ATOM   585  C CG    . TYR A 1 92  ? -14.222 -3.303  -0.936  1.000 24.446 0 92  TYR A CG    1 ? ? 
ATOM   586  C CD1   . TYR A 1 92  ? -15.087 -4.035  -1.739  1.000 30.109 0 92  TYR A CD1   1 ? ? 
ATOM   587  C CD2   . TYR A 1 92  ? -13.726 -3.890  0.217   1.000 24.565 0 92  TYR A CD2   1 ? ? 
ATOM   588  C CE1   . TYR A 1 92  ? -15.509 -5.307  -1.373  1.000 31.718 0 92  TYR A CE1   1 ? ? 
ATOM   589  C CE2   . TYR A 1 92  ? -14.122 -5.174  0.577   1.000 27.406 0 92  TYR A CE2   1 ? ? 
ATOM   590  C CZ    . TYR A 1 92  ? -15.002 -5.888  -0.225  1.000 29.221 0 92  TYR A CZ    1 ? ? 
ATOM   591  O OH    . TYR A 1 92  ? -15.394 -7.177  0.136   1.000 30.392 0 92  TYR A OH    1 ? ? 
ATOM   592  N N     . LYS A 1 93  ? -12.527 -0.632  -4.173  1.000 23.938 0 93  LYS A N     1 ? ? 
ATOM   593  C CA    . LYS A 1 93  ? -12.428 0.615   -4.891  1.000 26.316 0 93  LYS A CA    1 ? ? 
ATOM   594  C C     . LYS A 1 93  ? -13.676 1.447   -4.649  1.000 30.822 0 93  LYS A C     1 ? ? 
ATOM   595  O O     . LYS A 1 93  ? -14.649 0.996   -4.016  1.000 26.900 0 93  LYS A O     1 ? ? 
ATOM   596  C CB    . LYS A 1 93  ? -12.243 0.387   -6.383  1.000 27.147 0 93  LYS A CB    1 ? ? 
ATOM   597  C CG    . LYS A 1 93  ? -11.114 -0.571  -6.681  1.000 29.119 0 93  LYS A CG    1 ? ? 
ATOM   598  C CD    . LYS A 1 93  ? -10.809 -0.695  -8.103  1.000 28.121 0 93  LYS A CD    1 ? ? 
ATOM   599  C CE    . LYS A 1 93  ? -9.688  -1.683  -8.234  1.000 31.366 0 93  LYS A CE    1 ? ? 
ATOM   600  N NZ    . LYS A 1 93  ? -9.041  -1.508  -9.543  1.000 33.627 0 93  LYS A NZ    1 ? ? 
ATOM   601  N N     . LYS A 1 94  ? -13.603 2.690   -5.139  1.000 27.973 0 94  LYS A N     1 ? ? 
ATOM   602  C CA    . LYS A 1 94  ? -14.680 3.639   -4.916  1.000 32.461 0 94  LYS A CA    1 ? ? 
ATOM   603  C C     . LYS A 1 94  ? -16.008 3.127   -5.498  1.000 29.817 0 94  LYS A C     1 ? ? 
ATOM   604  O O     . LYS A 1 94  ? -17.060 3.372   -4.925  1.000 32.838 0 94  LYS A O     1 ? ? 
ATOM   605  C CB    . LYS A 1 94  ? -14.326 5.014   -5.483  1.000 32.809 0 94  LYS A CB    1 ? ? 
ATOM   606  C CG    . LYS A 1 94  ? -15.330 6.082   -5.066  1.000 35.446 0 94  LYS A CG    1 ? ? 
ATOM   607  C CD    . LYS A 1 94  ? -14.974 7.511   -5.403  1.000 44.245 0 94  LYS A CD    1 ? ? 
ATOM   608  C CE    . LYS A 1 94  ? -15.840 8.483   -4.622  1.000 52.379 0 94  LYS A CE    1 ? ? 
ATOM   609  N NZ    . LYS A 1 94  ? -15.516 9.896   -4.923  1.000 60.666 0 94  LYS A NZ    1 ? ? 
ATOM   610  N N     . ASP A 1 95  ? -15.960 2.403   -6.619  1.000 29.747 0 95  ASP A N     1 ? ? 
ATOM   611  C CA    . ASP A 1 95  ? -17.165 1.897   -7.251  1.000 34.290 0 95  ASP A CA    1 ? ? 
ATOM   612  C C     . ASP A 1 95  ? -17.616 0.595   -6.582  1.000 34.961 0 95  ASP A C     1 ? ? 
ATOM   613  O O     . ASP A 1 95  ? -18.527 -0.050  -7.078  1.000 33.579 0 95  ASP A O     1 ? ? 
ATOM   614  C CB    . ASP A 1 95  ? -16.974 1.710   -8.758  1.000 35.127 0 95  ASP A CB    1 ? ? 
ATOM   615  C CG    . ASP A 1 95  ? -15.957 0.645   -9.131  1.000 38.018 0 95  ASP A CG    1 ? ? 
ATOM   616  O OD1   . ASP A 1 95  ? -15.377 0.015   -8.197  1.000 33.446 0 95  ASP A OD1   1 ? ? 
ATOM   617  O OD2   . ASP A 1 95  ? -15.708 0.499   -10.350 1.000 33.783 0 95  ASP A OD2   1 ? ? 
ATOM   618  N N     . GLY A 1 96  ? -16.988 0.213   -5.467  1.000 31.498 0 96  GLY A N     1 ? ? 
ATOM   619  C CA    . GLY A 1 96  ? -17.348 -1.017  -4.777  1.000 28.216 0 96  GLY A CA    1 ? ? 
ATOM   620  C C     . GLY A 1 96  ? -16.640 -2.268  -5.282  1.000 30.039 0 96  GLY A C     1 ? ? 
ATOM   621  O O     . GLY A 1 96  ? -16.788 -3.311  -4.671  1.000 33.345 0 96  GLY A O     1 ? ? 
ATOM   622  N N     . THR A 1 97  ? -15.827 -2.193  -6.340  1.000 28.748 0 97  THR A N     1 ? ? 
ATOM   623  C CA    . THR A 1 97  ? -15.105 -3.368  -6.820  1.000 29.902 0 97  THR A CA    1 ? ? 
ATOM   624  C C     . THR A 1 97  ? -14.082 -3.876  -5.800  1.000 32.035 0 97  THR A C     1 ? ? 
ATOM   625  O O     . THR A 1 97  ? -13.226 -3.151  -5.316  1.000 27.247 0 97  THR A O     1 ? ? 
ATOM   626  C CB    . THR A 1 97  ? -14.301 -3.054  -8.076  1.000 34.039 0 97  THR A CB    1 ? ? 
ATOM   627  O OG1   . THR A 1 97  ? -15.263 -2.484  -8.955  1.000 35.078 0 97  THR A OG1   1 ? ? 
ATOM   628  C CG2   . THR A 1 97  ? -13.600 -4.261  -8.664  1.000 37.354 0 97  THR A CG2   1 ? ? 
ATOM   629  N N     . PRO A 1 98  ? -14.108 -5.162  -5.420  1.000 27.384 0 98  PRO A N     1 ? ? 
ATOM   630  C CA    . PRO A 1 98  ? -13.094 -5.702  -4.525  1.000 27.991 0 98  PRO A CA    1 ? ? 
ATOM   631  C C     . PRO A 1 98  ? -11.800 -6.028  -5.270  1.000 27.745 0 98  PRO A C     1 ? ? 
ATOM   632  O O     . PRO A 1 98  ? -11.808 -6.389  -6.442  1.000 26.812 0 98  PRO A O     1 ? ? 
ATOM   633  C CB    . PRO A 1 98  ? -13.666 -7.033  -4.014  1.000 28.280 0 98  PRO A CB    1 ? ? 
ATOM   634  C CG    . PRO A 1 98  ? -15.000 -7.199  -4.723  1.000 30.341 0 98  PRO A CG    1 ? ? 
ATOM   635  C CD    . PRO A 1 98  ? -15.114 -6.165  -5.815  1.000 28.681 0 98  PRO A CD    1 ? ? 
ATOM   636  N N     . PHE A 1 99  ? -10.683 -5.895  -4.569  1.000 26.562 0 99  PHE A N     1 ? ? 
ATOM   637  C CA    . PHE A 1 99  ? -9.419  -6.283  -5.150  1.000 25.461 0 99  PHE A CA    1 ? ? 
ATOM   638  C C     . PHE A 1 99  ? -8.560  -6.797  -4.004  1.000 23.117 0 99  PHE A C     1 ? ? 
ATOM   639  O O     . PHE A 1 99  ? -8.719  -6.347  -2.863  1.000 25.822 0 99  PHE A O     1 ? ? 
ATOM   640  C CB    . PHE A 1 99  ? -8.786  -5.094  -5.891  1.000 25.728 0 99  PHE A CB    1 ? ? 
ATOM   641  C CG    . PHE A 1 99  ? -8.341  -3.914  -5.063  1.000 26.851 0 99  PHE A CG    1 ? ? 
ATOM   642  C CD1   . PHE A 1 99  ? -9.243  -2.946  -4.644  1.000 26.742 0 99  PHE A CD1   1 ? ? 
ATOM   643  C CD2   . PHE A 1 99  ? -7.008  -3.727  -4.761  1.000 27.875 0 99  PHE A CD2   1 ? ? 
ATOM   644  C CE1   . PHE A 1 99  ? -8.815  -1.834  -3.932  1.000 29.560 0 99  PHE A CE1   1 ? ? 
ATOM   645  C CE2   . PHE A 1 99  ? -6.581  -2.617  -4.052  1.000 28.293 0 99  PHE A CE2   1 ? ? 
ATOM   646  C CZ    . PHE A 1 99  ? -7.476  -1.660  -3.645  1.000 29.141 0 99  PHE A CZ    1 ? ? 
ATOM   647  N N     . TRP A 1 100 ? -7.596  -7.651  -4.333  1.000 24.275 0 100 TRP A N     1 ? ? 
ATOM   648  C CA    . TRP A 1 100 ? -6.593  -8.096  -3.383  1.000 23.507 0 100 TRP A CA    1 ? ? 
ATOM   649  C C     . TRP A 1 100 ? -5.448  -7.105  -3.431  1.000 22.933 0 100 TRP A C     1 ? ? 
ATOM   650  O O     . TRP A 1 100 ? -4.917  -6.809  -4.487  1.000 25.729 0 100 TRP A O     1 ? ? 
ATOM   651  C CB    . TRP A 1 100 ? -6.116  -9.510  -3.720  1.000 25.034 0 100 TRP A CB    1 ? ? 
ATOM   652  C CG    . TRP A 1 100 ? -7.199  -10.526 -3.577  1.000 27.190 0 100 TRP A CG    1 ? ? 
ATOM   653  C CD1   . TRP A 1 100 ? -7.900  -11.146 -4.573  1.000 30.153 0 100 TRP A CD1   1 ? ? 
ATOM   654  C CD2   . TRP A 1 100 ? -7.712  -11.028 -2.340  1.000 29.345 0 100 TRP A CD2   1 ? ? 
ATOM   655  N NE1   . TRP A 1 100 ? -8.838  -11.974 -4.023  1.000 32.041 0 100 TRP A NE1   1 ? ? 
ATOM   656  C CE2   . TRP A 1 100 ? -8.755  -11.924 -2.661  1.000 29.722 0 100 TRP A CE2   1 ? ? 
ATOM   657  C CE3   . TRP A 1 100 ? -7.420  -10.772 -1.000  1.000 29.384 0 100 TRP A CE3   1 ? ? 
ATOM   658  C CZ2   . TRP A 1 100 ? -9.469  -12.615 -1.689  1.000 29.259 0 100 TRP A CZ2   1 ? ? 
ATOM   659  C CZ3   . TRP A 1 100 ? -8.140  -11.448 -0.037  1.000 32.114 0 100 TRP A CZ3   1 ? ? 
ATOM   660  C CH2   . TRP A 1 100 ? -9.133  -12.365 -0.380  1.000 31.277 0 100 TRP A CH2   1 ? ? 
ATOM   661  N N     . ASN A 1 101 ? -5.052  -6.664  -2.259  1.000 24.637 0 101 ASN A N     1 ? ? 
ATOM   662  C CA    . ASN A 1 101 ? -4.007  -5.682  -2.086  1.000 25.977 0 101 ASN A CA    1 ? ? 
ATOM   663  C C     . ASN A 1 101 ? -2.889  -6.365  -1.317  1.000 25.059 0 101 ASN A C     1 ? ? 
ATOM   664  O O     . ASN A 1 101 ? -3.090  -6.784  -0.184  1.000 26.153 0 101 ASN A O     1 ? ? 
ATOM   665  C CB    . ASN A 1 101 ? -4.601  -4.495  -1.337  1.000 25.267 0 101 ASN A CB    1 ? ? 
ATOM   666  C CG    . ASN A 1 101 ? -3.601  -3.405  -1.032  1.000 29.690 0 101 ASN A CG    1 ? ? 
ATOM   667  O OD1   . ASN A 1 101 ? -2.404  -3.551  -1.311  1.000 25.149 0 101 ASN A OD1   1 ? ? 
ATOM   668  N ND2   . ASN A 1 101 ? -4.096  -2.340  -0.413  1.000 28.470 0 101 ASN A ND2   1 ? ? 
ATOM   669  N N     . LEU A 1 102 ? -1.742  -6.527  -1.968  1.000 24.968 0 102 LEU A N     1 ? ? 
ATOM   670  C CA    . LEU A 1 102 ? -0.524  -6.867  -1.242  1.000 25.246 0 102 LEU A CA    1 ? ? 
ATOM   671  C C     . LEU A 1 102 ? 0.106   -5.579  -0.746  1.000 26.662 0 102 LEU A C     1 ? ? 
ATOM   672  O O     . LEU A 1 102 ? 0.666   -4.792  -1.516  1.000 27.188 0 102 LEU A O     1 ? ? 
ATOM   673  C CB    . LEU A 1 102 ? 0.462   -7.621  -2.131  1.000 28.189 0 102 LEU A CB    1 ? ? 
ATOM   674  C CG    . LEU A 1 102 ? -0.108  -8.841  -2.833  1.000 31.423 0 102 LEU A CG    1 ? ? 
ATOM   675  C CD1   . LEU A 1 102 ? 0.991   -9.558  -3.602  1.000 35.570 0 102 LEU A CD1   1 ? ? 
ATOM   676  C CD2   . LEU A 1 102 ? -0.747  -9.768  -1.827  1.000 34.320 0 102 LEU A CD2   1 ? ? 
ATOM   677  N N     . LEU A 1 103 ? -0.046  -5.367  0.552   1.000 24.820 0 103 LEU A N     1 ? ? 
ATOM   678  C CA    . LEU A 1 103 ? 0.365   -4.136  1.184   1.000 24.683 0 103 LEU A CA    1 ? ? 
ATOM   679  C C     . LEU A 1 103 ? 1.714   -4.312  1.866   1.000 27.389 0 103 LEU A C     1 ? ? 
ATOM   680  O O     . LEU A 1 103 ? 1.839   -5.081  2.826   1.000 30.943 0 103 LEU A O     1 ? ? 
ATOM   681  C CB    . LEU A 1 103 ? -0.685  -3.766  2.225   1.000 24.063 0 103 LEU A CB    1 ? ? 
ATOM   682  C CG    . LEU A 1 103 ? -0.356  -2.547  3.081   1.000 26.399 0 103 LEU A CG    1 ? ? 
ATOM   683  C CD1   . LEU A 1 103 ? -0.305  -1.268  2.222   1.000 28.368 0 103 LEU A CD1   1 ? ? 
ATOM   684  C CD2   . LEU A 1 103 ? -1.348  -2.403  4.214   1.000 24.909 0 103 LEU A CD2   1 ? ? 
ATOM   685  N N     . THR A 1 104 ? 2.661   -3.465  1.465   1.000 27.483 0 104 THR A N     1 ? ? 
ATOM   686  C CA    . THR A 1 104 ? 3.961   -3.405  2.090   1.000 29.078 0 104 THR A CA    1 ? ? 
ATOM   687  C C     . THR A 1 104 ? 4.052   -2.142  2.923   1.000 29.363 0 104 THR A C     1 ? ? 
ATOM   688  O O     . THR A 1 104 ? 3.710   -1.086  2.430   1.000 31.188 0 104 THR A O     1 ? ? 
ATOM   689  C CB    . THR A 1 104 ? 5.068   -3.378  1.038   1.000 30.785 0 104 THR A CB    1 ? ? 
ATOM   690  O OG1   . THR A 1 104 ? 5.173   -4.681  0.467   1.000 30.850 0 104 THR A OG1   1 ? ? 
ATOM   691  C CG2   . THR A 1 104 ? 6.397   -2.969  1.628   1.000 35.708 0 104 THR A CG2   1 ? ? 
ATOM   692  N N     . LEU A 1 105 ? 4.570   -2.270  4.144   1.000 26.916 0 105 LEU A N     1 ? ? 
ATOM   693  C CA    . LEU A 1 105 ? 4.675   -1.150  5.056   1.000 27.599 0 105 LEU A CA    1 ? ? 
ATOM   694  C C     . LEU A 1 105 ? 6.101   -1.034  5.522   1.000 27.401 0 105 LEU A C     1 ? ? 
ATOM   695  O O     . LEU A 1 105 ? 6.673   -2.061  5.826   1.000 30.283 0 105 LEU A O     1 ? ? 
ATOM   696  C CB    . LEU A 1 105 ? 3.825   -1.358  6.307   1.000 29.846 0 105 LEU A CB    1 ? ? 
ATOM   697  C CG    . LEU A 1 105 ? 2.330   -1.381  6.105   1.000 32.148 0 105 LEU A CG    1 ? ? 
ATOM   698  C CD1   . LEU A 1 105 ? 1.659   -1.771  7.399   1.000 36.165 0 105 LEU A CD1   1 ? ? 
ATOM   699  C CD2   . LEU A 1 105 ? 1.860   -0.034  5.633   1.000 34.856 0 105 LEU A CD2   1 ? ? 
ATOM   700  N N     . ALA A 1 106 ? 6.575   0.216   5.671   1.000 28.753 0 106 ALA A N     1 ? ? 
ATOM   701  C CA    . ALA A 1 106 ? 7.894   0.514   6.191   1.000 29.485 0 106 ALA A CA    1 ? ? 
ATOM   702  C C     . ALA A 1 106 ? 7.828   1.802   7.008   1.000 32.294 0 106 ALA A C     1 ? ? 
ATOM   703  O O     . ALA A 1 106 ? 7.250   2.815   6.574   1.000 27.136 0 106 ALA A O     1 ? ? 
ATOM   704  C CB    . ALA A 1 106 ? 8.871   0.672   5.062   1.000 32.954 0 106 ALA A CB    1 ? ? 
ATOM   705  N N     . PRO A 1 107 ? 8.485   1.810   8.184   1.000 31.886 0 107 PRO A N     1 ? ? 
ATOM   706  C CA    . PRO A 1 107 ? 8.589   3.010   9.008   1.000 31.707 0 107 PRO A CA    1 ? ? 
ATOM   707  C C     . PRO A 1 107 ? 9.602   3.991   8.432   1.000 33.548 0 107 PRO A C     1 ? ? 
ATOM   708  O O     . PRO A 1 107 ? 10.550  3.601   7.758   1.000 35.697 0 107 PRO A O     1 ? ? 
ATOM   709  C CB    . PRO A 1 107 ? 9.085   2.456   10.345  1.000 33.324 0 107 PRO A CB    1 ? ? 
ATOM   710  C CG    . PRO A 1 107 ? 9.903   1.249   9.970   1.000 31.456 0 107 PRO A CG    1 ? ? 
ATOM   711  C CD    . PRO A 1 107 ? 9.205   0.672   8.766   1.000 32.736 0 107 PRO A CD    1 ? ? 
ATOM   712  N N     . ILE A 1 108 ? 9.318   5.278   8.631   1.000 38.288 0 108 ILE A N     1 ? ? 
ATOM   713  C CA    . ILE A 1 108 ? 10.252  6.345   8.313   1.000 39.626 0 108 ILE A CA    1 ? ? 
ATOM   714  C C     . ILE A 1 108 ? 10.683  7.016   9.622   1.000 40.390 0 108 ILE A C     1 ? ? 
ATOM   715  O O     . ILE A 1 108 ? 9.852   7.526   10.374  1.000 40.403 0 108 ILE A O     1 ? ? 
ATOM   716  C CB    . ILE A 1 108 ? 9.620   7.378   7.357   1.000 41.148 0 108 ILE A CB    1 ? ? 
ATOM   717  C CG1   . ILE A 1 108 ? 8.849   6.728   6.203   1.000 43.483 0 108 ILE A CG1   1 ? ? 
ATOM   718  C CG2   . ILE A 1 108 ? 10.691  8.344   6.865   1.000 39.501 0 108 ILE A CG2   1 ? ? 
ATOM   719  C CD1   . ILE A 1 108 ? 9.719   6.008   5.231   1.000 48.314 0 108 ILE A CD1   1 ? ? 
ATOM   720  N N     . LYS A 1 109 ? 11.991  7.076   9.870   1.000 51.422 0 109 LYS A N     1 ? ? 
ATOM   721  C CA    . LYS A 1 109 ? 12.483  7.679   11.101  1.000 55.810 0 109 LYS A CA    1 ? ? 
ATOM   722  C C     . LYS A 1 109 ? 13.297  8.947   10.827  1.000 57.992 0 109 LYS A C     1 ? ? 
ATOM   723  O O     . LYS A 1 109 ? 13.912  9.126   9.765   1.000 53.068 0 109 LYS A O     1 ? ? 
ATOM   724  C CB    . LYS A 1 109 ? 13.343  6.672   11.871  1.000 62.114 0 109 LYS A CB    1 ? ? 
ATOM   725  C CG    . LYS A 1 109 ? 12.657  5.400   12.346  1.000 58.693 0 109 LYS A CG    1 ? ? 
ATOM   726  C CD    . LYS A 1 109 ? 13.674  4.389   12.839  1.000 67.185 0 109 LYS A CD    1 ? ? 
ATOM   727  C CE    . LYS A 1 109 ? 13.109  3.340   13.772  1.000 74.694 0 109 LYS A CE    1 ? ? 
ATOM   728  N NZ    . LYS A 1 109 ? 12.197  2.407   13.070  1.000 72.231 0 109 LYS A NZ    1 ? ? 
ATOM   729  N N     . ASN A 1 110 ? 13.300  9.817   11.841  1.000 62.488 0 110 ASN A N     1 ? ? 
ATOM   730  C CA    . ASN A 1 110 ? 14.260  10.910  11.933  1.000 71.235 0 110 ASN A CA    1 ? ? 
ATOM   731  C C     . ASN A 1 110 ? 15.609  10.380  12.435  1.000 61.866 0 110 ASN A C     1 ? ? 
ATOM   732  C CB    . ASN A 1 110 ? 13.699  12.014  12.836  1.000 67.507 0 110 ASN A CB    1 ? ? 
ATOM   733  C CG    . ASN A 1 110 ? 13.398  11.507  14.232  1.000 71.222 0 110 ASN A CG    1 ? ? 
ATOM   734  O OD1   . ASN A 1 110 ? 13.957  10.503  14.679  1.000 68.195 0 110 ASN A OD1   1 ? ? 
ATOM   735  N ND2   . ASN A 1 110 ? 12.506  12.187  14.930  1.000 69.877 0 110 ASN A ND2   1 ? ? 
ATOM   736  N N     . GLU A 1 111 ? 16.515  11.334  12.700  1.000 77.821 0 111 GLU A N     1 ? ? 
ATOM   737  C CA    . GLU A 1 111 ? 17.830  11.060  13.254  1.000 74.251 0 111 GLU A CA    1 ? ? 
ATOM   738  C C     . GLU A 1 111 ? 17.709  10.610  14.714  1.000 74.934 0 111 GLU A C     1 ? ? 
ATOM   739  O O     . GLU A 1 111 ? 18.444  9.723   15.143  1.000 79.463 0 111 GLU A O     1 ? ? 
ATOM   740  C CB    . GLU A 1 111 ? 18.711  12.299  13.078  1.000 72.981 0 111 GLU A CB    1 ? ? 
ATOM   741  N N     . GLN A 1 112 ? 16.753  11.175  15.474  1.000 67.576 0 112 GLN A N     1 ? ? 
ATOM   742  C CA    . GLN A 1 112 ? 16.535  10.786  16.867  1.000 71.707 0 112 GLN A CA    1 ? ? 
ATOM   743  C C     . GLN A 1 112 ? 16.209  9.293   16.975  1.000 73.594 0 112 GLN A C     1 ? ? 
ATOM   744  C CB    . GLN A 1 112 ? 15.433  11.637  17.512  1.000 64.449 0 112 GLN A CB    1 ? ? 
ATOM   745  N N     . GLY A 1 113 ? 15.886  8.668   15.832  1.000 81.378 0 113 GLY A N     1 ? ? 
ATOM   746  C CA    . GLY A 1 113 ? 15.570  7.250   15.766  1.000 72.375 0 113 GLY A CA    1 ? ? 
ATOM   747  C C     . GLY A 1 113 ? 14.095  6.981   16.057  1.000 70.559 0 113 GLY A C     1 ? ? 
ATOM   748  O O     . GLY A 1 113 ? 13.723  5.874   16.450  1.000 70.172 0 113 GLY A O     1 ? ? 
ATOM   749  N N     . ALA A 1 114 ? 13.262  8.012   15.865  1.000 65.700 0 114 ALA A N     1 ? ? 
ATOM   750  C CA    . ALA A 1 114 ? 11.834  7.923   16.136  1.000 64.715 0 114 ALA A CA    1 ? ? 
ATOM   751  C C     . ALA A 1 114 ? 11.046  7.929   14.819  1.000 55.438 0 114 ALA A C     1 ? ? 
ATOM   752  O O     . ALA A 1 114 ? 11.441  8.563   13.842  1.000 50.960 0 114 ALA A O     1 ? ? 
ATOM   753  C CB    . ALA A 1 114 ? 11.401  9.047   17.045  1.000 58.082 0 114 ALA A CB    1 ? ? 
ATOM   754  N N     . VAL A 1 115 ? 9.917   7.202   14.825  1.000 55.619 0 115 VAL A N     1 ? ? 
ATOM   755  C CA    . VAL A 1 115 ? 9.097   6.990   13.641  1.000 46.810 0 115 VAL A CA    1 ? ? 
ATOM   756  C C     . VAL A 1 115 ? 8.207   8.207   13.446  1.000 40.352 0 115 VAL A C     1 ? ? 
ATOM   757  O O     . VAL A 1 115 ? 7.332   8.471   14.270  1.000 40.628 0 115 VAL A O     1 ? ? 
ATOM   758  C CB    . VAL A 1 115 ? 8.276   5.690   13.752  1.000 44.630 0 115 VAL A CB    1 ? ? 
ATOM   759  C CG1   . VAL A 1 115 ? 7.361   5.513   12.546  1.000 43.508 0 115 VAL A CG1   1 ? ? 
ATOM   760  C CG2   . VAL A 1 115 ? 9.188   4.482   13.904  1.000 44.429 0 115 VAL A CG2   1 ? ? 
ATOM   761  N N     . VAL A 1 116 ? 8.435   8.948   12.361  1.000 38.174 0 116 VAL A N     1 ? ? 
ATOM   762  C CA    . VAL A 1 116 ? 7.629   10.132  12.088  1.000 43.251 0 116 VAL A CA    1 ? ? 
ATOM   763  C C     . VAL A 1 116 ? 6.535   9.837   11.045  1.000 47.067 0 116 VAL A C     1 ? ? 
ATOM   764  O O     . VAL A 1 116 ? 5.474   10.477  11.027  1.000 40.108 0 116 VAL A O     1 ? ? 
ATOM   765  C CB    . VAL A 1 116 ? 8.533   11.320  11.719  1.000 43.556 0 116 VAL A CB    1 ? ? 
ATOM   766  C CG1   . VAL A 1 116 ? 9.500   11.644  12.864  1.000 45.452 0 116 VAL A CG1   1 ? ? 
ATOM   767  C CG2   . VAL A 1 116 ? 9.311   11.118  10.431  1.000 44.103 0 116 VAL A CG2   1 ? ? 
ATOM   768  N N     . LYS A 1 117 ? 6.773   8.824   10.201  1.000 38.977 0 117 LYS A N     1 ? ? 
ATOM   769  C CA    . LYS A 1 117 ? 5.858   8.512   9.124   1.000 35.923 0 117 LYS A CA    1 ? ? 
ATOM   770  C C     . LYS A 1 117 ? 5.942   7.018   8.789   1.000 33.828 0 117 LYS A C     1 ? ? 
ATOM   771  O O     . LYS A 1 117 ? 6.883   6.327   9.166   1.000 31.635 0 117 LYS A O     1 ? ? 
ATOM   772  C CB    . LYS A 1 117 ? 6.226   9.310   7.871   1.000 35.512 0 117 LYS A CB    1 ? ? 
ATOM   773  C CG    . LYS A 1 117 ? 6.121   10.823  7.937   1.000 40.605 0 117 LYS A CG    1 ? ? 
ATOM   774  C CD    . LYS A 1 117 ? 6.767   11.464  6.737   1.000 43.229 0 117 LYS A CD    1 ? ? 
ATOM   775  C CE    . LYS A 1 117 ? 6.181   12.811  6.376   1.000 54.445 0 117 LYS A CE    1 ? ? 
ATOM   776  N NZ    . LYS A 1 117 ? 6.212   13.727  7.537   1.000 58.182 0 117 LYS A NZ    1 ? ? 
ATOM   777  N N     . PHE A 1 118 ? 4.919   6.523   8.083   1.000 31.854 0 118 PHE A N     1 ? ? 
ATOM   778  C CA    . PHE A 1 118 ? 4.968   5.218   7.467   1.000 29.323 0 118 PHE A CA    1 ? ? 
ATOM   779  C C     . PHE A 1 118 ? 4.647   5.361   5.989   1.000 26.787 0 118 PHE A C     1 ? ? 
ATOM   780  O O     . PHE A 1 118 ? 3.826   6.201   5.634   1.000 31.438 0 118 PHE A O     1 ? ? 
ATOM   781  C CB    . PHE A 1 118 ? 3.954   4.276   8.104   1.000 31.351 0 118 PHE A CB    1 ? ? 
ATOM   782  C CG    . PHE A 1 118 ? 4.528   3.319   9.102   1.000 34.060 0 118 PHE A CG    1 ? ? 
ATOM   783  C CD1   . PHE A 1 118 ? 4.897   2.050   8.707   1.000 35.905 0 118 PHE A CD1   1 ? ? 
ATOM   784  C CD2   . PHE A 1 118 ? 4.610   3.653   10.441  1.000 35.211 0 118 PHE A CD2   1 ? ? 
ATOM   785  C CE1   . PHE A 1 118 ? 5.402   1.145   9.624   1.000 37.832 0 118 PHE A CE1   1 ? ? 
ATOM   786  C CE2   . PHE A 1 118 ? 5.124   2.754   11.359  1.000 34.045 0 118 PHE A CE2   1 ? ? 
ATOM   787  C CZ    . PHE A 1 118 ? 5.506   1.496   10.947  1.000 36.296 0 118 PHE A CZ    1 ? ? 
ATOM   788  N N     . ILE A 1 119 ? 5.329   4.566   5.152   1.000 27.188 0 119 ILE A N     1 ? ? 
ATOM   789  C CA    . ILE A 1 119 ? 4.990   4.427   3.745   1.000 29.325 0 119 ILE A CA    1 ? ? 
ATOM   790  C C     . ILE A 1 119 ? 4.328   3.064   3.569   1.000 28.476 0 119 ILE A C     1 ? ? 
ATOM   791  O O     . ILE A 1 119 ? 4.688   2.083   4.223   1.000 30.025 0 119 ILE A O     1 ? ? 
ATOM   792  C CB    . ILE A 1 119 ? 6.201   4.610   2.805   1.000 29.496 0 119 ILE A CB    1 ? ? 
ATOM   793  C CG1   . ILE A 1 119 ? 5.753   4.517   1.337   1.000 30.702 0 119 ILE A CG1   1 ? ? 
ATOM   794  C CG2   . ILE A 1 119 ? 7.337   3.651   3.142   1.000 35.114 0 119 ILE A CG2   1 ? ? 
ATOM   795  C CD1   . ILE A 1 119 ? 6.746   5.003   0.330   1.000 34.625 0 119 ILE A CD1   1 ? ? 
ATOM   796  N N     . GLY A 1 120 ? 3.235   3.070   2.818   1.000 31.673 0 120 GLY A N     1 ? ? 
ATOM   797  C CA    . GLY A 1 120 ? 2.589   1.833   2.437   1.000 31.238 0 120 GLY A CA    1 ? ? 
ATOM   798  C C     . GLY A 1 120 ? 2.551   1.765   0.930   1.000 31.443 0 120 GLY A C     1 ? ? 
ATOM   799  O O     . GLY A 1 120 ? 2.088   2.702   0.287   1.000 30.080 0 120 GLY A O     1 ? ? 
ATOM   800  N N     . MET A 1 121 ? 3.024   0.650   0.386   1.000 29.021 0 121 MET A N     1 ? ? 
ATOM   801  C CA    . MET A 1 121 ? 3.003   0.416   -1.038  1.000 28.286 0 121 MET A CA    1 ? ? 
ATOM   802  C C     . MET A 1 121 ? 2.009   -0.701  -1.334  1.000 28.150 0 121 MET A C     1 ? ? 
ATOM   803  O O     . MET A 1 121 ? 2.079   -1.763  -0.743  1.000 26.286 0 121 MET A O     1 ? ? 
ATOM   804  C CB    . MET A 1 121 ? 4.393   0.019   -1.507  1.000 30.275 0 121 MET A CB    1 ? ? 
ATOM   805  C CG    . MET A 1 121 ? 5.400   1.145   -1.238  1.000 42.321 0 121 MET A CG    1 ? ? 
ATOM   806  S SD    . MET A 1 121 ? 7.080   0.700   -1.681  1.000 56.122 0 121 MET A SD    1 ? ? 
ATOM   807  C CE    . MET A 1 121 ? 7.848   0.686   -0.056  1.000 60.771 0 121 MET A CE    1 ? ? 
ATOM   808  N N     . GLN A 1 122 ? 1.053   -0.412  -2.211  1.000 25.403 0 122 GLN A N     1 ? ? 
ATOM   809  C CA    . GLN A 1 122 ? -0.024  -1.323  -2.495  1.000 26.561 0 122 GLN A CA    1 ? ? 
ATOM   810  C C     . GLN A 1 122 ? 0.209   -1.939  -3.856  1.000 28.369 0 122 GLN A C     1 ? ? 
ATOM   811  O O     . GLN A 1 122 ? 0.613   -1.257  -4.785  1.000 25.548 0 122 GLN A O     1 ? ? 
ATOM   812  C CB    . GLN A 1 122 ? -1.343  -0.564  -2.551  1.000 26.214 0 122 GLN A CB    1 ? ? 
ATOM   813  C CG    . GLN A 1 122 ? -1.799  -0.032  -1.216  1.000 30.907 0 122 GLN A CG    1 ? ? 
ATOM   814  C CD    . GLN A 1 122 ? -1.393  1.397   -0.951  1.000 31.087 0 122 GLN A CD    1 ? ? 
ATOM   815  O OE1   . GLN A 1 122 ? -0.857  2.092   -1.811  1.000 32.712 0 122 GLN A OE1   1 ? ? 
ATOM   816  N NE2   . GLN A 1 122 ? -1.769  1.881   0.215   1.000 32.844 0 122 GLN A NE2   1 ? ? 
ATOM   817  N N     . VAL A 1 123 ? -0.101  -3.223  -3.971  1.000 30.092 0 123 VAL A N     1 ? ? 
ATOM   818  C CA    . VAL A 1 123 ? -0.019  -3.925  -5.232  1.000 28.745 0 123 VAL A CA    1 ? ? 
ATOM   819  C C     . VAL A 1 123 ? -1.366  -4.590  -5.470  1.000 30.644 0 123 VAL A C     1 ? ? 
ATOM   820  O O     . VAL A 1 123 ? -1.765  -5.425  -4.675  1.000 27.376 0 123 VAL A O     1 ? ? 
ATOM   821  C CB    . VAL A 1 123 ? 1.117   -4.964  -5.183  1.000 31.302 0 123 VAL A CB    1 ? ? 
ATOM   822  C CG1   . VAL A 1 123 ? 1.030   -5.984  -6.309  1.000 33.993 0 123 VAL A CG1   1 ? ? 
ATOM   823  C CG2   . VAL A 1 123 ? 2.481   -4.291  -5.173  1.000 35.080 0 123 VAL A CG2   1 ? ? 
ATOM   824  N N     . GLU A 1 124 ? -2.043  -4.245  -6.568  1.000 29.295 0 124 GLU A N     1 ? ? 
ATOM   825  C CA    . GLU A 1 124 ? -3.252  -4.954  -6.943  1.000 31.998 0 124 GLU A CA    1 ? ? 
ATOM   826  C C     . GLU A 1 124 ? -2.864  -6.225  -7.685  1.000 33.112 0 124 GLU A C     1 ? ? 
ATOM   827  O O     . GLU A 1 124 ? -2.317  -6.168  -8.771  1.000 33.862 0 124 GLU A O     1 ? ? 
ATOM   828  C CB    . GLU A 1 124 ? -4.180  -4.075  -7.778  1.000 32.994 0 124 GLU A CB    1 ? ? 
ATOM   829  C CG    . GLU A 1 124 ? -5.468  -4.736  -8.250  1.000 35.241 0 124 GLU A CG    1 ? ? 
ATOM   830  C CD    . GLU A 1 124 ? -6.306  -3.841  -9.150  1.000 40.571 0 124 GLU A CD    1 ? ? 
ATOM   831  O OE1   . GLU A 1 124 ? -5.841  -2.743  -9.471  1.000 43.067 0 124 GLU A OE1   1 ? ? 
ATOM   832  O OE2   . GLU A 1 124 ? -7.428  -4.220  -9.500  1.000 43.538 0 124 GLU A OE2   1 ? ? 
ATOM   833  N N     . VAL A 1 125 ? -3.210  -7.356  -7.077  1.000 33.742 0 125 VAL A N     1 ? ? 
ATOM   834  C CA    . VAL A 1 125 ? -2.938  -8.687  -7.588  1.000 33.649 0 125 VAL A CA    1 ? ? 
ATOM   835  C C     . VAL A 1 125 ? -3.734  -8.888  -8.876  1.000 36.387 0 125 VAL A C     1 ? ? 
ATOM   836  O O     . VAL A 1 125 ? -4.952  -8.714  -8.859  1.000 35.922 0 125 VAL A O     1 ? ? 
ATOM   837  C CB    . VAL A 1 125 ? -3.416  -9.733  -6.554  1.000 37.956 0 125 VAL A CB    1 ? ? 
ATOM   838  C CG1   . VAL A 1 125 ? -3.426  -11.155 -7.121  1.000 41.292 0 125 VAL A CG1   1 ? ? 
ATOM   839  C CG2   . VAL A 1 125 ? -2.637  -9.671  -5.234  1.000 32.992 0 125 VAL A CG2   1 ? ? 
ATOM   840  N N     . THR A 1 126 ? -3.057  -9.266  -9.965  1.000 40.690 0 126 THR A N     1 ? ? 
ATOM   841  C CA    . THR A 1 126 ? -3.726  -9.723  -11.181 1.000 46.115 0 126 THR A CA    1 ? ? 
ATOM   842  C C     . THR A 1 126 ? -3.103  -11.057 -11.596 1.000 47.839 0 126 THR A C     1 ? ? 
ATOM   843  O O     . THR A 1 126 ? -2.224  -11.553 -10.905 1.000 40.031 0 126 THR A O     1 ? ? 
ATOM   844  C CB    . THR A 1 126 ? -3.649  -8.631  -12.259 1.000 54.892 0 126 THR A CB    1 ? ? 
ATOM   845  O OG1   . THR A 1 126 ? -2.288  -8.214  -12.348 1.000 51.561 0 126 THR A OG1   1 ? ? 
ATOM   846  C CG2   . THR A 1 126 ? -4.510  -7.426  -11.938 1.000 64.626 0 126 THR A CG2   1 ? ? 
ATOM   847  N N     . GLN A 1 127 ? -3.549  -11.651 -12.710 1.000 51.771 0 127 GLN A N     1 ? ? 
ATOM   848  C CA    . GLN A 1 127 ? -3.014  -12.936 -13.139 1.000 50.587 0 127 GLN A CA    1 ? ? 
ATOM   849  C C     . GLN A 1 127 ? -1.679  -12.696 -13.845 1.000 47.335 0 127 GLN A C     1 ? ? 
ATOM   850  O O     . GLN A 1 127 ? -1.554  -11.895 -14.760 1.000 43.614 0 127 GLN A O     1 ? ? 
ATOM   851  C CB    . GLN A 1 127 ? -4.019  -13.698 -14.021 1.000 57.066 0 127 GLN A CB    1 ? ? 
ATOM   852  N N     . PHE A 1 128 ? -0.649  -13.394 -13.390 1.000 50.744 0 128 PHE A N     1 ? ? 
ATOM   853  C CA    . PHE A 1 128 ? 0.610   -13.461 -14.106 1.000 46.044 0 128 PHE A CA    1 ? ? 
ATOM   854  C C     . PHE A 1 128 ? 0.526   -14.703 -14.999 1.000 40.988 0 128 PHE A C     1 ? ? 
ATOM   855  O O     . PHE A 1 128 ? 0.330   -15.777 -14.464 1.000 39.527 0 128 PHE A O     1 ? ? 
ATOM   856  C CB    . PHE A 1 128 ? 1.691   -13.577 -13.030 1.000 56.959 0 128 PHE A CB    1 ? ? 
ATOM   857  C CG    . PHE A 1 128 ? 2.970   -12.837 -13.303 1.000 63.614 0 128 PHE A CG    1 ? ? 
ATOM   858  C CD1   . PHE A 1 128 ? 3.610   -12.953 -14.523 1.000 64.564 0 128 PHE A CD1   1 ? ? 
ATOM   859  C CD2   . PHE A 1 128 ? 3.539   -12.037 -12.321 1.000 70.405 0 128 PHE A CD2   1 ? ? 
ATOM   860  C CE1   . PHE A 1 128 ? 4.792   -12.267 -14.764 1.000 69.523 0 128 PHE A CE1   1 ? ? 
ATOM   861  C CE2   . PHE A 1 128 ? 4.713   -11.345 -12.567 1.000 73.386 0 128 PHE A CE2   1 ? ? 
ATOM   862  C CZ    . PHE A 1 128 ? 5.343   -11.469 -13.787 1.000 74.036 0 128 PHE A CZ    1 ? ? 
ATOM   863  N N     . THR A 1 129 ? 0.558   -14.579 -16.332 1.000 44.278 0 129 THR A N     1 ? ? 
ATOM   864  C CA    . THR A 1 129 ? 0.501   -15.763 -17.184 1.000 46.335 0 129 THR A CA    1 ? ? 
ATOM   865  C C     . THR A 1 129 ? 1.891   -16.258 -17.576 1.000 43.576 0 129 THR A C     1 ? ? 
ATOM   866  O O     . THR A 1 129 ? 2.879   -15.518 -17.612 1.000 35.645 0 129 THR A O     1 ? ? 
ATOM   867  C CB    . THR A 1 129 ? -0.231  -15.562 -18.514 1.000 54.253 0 129 THR A CB    1 ? ? 
ATOM   868  O OG1   . THR A 1 129 ? 0.526   -14.635 -19.295 1.000 52.327 0 129 THR A OG1   1 ? ? 
ATOM   869  C CG2   . THR A 1 129 ? -1.659  -15.098 -18.340 1.000 60.212 0 129 THR A CG2   1 ? ? 
ATOM   870  N N     . GLU A 1 130 ? 1.914   -17.537 -17.932 1.000 45.570 0 130 GLU A N     1 ? ? 
ATOM   871  C CA    . GLU A 1 130 ? 3.105   -18.252 -18.356 1.000 49.790 0 130 GLU A CA    1 ? ? 
ATOM   872  C C     . GLU A 1 130 ? 3.879   -17.443 -19.404 1.000 44.314 0 130 GLU A C     1 ? ? 
ATOM   873  O O     . GLU A 1 130 ? 5.105   -17.302 -19.351 1.000 39.650 0 130 GLU A O     1 ? ? 
ATOM   874  C CB    . GLU A 1 130 ? 2.602   -19.611 -18.837 1.000 52.737 0 130 GLU A CB    1 ? ? 
ATOM   875  C CG    . GLU A 1 130 ? 3.510   -20.764 -18.485 1.000 70.178 0 130 GLU A CG    1 ? ? 
ATOM   876  C CD    . GLU A 1 130 ? 2.849   -22.112 -18.705 1.000 76.306 0 130 GLU A CD    1 ? ? 
ATOM   877  O OE1   . GLU A 1 130 ? 1.616   -22.144 -18.989 1.000 74.461 0 130 GLU A OE1   1 ? ? 
ATOM   878  O OE2   . GLU A 1 130 ? 3.560   -23.124 -18.572 1.000 77.068 0 130 GLU A OE2   1 ? ? 
ATOM   879  N N     . GLY A 1 131 ? 3.137   -16.847 -20.340 1.000 48.274 0 131 GLY A N     1 ? ? 
ATOM   880  C CA    . GLY A 1 131 ? 3.728   -16.087 -21.423 1.000 43.380 0 131 GLY A CA    1 ? ? 
ATOM   881  C C     . GLY A 1 131 ? 4.476   -14.870 -20.914 1.000 44.026 0 131 GLY A C     1 ? ? 
ATOM   882  O O     . GLY A 1 131 ? 5.558   -14.559 -21.392 1.000 42.807 0 131 GLY A O     1 ? ? 
ATOM   883  N N     . GLU A 1 132 ? 3.900   -14.158 -19.946 1.000 43.754 0 132 GLU A N     1 ? ? 
ATOM   884  C CA    . GLU A 1 132 ? 4.558   -12.928 -19.528 1.000 50.043 0 132 GLU A CA    1 ? ? 
ATOM   885  C C     . GLU A 1 132 ? 5.758   -13.273 -18.637 1.000 43.415 0 132 GLU A C     1 ? ? 
ATOM   886  O O     . GLU A 1 132 ? 6.750   -12.546 -18.638 1.000 39.306 0 132 GLU A O     1 ? ? 
ATOM   887  C CB    . GLU A 1 132 ? 3.571   -11.900 -18.952 1.000 57.535 0 132 GLU A CB    1 ? ? 
ATOM   888  C CG    . GLU A 1 132 ? 2.561   -12.415 -17.939 1.000 71.376 0 132 GLU A CG    1 ? ? 
ATOM   889  C CD    . GLU A 1 132 ? 1.164   -11.793 -17.993 1.000 80.165 0 132 GLU A CD    1 ? ? 
ATOM   890  O OE1   . GLU A 1 132 ? 0.211   -12.531 -18.324 1.000 85.042 0 132 GLU A OE1   1 ? ? 
ATOM   891  O OE2   . GLU A 1 132 ? 1.013   -10.588 -17.687 1.000 75.773 0 132 GLU A OE2   1 ? ? 
ATOM   892  N N     . LEU A 1 133 ? 5.684   -14.413 -17.936 1.000 38.662 0 133 LEU A N     1 ? ? 
ATOM   893  C CA    . LEU A 1 133 ? 6.776   -14.866 -17.088 1.000 41.459 0 133 LEU A CA    1 ? ? 
ATOM   894  C C     . LEU A 1 133 ? 7.995   -15.281 -17.923 1.000 35.390 0 133 LEU A C     1 ? ? 
ATOM   895  O O     . LEU A 1 133 ? 9.106   -14.808 -17.681 1.000 33.829 0 133 LEU A O     1 ? ? 
ATOM   896  C CB    . LEU A 1 133 ? 6.280   -16.016 -16.215 1.000 36.828 0 133 LEU A CB    1 ? ? 
ATOM   897  C CG    . LEU A 1 133 ? 7.342   -16.579 -15.277 1.000 41.190 0 133 LEU A CG    1 ? ? 
ATOM   898  C CD1   . LEU A 1 133 ? 7.803   -15.509 -14.309 1.000 48.188 0 133 LEU A CD1   1 ? ? 
ATOM   899  C CD2   . LEU A 1 133 ? 6.815   -17.791 -14.540 1.000 47.479 0 133 LEU A CD2   1 ? ? 
ATOM   900  N N     . GLU A 1 134 ? 7.769   -16.068 -18.977 1.000 39.343 0 134 GLU A N     1 ? ? 
ATOM   901  C CA    . GLU A 1 134 ? 8.836   -16.431 -19.910 1.000 40.497 0 134 GLU A CA    1 ? ? 
ATOM   902  C C     . GLU A 1 134 ? 9.608   -15.214 -20.416 1.000 35.178 0 134 GLU A C     1 ? ? 
ATOM   903  O O     . GLU A 1 134 ? 10.841  -15.220 -20.445 1.000 38.632 0 134 GLU A O     1 ? ? 
ATOM   904  C CB    . GLU A 1 134 ? 8.264   -17.213 -21.086 1.000 44.185 0 134 GLU A CB    1 ? ? 
ATOM   905  C CG    . GLU A 1 134 ? 7.817   -18.588 -20.678 1.000 54.855 0 134 GLU A CG    1 ? ? 
ATOM   906  C CD    . GLU A 1 134 ? 7.484   -19.504 -21.841 1.000 64.295 0 134 GLU A CD    1 ? ? 
ATOM   907  O OE1   . GLU A 1 134 ? 7.626   -19.064 -23.028 1.000 60.282 0 134 GLU A OE1   1 ? ? 
ATOM   908  O OE2   . GLU A 1 134 ? 7.103   -20.657 -21.551 1.000 69.350 0 134 GLU A OE2   1 ? ? 
ATOM   909  N N     . LYS A 1 135 ? 8.899   -14.148 -20.781 1.000 36.506 0 135 LYS A N     1 ? ? 
ATOM   910  C CA    . LYS A 1 135 ? 9.540   -12.952 -21.285 1.000 36.197 0 135 LYS A CA    1 ? ? 
ATOM   911  C C     . LYS A 1 135 ? 10.417  -12.310 -20.214 1.000 38.711 0 135 LYS A C     1 ? ? 
ATOM   912  O O     . LYS A 1 135 ? 11.495  -11.795 -20.505 1.000 42.013 0 135 LYS A O     1 ? ? 
ATOM   913  C CB    . LYS A 1 135 ? 8.491   -11.954 -21.776 1.000 40.501 0 135 LYS A CB    1 ? ? 
ATOM   914  C CG    . LYS A 1 135 ? 9.059   -10.765 -22.556 1.000 44.809 0 135 LYS A CG    1 ? ? 
ATOM   915  N N     . ALA A 1 136 ? 9.928   -12.299 -18.967 1.000 37.520 0 136 ALA A N     1 ? ? 
ATOM   916  C CA    . ALA A 1 136 ? 10.721  -11.771 -17.866 1.000 36.655 0 136 ALA A CA    1 ? ? 
ATOM   917  C C     . ALA A 1 136 ? 11.987  -12.617 -17.660 1.000 29.187 0 136 ALA A C     1 ? ? 
ATOM   918  O O     . ALA A 1 136 ? 13.042  -12.111 -17.361 1.000 34.977 0 136 ALA A O     1 ? ? 
ATOM   919  C CB    . ALA A 1 136 ? 9.871   -11.718 -16.610 1.000 36.392 0 136 ALA A CB    1 ? ? 
ATOM   920  N N     . MET A 1 137 ? 11.867  -13.929 -17.764 1.000 29.418 0 137 MET A N     1 ? ? 
ATOM   921  C CA    . MET A 1 137 ? 12.973  -14.820 -17.434 1.000 30.424 0 137 MET A CA    1 ? ? 
ATOM   922  C C     . MET A 1 137 ? 14.039  -14.763 -18.531 1.000 32.457 0 137 MET A C     1 ? ? 
ATOM   923  O O     . MET A 1 137 ? 15.239  -14.782 -18.247 1.000 30.217 0 137 MET A O     1 ? ? 
ATOM   924  C CB    . MET A 1 137 ? 12.425  -16.237 -17.308 1.000 31.299 0 137 MET A CB    1 ? ? 
ATOM   925  C CG    . MET A 1 137 ? 11.723  -16.471 -15.991 1.000 33.357 0 137 MET A CG    1 ? ? 
ATOM   926  S SD    . MET A 1 137 ? 11.043  -18.140 -15.824 1.000 39.149 0 137 MET A SD    1 ? ? 
ATOM   927  C CE    . MET A 1 137 ? 12.421  -19.212 -16.215 1.000 55.835 0 137 MET A CE    1 ? ? 
ATOM   928  N N     . ARG A 1 138 ? 13.571  -14.631 -19.785 1.000 29.126 0 138 ARG A N     1 ? ? 
ATOM   929  C CA    . ARG A 1 138 ? 14.446  -14.629 -20.946 1.000 32.101 0 138 ARG A CA    1 ? ? 
ATOM   930  C C     . ARG A 1 138 ? 15.362  -13.434 -20.836 1.000 30.047 0 138 ARG A C     1 ? ? 
ATOM   931  O O     . ARG A 1 138 ? 14.852  -12.338 -20.743 1.000 34.568 0 138 ARG A O     1 ? ? 
ATOM   932  C CB    . ARG A 1 138 ? 13.627  -14.543 -22.229 1.000 31.844 0 138 ARG A CB    1 ? ? 
ATOM   933  C CG    . ARG A 1 138 ? 14.496  -14.466 -23.472 1.000 34.128 0 138 ARG A CG    1 ? ? 
ATOM   934  C CD    . ARG A 1 138 ? 13.717  -14.121 -24.718 1.000 34.656 0 138 ARG A CD    1 ? ? 
ATOM   935  N NE    . ARG A 1 138 ? 12.661  -15.084 -24.855 1.000 37.005 0 138 ARG A NE    1 ? ? 
ATOM   936  C CZ    . ARG A 1 138 ? 11.373  -14.787 -24.900 1.000 42.825 0 138 ARG A CZ    1 ? ? 
ATOM   937  N NH1   . ARG A 1 138 ? 10.987  -13.529 -25.021 1.000 47.908 0 138 ARG A NH1   1 ? ? 
ATOM   938  N NH2   . ARG A 1 138 ? 10.484  -15.757 -24.809 1.000 41.240 0 138 ARG A NH2   1 ? ? 
ATOM   939  N N     . PRO A 1 139 ? 16.715  -13.607 -20.782 1.000 32.294 0 139 PRO A N     1 ? ? 
ATOM   940  C CA    . PRO A 1 139 ? 17.630  -12.497 -20.533 1.000 32.188 0 139 PRO A CA    1 ? ? 
ATOM   941  C C     . PRO A 1 139 ? 18.014  -11.660 -21.755 1.000 34.648 0 139 PRO A C     1 ? ? 
ATOM   942  O O     . PRO A 1 139 ? 19.156  -11.277 -21.915 1.000 40.021 0 139 PRO A O     1 ? ? 
ATOM   943  C CB    . PRO A 1 139 ? 18.863  -13.199 -19.955 1.000 28.987 0 139 PRO A CB    1 ? ? 
ATOM   944  C CG    . PRO A 1 139 ? 18.867  -14.536 -20.643 1.000 30.926 0 139 PRO A CG    1 ? ? 
ATOM   945  C CD    . PRO A 1 139 ? 17.420  -14.896 -20.867 1.000 27.590 0 139 PRO A CD    1 ? ? 
ATOM   946  N N     . ASN A 1 140 ? 17.044  -11.297 -22.583 1.000 39.785 0 140 ASN A N     1 ? ? 
ATOM   947  C CA    . ASN A 1 140 ? 17.337  -10.484 -23.758 1.000 41.611 0 140 ASN A CA    1 ? ? 
ATOM   948  C C     . ASN A 1 140 ? 16.003  -9.926  -24.261 1.000 46.177 0 140 ASN A C     1 ? ? 
ATOM   949  O O     . ASN A 1 140 ? 14.969  -10.168 -23.630 1.000 41.630 0 140 ASN A O     1 ? ? 
ATOM   950  C CB    . ASN A 1 140 ? 18.089  -11.331 -24.796 1.000 38.044 0 140 ASN A CB    1 ? ? 
ATOM   951  C CG    . ASN A 1 140 ? 17.224  -12.485 -25.240 1.000 38.138 0 140 ASN A CG    1 ? ? 
ATOM   952  O OD1   . ASN A 1 140 ? 16.059  -12.297 -25.596 1.000 41.985 0 140 ASN A OD1   1 ? ? 
ATOM   953  N ND2   . ASN A 1 140 ? 17.716  -13.695 -25.086 1.000 41.954 0 140 ASN A ND2   1 ? ? 
ATOM   954  N N     . GLY A 1 141 ? 16.018  -9.248  -25.423 1.000 54.160 0 141 GLY A N     1 ? ? 
ATOM   955  C CA    . GLY A 1 141 ? 14.804  -8.678  -26.011 1.000 56.596 0 141 GLY A CA    1 ? ? 
ATOM   956  C C     . GLY A 1 141 ? 14.292  -9.387  -27.277 1.000 59.324 0 141 GLY A C     1 ? ? 
ATOM   957  O O     . GLY A 1 141 ? 13.668  -8.743  -28.117 1.000 64.989 0 141 GLY A O     1 ? ? 
ATOM   958  N N     . LEU A 1 142 ? 14.460  -10.715 -27.392 1.000 64.047 0 142 LEU A N     1 ? ? 
ATOM   959  C CA    . LEU A 1 142 ? 14.240  -11.420 -28.658 1.000 64.430 0 142 LEU A CA    1 ? ? 
ATOM   960  C C     . LEU A 1 142 ? 12.774  -11.829 -28.850 1.000 59.138 0 142 LEU A C     1 ? ? 
ATOM   961  O O     . LEU A 1 142 ? 12.118  -12.041 -27.834 1.000 61.812 0 142 LEU A O     1 ? ? 
ATOM   962  C CB    . LEU A 1 142 ? 15.155  -12.648 -28.713 1.000 62.514 0 142 LEU A CB    1 ? ? 
ATOM   963  C CG    . LEU A 1 142 ? 16.635  -12.328 -28.933 1.000 66.158 0 142 LEU A CG    1 ? ? 
ATOM   964  C CD1   . LEU A 1 142 ? 17.490  -13.583 -28.926 1.000 64.347 0 142 LEU A CD1   1 ? ? 
ATOM   965  C CD2   . LEU A 1 142 ? 16.822  -11.570 -30.236 1.000 72.072 0 142 LEU A CD2   1 ? ? 
HETATM 966  N N1    . FMN B 2 .   ? -5.053  -0.761  5.073   1.000 29.067 0 201 FMN A N1    1 ? ? 
HETATM 967  C C2    . FMN B 2 .   ? -5.683  -1.198  4.010   1.000 26.611 0 201 FMN A C2    1 ? ? 
HETATM 968  O O2    . FMN B 2 .   ? -6.673  -1.972  4.143   1.000 28.372 0 201 FMN A O2    1 ? ? 
HETATM 969  N N3    . FMN B 2 .   ? -5.217  -0.909  2.749   1.000 24.864 0 201 FMN A N3    1 ? ? 
HETATM 970  C C4    . FMN B 2 .   ? -4.134  -0.073  2.515   1.000 26.103 0 201 FMN A C4    1 ? ? 
HETATM 971  O O4    . FMN B 2 .   ? -3.735  0.113   1.357   1.000 26.077 0 201 FMN A O4    1 ? ? 
HETATM 972  C C4A   . FMN B 2 .   ? -3.470  0.427   3.637   1.000 27.312 0 201 FMN A C4A   1 ? ? 
HETATM 973  N N5    . FMN B 2 .   ? -2.436  1.251   3.481   1.000 25.906 0 201 FMN A N5    1 ? ? 
HETATM 974  C C5A   . FMN B 2 .   ? -1.818  1.702   4.627   1.000 23.837 0 201 FMN A C5A   1 ? ? 
HETATM 975  C C6    . FMN B 2 .   ? -0.685  2.541   4.485   1.000 26.948 0 201 FMN A C6    1 ? ? 
HETATM 976  C C7    . FMN B 2 .   ? -0.005  3.033   5.568   1.000 30.229 0 201 FMN A C7    1 ? ? 
HETATM 977  C C7M   . FMN B 2 .   ? 1.187   3.940   5.374   1.000 35.428 0 201 FMN A C7M   1 ? ? 
HETATM 978  C C8    . FMN B 2 .   ? -0.456  2.724   6.854   1.000 27.281 0 201 FMN A C8    1 ? ? 
HETATM 979  C C8M   . FMN B 2 .   ? 0.289   3.241   8.061   1.000 30.113 0 201 FMN A C8M   1 ? ? 
HETATM 980  C C9    . FMN B 2 .   ? -1.550  1.882   7.020   1.000 24.588 0 201 FMN A C9    1 ? ? 
HETATM 981  C C9A   . FMN B 2 .   ? -2.257  1.358   5.923   1.000 26.229 0 201 FMN A C9A   1 ? ? 
HETATM 982  N N10   . FMN B 2 .   ? -3.369  0.506   6.043   1.000 26.011 0 201 FMN A N10   1 ? ? 
HETATM 983  C C10   . FMN B 2 .   ? -4.006  0.026   4.914   1.000 28.123 0 201 FMN A C10   1 ? ? 
HETATM 984  C "C1'" . FMN B 2 .   ? -3.861  0.065   7.367   1.000 29.625 0 201 FMN A "C1'" 1 ? ? 
HETATM 985  C "C2'" . FMN B 2 .   ? -4.921  0.933   7.987   1.000 29.686 0 201 FMN A "C2'" 1 ? ? 
HETATM 986  O "O2'" . FMN B 2 .   ? -4.641  2.270   7.760   1.000 34.382 0 201 FMN A "O2'" 1 ? ? 
HETATM 987  C "C3'" . FMN B 2 .   ? -4.930  0.711   9.510   1.000 35.727 0 201 FMN A "C3'" 1 ? ? 
HETATM 988  O "O3'" . FMN B 2 .   ? -3.654  0.971   10.032  1.000 32.489 0 201 FMN A "O3'" 1 ? ? 
HETATM 989  C "C4'" . FMN B 2 .   ? -5.294  -0.708  9.955   1.000 37.116 0 201 FMN A "C4'" 1 ? ? 
HETATM 990  O "O4'" . FMN B 2 .   ? -6.604  -0.964  9.465   1.000 35.867 0 201 FMN A "O4'" 1 ? ? 
HETATM 991  C "C5'" . FMN B 2 .   ? -5.277  -0.846  11.462  1.000 38.279 0 201 FMN A "C5'" 1 ? ? 
HETATM 992  O "O5'" . FMN B 2 .   ? -6.184  0.208   11.912  1.000 45.403 0 201 FMN A "O5'" 1 ? ? 
HETATM 993  P P     . FMN B 2 .   ? -6.642  0.315   13.474  1.000 59.110 0 201 FMN A P     1 ? ? 
HETATM 994  O O1P   . FMN B 2 .   ? -5.426  -0.008  14.363  1.000 51.500 0 201 FMN A O1P   1 ? ? 
HETATM 995  O O2P   . FMN B 2 .   ? -7.108  1.757   13.591  1.000 59.944 0 201 FMN A O2P   1 ? ? 
HETATM 996  O O3P   . FMN B 2 .   ? -7.719  -0.728  13.604  1.000 53.760 0 201 FMN A O3P   1 ? ? 
HETATM 997  O O     . HOH C 3 .   ? -5.983  -11.289 3.737   1.000 43.292 0 301 HOH A O     1 ? ? 
HETATM 998  O O     . HOH C 3 .   ? -4.877  -15.064 -5.418  1.000 42.499 0 302 HOH A O     1 ? ? 
HETATM 999  O O     . HOH C 3 .   ? -11.690 15.576  2.500   1.000 56.098 0 303 HOH A O     1 ? ? 
HETATM 1000 O O     . HOH C 3 .   ? -10.676 5.949   7.248   1.000 42.583 0 304 HOH A O     1 ? ? 
HETATM 1001 O O     . HOH C 3 .   ? -10.105 -11.617 3.068   1.000 53.957 0 305 HOH A O     1 ? ? 
HETATM 1002 O O     . HOH C 3 .   ? -14.237 0.577   5.278   1.000 35.161 0 306 HOH A O     1 ? ? 
HETATM 1003 O O     . HOH C 3 .   ? 13.564  -10.578 -19.486 1.000 54.302 0 307 HOH A O     1 ? ? 
HETATM 1004 O O     . HOH C 3 .   ? 5.325   3.243   15.047  1.000 50.528 0 308 HOH A O     1 ? ? 
HETATM 1005 O O     . HOH C 3 .   ? -0.491  -12.183 5.238   1.000 56.497 0 309 HOH A O     1 ? ? 
HETATM 1006 O O     . HOH C 3 .   ? 12.635  -10.809 -22.561 1.000 55.159 0 310 HOH A O     1 ? ? 
HETATM 1007 O O     . HOH C 3 .   ? -1.583  13.059  -3.163  1.000 26.319 0 311 HOH A O     1 ? ? 
HETATM 1008 O O     . HOH C 3 .   ? -10.105 16.635  -7.009  1.000 51.515 0 312 HOH A O     1 ? ? 
HETATM 1009 O O     . HOH C 3 .   ? 10.182  -4.268  16.868  1.000 59.825 0 313 HOH A O     1 ? ? 
HETATM 1010 O O     . HOH C 3 .   ? -8.981  -1.109  10.493  1.000 52.481 0 314 HOH A O     1 ? ? 
HETATM 1011 O O     . HOH C 3 .   ? -0.847  -5.008  -10.567 1.000 53.190 0 315 HOH A O     1 ? ? 
HETATM 1012 O O     . HOH C 3 .   ? 7.249   -9.994  -18.559 1.000 54.173 0 316 HOH A O     1 ? ? 
HETATM 1013 O O     . HOH C 3 .   ? -16.164 -4.004  -10.908 1.000 53.196 0 317 HOH A O     1 ? ? 
HETATM 1014 O O     . HOH C 3 .   ? -13.427 1.611   -0.336  1.000 27.829 0 318 HOH A O     1 ? ? 
HETATM 1015 O O     . HOH C 3 .   ? -4.728  -14.353 8.601   1.000 53.660 0 319 HOH A O     1 ? ? 
HETATM 1016 O O     . HOH C 3 .   ? -13.935 7.757   -9.082  1.000 54.555 0 320 HOH A O     1 ? ? 
HETATM 1017 O O     . HOH C 3 .   ? 13.288  -2.081  -2.053  1.000 60.757 0 321 HOH A O     1 ? ? 
HETATM 1018 O O     . HOH C 3 .   ? -16.798 -9.342  6.612   1.000 48.007 0 322 HOH A O     1 ? ? 
HETATM 1019 O O     . HOH C 3 .   ? -12.772 9.857   -7.984  1.000 56.755 0 323 HOH A O     1 ? ? 
HETATM 1020 O O     . HOH C 3 .   ? 6.189   -6.907  10.890  1.000 49.315 0 324 HOH A O     1 ? ? 
HETATM 1021 O O     . HOH C 3 .   ? 4.865   -6.539  14.922  1.000 58.398 0 325 HOH A O     1 ? ? 
HETATM 1022 O O     . HOH C 3 .   ? -0.684  3.281   -12.273 1.000 60.751 0 326 HOH A O     1 ? ? 
HETATM 1023 O O     . HOH C 3 .   ? -9.133  4.872   -11.825 1.000 46.450 0 327 HOH A O     1 ? ? 
HETATM 1024 O O     . HOH C 3 .   ? -3.008  1.026   13.630  1.000 51.250 0 328 HOH A O     1 ? ? 
HETATM 1025 O O     . HOH C 3 .   ? -8.188  -6.580  13.581  1.000 45.959 0 329 HOH A O     1 ? ? 
HETATM 1026 O O     . HOH C 3 .   ? 7.304   -5.683  -0.939  1.000 37.550 0 330 HOH A O     1 ? ? 
HETATM 1027 O O     . HOH C 3 .   ? -15.455 5.190   -8.948  1.000 38.653 0 331 HOH A O     1 ? ? 
HETATM 1028 O O     . HOH C 3 .   ? -11.427 -4.192  8.437   1.000 44.790 0 332 HOH A O     1 ? ? 
HETATM 1029 O O     . HOH C 3 .   ? -2.946  3.601   9.640   1.000 58.672 0 333 HOH A O     1 ? ? 
HETATM 1030 O O     . HOH C 3 .   ? 3.461   -4.760  -1.687  1.000 28.365 0 334 HOH A O     1 ? ? 
HETATM 1031 O O     . HOH C 3 .   ? -0.670  -12.205 2.905   1.000 42.351 0 335 HOH A O     1 ? ? 
HETATM 1032 O O     . HOH C 3 .   ? -0.868  0.493   15.430  1.000 50.956 0 336 HOH A O     1 ? ? 
HETATM 1033 O O     . HOH C 3 .   ? -1.581  -13.431 13.622  1.000 51.861 0 337 HOH A O     1 ? ? 
HETATM 1034 O O     . HOH C 3 .   ? -0.704  -2.777  -8.506  1.000 51.511 0 338 HOH A O     1 ? ? 
HETATM 1035 O O     . HOH C 3 .   ? -1.108  16.284  3.926   1.000 38.086 0 339 HOH A O     1 ? ? 
HETATM 1036 O O     . HOH C 3 .   ? 12.958  8.771   -5.576  1.000 56.895 0 340 HOH A O     1 ? ? 
HETATM 1037 O O     . HOH C 3 .   ? 0.660   -16.825 -21.624 1.000 56.754 0 341 HOH A O     1 ? ? 
HETATM 1038 O O     . HOH C 3 .   ? 0.807   5.393   -11.843 1.000 62.025 0 342 HOH A O     1 ? ? 
HETATM 1039 O O     . HOH C 3 .   ? -8.720  8.909   -8.978  1.000 45.222 0 343 HOH A O     1 ? ? 
HETATM 1040 O O     . HOH C 3 .   ? 0.920   -10.671 7.150   1.000 53.928 0 344 HOH A O     1 ? ? 
HETATM 1041 O O     . HOH C 3 .   ? -7.140  -8.257  -7.169  1.000 35.308 0 345 HOH A O     1 ? ? 
HETATM 1042 O O     . HOH C 3 .   ? -11.708 -13.263 5.255   1.000 62.206 0 346 HOH A O     1 ? ? 
HETATM 1043 O O     . HOH C 3 .   ? -8.523  -9.837  3.648   1.000 29.165 0 347 HOH A O     1 ? ? 
HETATM 1044 O O     . HOH C 3 .   ? -9.120  15.238  1.559   1.000 57.053 0 348 HOH A O     1 ? ? 
HETATM 1045 O O     . HOH C 3 .   ? 2.970   -7.756  13.018  1.000 38.136 0 349 HOH A O     1 ? ? 
HETATM 1046 O O     . HOH C 3 .   ? -2.127  2.167   -10.147 1.000 39.385 0 350 HOH A O     1 ? ? 
HETATM 1047 O O     . HOH C 3 .   ? -3.711  4.920   7.327   1.000 47.173 0 351 HOH A O     1 ? ? 
HETATM 1048 O O     . HOH C 3 .   ? -4.024  9.380   -10.796 1.000 46.011 0 352 HOH A O     1 ? ? 
HETATM 1049 O O     . HOH C 3 .   ? -2.966  -5.910  16.831  1.000 55.791 0 353 HOH A O     1 ? ? 
HETATM 1050 O O     . HOH C 3 .   ? -10.080 8.523   8.821   1.000 53.899 0 354 HOH A O     1 ? ? 
HETATM 1051 O O     . HOH C 3 .   ? -13.994 -10.213 8.211   1.000 57.966 0 355 HOH A O     1 ? ? 
HETATM 1052 O O     . HOH C 3 .   ? -5.143  0.672   17.215  1.000 59.047 0 356 HOH A O     1 ? ? 
HETATM 1053 O O     . HOH C 3 .   ? -8.408  0.922   -11.088 1.000 41.282 0 357 HOH A O     1 ? ? 
HETATM 1054 O O     . HOH C 3 .   ? -12.824 -8.601  -8.135  1.000 43.545 0 358 HOH A O     1 ? ? 
HETATM 1055 O O     . HOH C 3 .   ? 9.280   5.748   17.333  1.000 59.038 0 359 HOH A O     1 ? ? 
HETATM 1056 O O     . HOH C 3 .   ? 1.312   -1.403  -7.668  1.000 52.295 0 360 HOH A O     1 ? ? 
HETATM 1057 O O     . HOH C 3 .   ? -12.048 -11.609 9.524   1.000 51.035 0 361 HOH A O     1 ? ? 
HETATM 1058 O O     . HOH C 3 .   ? -14.074 -4.360  7.233   1.000 62.321 0 362 HOH A O     1 ? ? 
HETATM 1059 O O     . HOH C 3 .   ? 9.070   -2.768  19.500  1.000 60.833 0 363 HOH A O     1 ? ? 
HETATM 1060 O O     . HOH C 3 .   ? 3.967   0.286   -6.786  1.000 38.555 0 364 HOH A O     1 ? ? 
HETATM 1061 O O     . HOH C 3 .   ? 8.358   -7.440  -4.499  1.000 56.773 0 365 HOH A O     1 ? ? 
HETATM 1062 O O     . HOH C 3 .   ? -1.054  -14.061 -9.530  1.000 58.130 0 366 HOH A O     1 ? ? 
HETATM 1063 O O     . HOH C 3 .   ? 10.878  -13.862 -30.070 1.000 64.720 0 367 HOH A O     1 ? ? 
HETATM 1064 O O     . HOH C 3 .   ? -7.626  -16.074 -3.534  1.000 54.076 0 368 HOH A O     1 ? ? 
HETATM 1065 O O     . HOH C 3 .   ? 8.554   0.525   18.947  1.000 63.813 0 369 HOH A O     1 ? ? 
HETATM 1066 O O     . HOH C 3 .   ? 9.777   0.537   -6.110  1.000 51.411 0 370 HOH A O     1 ? ? 
HETATM 1067 O O     . HOH C 3 .   ? -14.696 -1.398  7.057   1.000 63.691 0 371 HOH A O     1 ? ? 
HETATM 1068 O O     . HOH C 3 .   ? 1.339   9.953   -13.327 1.000 80.080 0 372 HOH A O     1 ? ? 
HETATM 1069 O O     . HOH C 3 .   ? -8.862  3.346   16.129  1.000 61.740 0 373 HOH A O     1 ? ? 
HETATM 1070 O O     . HOH C 3 .   ? -3.106  -7.902  -15.795 1.000 65.857 0 374 HOH A O     1 ? ? 
HETATM 1071 O O     . HOH C 3 .   ? 13.688  2.489   9.163   1.000 64.440 0 375 HOH A O     1 ? ? 
HETATM 1072 O O     . HOH C 3 .   ? -5.933  -3.782  -12.936 1.000 60.533 0 376 HOH A O     1 ? ? 
HETATM 1073 O O     . HOH C 3 .   ? -13.058 4.740   7.346   1.000 51.292 0 377 HOH A O     1 ? ? 
HETATM 1074 O O     . HOH C 3 .   ? 16.054  -8.755  -19.974 1.000 68.883 0 378 HOH A O     1 ? ? 
HETATM 1075 O O     . HOH C 3 .   ? -6.478  -11.937 -10.182 1.000 63.606 0 379 HOH A O     1 ? ? 
HETATM 1076 O O     . HOH C 3 .   ? 3.860   2.229   -14.565 1.000 62.170 0 380 HOH A O     1 ? ? 
HETATM 1077 O O     . HOH C 3 .   ? 19.601  6.853   17.695  1.000 66.166 0 381 HOH A O     1 ? ? 
HETATM 1078 O O     . HOH C 3 .   ? -8.111  -8.174  16.701  1.000 57.344 0 382 HOH A O     1 ? ? 
HETATM 1079 O O     . HOH C 3 .   ? 15.493  -1.320  -2.118  1.000 49.407 0 383 HOH A O     1 ? ? 
HETATM 1080 O O     . HOH C 3 .   ? 14.828  -0.401  -5.579  1.000 58.907 0 384 HOH A O     1 ? ? 
HETATM 1081 O O     . HOH C 3 .   ? -8.902  -1.464  17.766  1.000 65.377 0 385 HOH A O     1 ? ? 
HETATM 1082 O O     . HOH C 3 .   ? 12.335  -10.514 -31.760 1.000 64.038 0 386 HOH A O     1 ? ? 
HETATM 1083 O O     . HOH C 3 .   ? -11.334 -10.574 -7.572  1.000 56.196 0 387 HOH A O     1 ? ? 
HETATM 1084 O O     . HOH C 3 .   ? -13.781 16.419  4.082   1.000 63.468 0 388 HOH A O     1 ? ? 
HETATM 1085 O O     . HOH C 3 .   ? 1.687   19.004  10.137  1.000 68.154 0 389 HOH A O     1 ? ? 
HETATM 1086 O O     . HOH C 3 .   ? -11.900 -7.445  -10.908 1.000 58.014 0 390 HOH A O     1 ? ? 
HETATM 1087 O O     . HOH C 3 .   ? 0.583   17.153  5.781   1.000 42.662 0 391 HOH A O     1 ? ? 
HETATM 1088 O O     . HOH C 3 .   ? -7.634  16.796  8.108   1.000 71.539 0 392 HOH A O     1 ? ? 
HETATM 1089 O O     . HOH C 3 .   ? -6.019  -17.508 5.475   1.000 62.136 0 393 HOH A O     1 ? ? 
HETATM 1090 O O     . HOH C 3 .   ? 1.137   -14.018 17.631  1.000 62.122 0 394 HOH A O     1 ? ? 
HETATM 1091 O O     . HOH C 3 .   ? -7.022  -7.581  -13.342 1.000 64.950 0 395 HOH A O     1 ? ? 
HETATM 1092 O O     . HOH C 3 .   ? -14.502 -10.805 10.619  1.000 54.458 0 396 HOH A O     1 ? ? 
HETATM 1093 O O     . HOH C 3 .   ? 7.190   8.889   19.186  1.000 67.958 0 397 HOH A O     1 ? ? 
HETATM 1094 O O     . HOH C 3 .   ? -10.956 15.364  10.002  1.000 63.934 0 398 HOH A O     1 ? ? 
HETATM 1095 O O     . HOH C 3 .   ? 5.898   -22.365 -27.254 1.000 70.038 0 399 HOH A O     1 ? ? 
HETATM 1096 O O     . HOH C 3 .   ? 18.196  0.051   -6.152  1.000 57.662 0 400 HOH A O     1 ? ? 
HETATM 1097 O O     . HOH C 3 .   ? -15.230 -10.204 17.053  1.000 64.611 0 401 HOH A O     1 ? ? 
HETATM 1098 O O     . HOH C 3 .   ? 14.281  0.306   -26.078 1.000 60.211 0 402 HOH A O     1 ? ? 
HETATM 1099 O O     . HOH C 3 .   ? -22.688 -6.148  23.012  1.000 67.289 0 403 HOH A O     1 ? ? 
# 
